data_7RTQ
#
_entry.id   7RTQ
#
_cell.length_a   75.062
_cell.length_b   75.223
_cell.length_c   105.953
_cell.angle_alpha   89.490
_cell.angle_beta   74.630
_cell.angle_gamma   63.980
#
_symmetry.space_group_name_H-M   'P 1'
#
loop_
_entity.id
_entity.type
_entity.pdbx_description
1 polymer 'Protein CYP51'
2 non-polymer 'PROTOPORPHYRIN IX CONTAINING FE'
3 non-polymer "N-[(1R)-2-(1H-imidazol-1-yl)-1-(3,4',5-trifluoro[1,1'-biphenyl]-4-yl)ethyl]-4-(5-phenyl-1,3,4-oxadiazol-2-yl)benzamide"
4 water water
#
_entity_poly.entity_id   1
_entity_poly.type   'polypeptide(L)'
_entity_poly.pdbx_seq_one_letter_code
;MAKKTSSKGKLPPRVPNLIPYVGSFVSFAKNPVQFIIDNSKKYGDVFTATILGKEMTFLNHPKILDTFFKATDNELSLRD
VYRFMRPVFGTGVVYDADSTERMMEQVKFVSSGLTTARFRVFVDIFEDEIAHKVKELGPEGTVDVAELMADLIIFTASRC
LLGDEVRQYLSEKNLGKLYHDIDDGISPLSFFYPSLPAPKRDKARKAVGEIFQELLDKRREEHKKHPERLLDESKMDVVD
HLLTQKYKDGQELTDVHRIGILIAGLFAGQHTSSITSSWTLMNVISNKKVLEKVRKEQEEIMGSDKVLDYDKVMKMDYLE
ACMKEALRMYPPLIMIMRMARKPRECEQYIIPKGNILVVSPSVAGRCTDTYTNPDVFDPERLTERKEHEKFKYGAVPFGA
GRHKCIGENFALLQVKSIISILLRYFDMEYIGKIPDPSYTSLVVGPSPPTRMRYKLRKQQHHHHHH
;
_entity_poly.pdbx_strand_id   A,B,C,D
#
loop_
_chem_comp.id
_chem_comp.type
_chem_comp.name
_chem_comp.formula
7PW non-polymer N-[(1R)-2-(1H-imidazol-1-yl)-1-(3,4',5-trifluoro[1,1'-biphenyl]-4-yl)ethyl]-4-(5-phenyl-1,3,4-oxadiazol-2-yl)benzamide 'C32 H22 F3 N5 O2'
HEM non-polymer 'PROTOPORPHYRIN IX CONTAINING FE' 'C34 H32 Fe N4 O4'
#
# COMPACT_ATOMS: atom_id res chain seq x y z
N LYS A 10 -20.39 26.00 48.96
CA LYS A 10 -18.95 26.06 48.54
C LYS A 10 -18.64 24.91 47.58
N LEU A 11 -19.52 24.64 46.62
CA LEU A 11 -19.43 23.46 45.72
C LEU A 11 -18.30 23.67 44.71
N PRO A 12 -17.51 22.63 44.35
CA PRO A 12 -16.59 22.73 43.22
C PRO A 12 -17.32 23.14 41.94
N PRO A 13 -16.67 23.79 40.96
CA PRO A 13 -17.32 24.08 39.68
C PRO A 13 -17.80 22.78 39.01
N ARG A 14 -18.97 22.85 38.34
CA ARG A 14 -19.58 21.68 37.65
C ARG A 14 -19.23 21.70 36.16
N VAL A 15 -19.00 20.53 35.56
CA VAL A 15 -19.14 20.35 34.09
C VAL A 15 -20.63 20.35 33.77
N PRO A 16 -21.09 21.30 32.92
CA PRO A 16 -22.52 21.39 32.58
C PRO A 16 -23.03 20.10 31.94
N ASN A 17 -24.09 19.53 32.54
CA ASN A 17 -24.81 18.35 32.00
C ASN A 17 -25.27 18.66 30.57
N LEU A 18 -24.88 17.84 29.59
CA LEU A 18 -25.50 17.84 28.25
C LEU A 18 -26.94 17.33 28.36
N ILE A 19 -27.16 16.25 29.13
CA ILE A 19 -28.50 15.64 29.38
C ILE A 19 -28.65 15.36 30.88
N PRO A 20 -29.89 15.42 31.42
CA PRO A 20 -30.13 15.00 32.80
C PRO A 20 -29.83 13.50 33.02
N TYR A 21 -29.31 13.18 34.21
CA TYR A 21 -28.95 11.82 34.70
C TYR A 21 -27.70 11.30 33.99
N VAL A 22 -27.72 11.23 32.66
CA VAL A 22 -26.56 10.71 31.88
C VAL A 22 -25.41 11.71 32.08
N GLY A 23 -25.74 13.00 32.17
CA GLY A 23 -24.78 14.07 32.52
C GLY A 23 -23.66 14.19 31.50
N SER A 24 -22.41 13.91 31.92
CA SER A 24 -21.20 14.08 31.09
C SER A 24 -20.73 12.73 30.56
N PHE A 25 -21.53 11.67 30.73
CA PHE A 25 -21.11 10.27 30.46
C PHE A 25 -20.58 10.12 29.03
N VAL A 26 -21.18 10.81 28.06
CA VAL A 26 -20.89 10.59 26.61
C VAL A 26 -19.43 10.99 26.34
N SER A 27 -19.00 12.20 26.71
CA SER A 27 -17.58 12.65 26.52
C SER A 27 -16.63 11.85 27.43
N PHE A 28 -17.07 11.44 28.62
CA PHE A 28 -16.31 10.61 29.59
C PHE A 28 -16.02 9.24 28.98
N ALA A 29 -17.04 8.65 28.33
CA ALA A 29 -17.03 7.31 27.70
C ALA A 29 -16.09 7.28 26.49
N LYS A 30 -16.07 8.33 25.67
CA LYS A 30 -15.11 8.47 24.54
C LYS A 30 -13.69 8.25 25.08
N ASN A 31 -13.32 8.97 26.15
CA ASN A 31 -11.96 8.91 26.75
C ASN A 31 -11.98 9.49 28.17
N PRO A 32 -11.91 8.64 29.23
CA PRO A 32 -12.02 9.12 30.62
C PRO A 32 -10.84 10.04 30.98
N VAL A 33 -9.63 9.67 30.58
CA VAL A 33 -8.41 10.48 30.88
C VAL A 33 -8.53 11.84 30.18
N GLN A 34 -8.86 11.86 28.89
CA GLN A 34 -8.96 13.14 28.15
C GLN A 34 -10.06 13.99 28.76
N PHE A 35 -11.15 13.36 29.19
CA PHE A 35 -12.29 14.05 29.82
C PHE A 35 -11.77 14.85 31.03
N ILE A 36 -10.94 14.21 31.87
CA ILE A 36 -10.41 14.83 33.13
C ILE A 36 -9.38 15.92 32.75
N ILE A 37 -8.51 15.63 31.80
CA ILE A 37 -7.55 16.65 31.28
C ILE A 37 -8.29 17.88 30.73
N ASP A 38 -9.26 17.70 29.82
CA ASP A 38 -9.98 18.84 29.17
C ASP A 38 -10.65 19.68 30.26
N ASN A 39 -11.33 19.04 31.21
CA ASN A 39 -12.21 19.71 32.20
C ASN A 39 -11.34 20.37 33.28
N SER A 40 -10.15 19.83 33.56
CA SER A 40 -9.13 20.46 34.44
C SER A 40 -8.73 21.80 33.85
N LYS A 41 -8.31 21.77 32.59
CA LYS A 41 -7.92 22.98 31.83
C LYS A 41 -9.05 24.00 31.92
N LYS A 42 -10.30 23.57 31.74
CA LYS A 42 -11.50 24.47 31.69
C LYS A 42 -11.89 24.94 33.10
N TYR A 43 -12.01 24.03 34.08
CA TYR A 43 -12.74 24.29 35.36
C TYR A 43 -11.80 24.30 36.57
N GLY A 44 -10.52 23.97 36.44
CA GLY A 44 -9.51 24.10 37.52
C GLY A 44 -9.19 22.77 38.22
N ASP A 45 -8.50 22.86 39.35
CA ASP A 45 -7.86 21.73 40.09
C ASP A 45 -8.91 20.74 40.63
N VAL A 46 -10.13 21.18 40.89
CA VAL A 46 -11.21 20.27 41.35
C VAL A 46 -12.51 20.65 40.64
N PHE A 47 -13.23 19.67 40.10
CA PHE A 47 -14.55 19.91 39.47
C PHE A 47 -15.42 18.66 39.61
N THR A 48 -16.73 18.86 39.55
CA THR A 48 -17.75 17.78 39.67
C THR A 48 -18.40 17.57 38.30
N ALA A 49 -18.68 16.31 37.96
CA ALA A 49 -19.56 15.93 36.82
C ALA A 49 -20.58 14.91 37.30
N THR A 50 -21.79 14.98 36.77
CA THR A 50 -22.78 13.87 36.87
C THR A 50 -22.47 12.91 35.74
N ILE A 51 -22.41 11.62 36.04
CA ILE A 51 -22.12 10.56 35.03
C ILE A 51 -23.02 9.35 35.35
N LEU A 52 -24.07 9.15 34.54
CA LEU A 52 -25.10 8.11 34.76
C LEU A 52 -25.50 8.12 36.25
N GLY A 53 -25.88 9.30 36.74
CA GLY A 53 -26.54 9.48 38.05
C GLY A 53 -25.57 9.42 39.23
N LYS A 54 -24.27 9.30 38.97
CA LYS A 54 -23.23 9.40 40.02
C LYS A 54 -22.64 10.81 39.97
N GLU A 55 -22.60 11.48 41.13
CA GLU A 55 -21.81 12.72 41.37
C GLU A 55 -20.34 12.35 41.56
N MET A 56 -19.54 12.64 40.53
CA MET A 56 -18.08 12.39 40.44
C MET A 56 -17.34 13.71 40.65
N THR A 57 -16.56 13.84 41.73
CA THR A 57 -15.67 15.01 41.95
C THR A 57 -14.20 14.62 41.71
N PHE A 58 -13.57 15.27 40.74
CA PHE A 58 -12.20 14.97 40.23
C PHE A 58 -11.17 15.93 40.82
N LEU A 59 -10.11 15.40 41.45
CA LEU A 59 -8.98 16.17 42.03
C LEU A 59 -7.75 15.95 41.14
N ASN A 60 -7.22 17.04 40.56
CA ASN A 60 -6.44 16.97 39.31
C ASN A 60 -5.01 17.48 39.50
N HIS A 61 -4.69 18.12 40.62
CA HIS A 61 -3.37 18.79 40.82
C HIS A 61 -2.71 18.22 42.07
N PRO A 62 -1.40 17.89 42.01
CA PRO A 62 -0.70 17.27 43.14
C PRO A 62 -0.78 18.08 44.45
N LYS A 63 -0.90 19.41 44.36
CA LYS A 63 -0.87 20.32 45.54
C LYS A 63 -2.11 20.10 46.43
N ILE A 64 -3.18 19.48 45.92
CA ILE A 64 -4.48 19.40 46.66
C ILE A 64 -4.82 17.95 47.02
N LEU A 65 -3.94 17.00 46.73
CA LEU A 65 -4.27 15.57 46.88
C LEU A 65 -4.16 15.14 48.34
N ASP A 66 -3.69 16.01 49.22
CA ASP A 66 -3.54 15.63 50.64
C ASP A 66 -4.92 15.20 51.18
N THR A 67 -5.96 15.98 50.86
CA THR A 67 -7.30 15.81 51.47
C THR A 67 -7.88 14.46 51.05
N PHE A 68 -7.46 13.92 49.89
CA PHE A 68 -7.87 12.59 49.40
C PHE A 68 -7.07 11.50 50.13
N PHE A 69 -5.74 11.62 50.19
CA PHE A 69 -4.86 10.48 50.56
C PHE A 69 -4.71 10.35 52.07
N LYS A 70 -4.97 11.43 52.83
CA LYS A 70 -4.78 11.53 54.31
C LYS A 70 -6.04 11.03 55.05
N ALA A 71 -7.20 11.04 54.42
CA ALA A 71 -8.52 10.74 55.03
C ALA A 71 -8.53 9.37 55.73
N THR A 72 -9.29 9.28 56.82
CA THR A 72 -9.72 8.00 57.45
C THR A 72 -10.87 7.39 56.63
N ASP A 73 -11.13 6.10 56.85
CA ASP A 73 -12.11 5.26 56.12
C ASP A 73 -13.53 5.75 56.44
N ASN A 74 -13.71 6.50 57.54
CA ASN A 74 -15.04 7.05 57.92
C ASN A 74 -15.28 8.42 57.27
N GLU A 75 -14.25 8.98 56.63
CA GLU A 75 -14.35 10.29 55.91
C GLU A 75 -14.46 10.00 54.40
N LEU A 76 -13.47 9.31 53.85
CA LEU A 76 -13.46 8.86 52.44
C LEU A 76 -13.40 7.34 52.41
N SER A 77 -14.43 6.69 51.89
CA SER A 77 -14.57 5.21 51.97
C SER A 77 -14.22 4.56 50.63
N LEU A 78 -13.26 3.64 50.64
CA LEU A 78 -12.92 2.73 49.52
C LEU A 78 -14.03 1.69 49.38
N ARG A 79 -14.41 1.01 50.48
CA ARG A 79 -15.42 -0.09 50.47
C ARG A 79 -16.73 0.39 49.84
N ASP A 80 -17.18 1.61 50.17
CA ASP A 80 -18.50 2.11 49.71
C ASP A 80 -18.55 2.23 48.18
N VAL A 81 -17.43 2.51 47.52
CA VAL A 81 -17.41 2.75 46.06
C VAL A 81 -17.90 1.48 45.35
N TYR A 82 -17.50 0.31 45.86
CA TYR A 82 -17.79 -0.97 45.17
C TYR A 82 -18.53 -1.98 46.07
N ARG A 83 -19.11 -1.56 47.20
CA ARG A 83 -19.69 -2.57 48.12
C ARG A 83 -20.98 -3.16 47.56
N PHE A 84 -21.65 -2.49 46.63
CA PHE A 84 -22.88 -3.04 46.01
C PHE A 84 -22.56 -3.68 44.66
N MET A 85 -21.28 -3.92 44.38
CA MET A 85 -20.81 -4.57 43.13
C MET A 85 -21.07 -6.07 43.21
N ARG A 86 -21.45 -6.70 42.10
CA ARG A 86 -21.43 -8.18 42.05
C ARG A 86 -19.98 -8.58 42.28
N PRO A 87 -19.69 -9.37 43.33
CA PRO A 87 -18.31 -9.73 43.64
C PRO A 87 -17.61 -10.51 42.51
N VAL A 88 -16.65 -9.85 41.87
CA VAL A 88 -15.79 -10.46 40.80
C VAL A 88 -14.87 -11.51 41.44
N PHE A 89 -14.48 -11.31 42.70
CA PHE A 89 -13.46 -12.15 43.36
C PHE A 89 -14.15 -13.23 44.18
N GLY A 90 -15.22 -12.85 44.89
CA GLY A 90 -15.91 -13.78 45.80
C GLY A 90 -16.71 -13.04 46.86
N THR A 91 -17.66 -13.73 47.48
CA THR A 91 -18.56 -13.19 48.53
C THR A 91 -17.77 -13.00 49.84
N GLY A 92 -17.88 -11.85 50.46
CA GLY A 92 -17.28 -11.56 51.79
C GLY A 92 -15.79 -11.21 51.71
N VAL A 93 -15.20 -11.05 50.53
CA VAL A 93 -13.76 -10.70 50.37
C VAL A 93 -13.61 -9.38 49.60
N VAL A 94 -12.48 -8.71 49.83
CA VAL A 94 -12.10 -7.44 49.17
C VAL A 94 -13.26 -6.45 49.36
N TYR A 95 -13.86 -5.87 48.32
CA TYR A 95 -14.85 -4.77 48.48
C TYR A 95 -16.22 -5.33 48.89
N ASP A 96 -16.36 -6.66 48.96
CA ASP A 96 -17.60 -7.27 49.50
C ASP A 96 -17.42 -7.66 50.98
N ALA A 97 -16.30 -7.32 51.62
CA ALA A 97 -16.05 -7.71 53.03
C ALA A 97 -17.04 -6.95 53.92
N ASP A 98 -17.32 -7.45 55.13
CA ASP A 98 -18.36 -6.82 55.99
C ASP A 98 -17.84 -5.50 56.57
N SER A 99 -16.51 -5.29 56.59
CA SER A 99 -15.90 -4.04 57.14
C SER A 99 -14.59 -3.75 56.40
N THR A 100 -14.13 -2.52 56.50
CA THR A 100 -12.78 -2.11 56.04
C THR A 100 -11.70 -2.79 56.89
N GLU A 101 -11.92 -2.90 58.20
CA GLU A 101 -10.96 -3.57 59.14
C GLU A 101 -10.77 -5.00 58.64
N ARG A 102 -11.84 -5.66 58.24
CA ARG A 102 -11.80 -7.07 57.79
C ARG A 102 -11.08 -7.11 56.43
N MET A 103 -11.34 -6.15 55.55
CA MET A 103 -10.63 -6.07 54.24
C MET A 103 -9.11 -5.99 54.46
N MET A 104 -8.67 -5.17 55.43
CA MET A 104 -7.24 -4.96 55.79
C MET A 104 -6.65 -6.26 56.39
N GLU A 105 -7.46 -7.06 57.09
CA GLU A 105 -6.98 -8.41 57.53
C GLU A 105 -6.78 -9.28 56.28
N GLN A 106 -7.67 -9.17 55.29
CA GLN A 106 -7.57 -10.01 54.07
C GLN A 106 -6.32 -9.57 53.27
N VAL A 107 -6.09 -8.26 53.16
CA VAL A 107 -4.86 -7.69 52.52
C VAL A 107 -3.63 -8.28 53.18
N LYS A 108 -3.63 -8.38 54.50
CA LYS A 108 -2.50 -8.93 55.32
C LYS A 108 -2.24 -10.40 54.97
N PHE A 109 -3.27 -11.21 54.68
CA PHE A 109 -3.04 -12.64 54.32
C PHE A 109 -2.14 -12.68 53.08
N VAL A 110 -2.37 -11.77 52.13
CA VAL A 110 -1.60 -11.68 50.86
C VAL A 110 -0.22 -11.11 51.15
N SER A 111 -0.15 -9.95 51.83
CA SER A 111 1.13 -9.23 52.06
C SER A 111 2.05 -10.11 52.89
N SER A 112 1.51 -11.01 53.69
CA SER A 112 2.31 -11.97 54.52
C SER A 112 3.20 -12.81 53.63
N GLY A 113 2.78 -13.06 52.39
CA GLY A 113 3.51 -13.93 51.43
C GLY A 113 4.59 -13.15 50.69
N LEU A 114 4.71 -11.84 50.93
CA LEU A 114 5.63 -10.93 50.20
C LEU A 114 6.79 -10.46 51.09
N THR A 115 7.57 -11.40 51.62
CA THR A 115 8.72 -11.18 52.51
C THR A 115 10.01 -11.19 51.67
N THR A 116 11.09 -10.67 52.24
CA THR A 116 12.45 -10.76 51.67
C THR A 116 12.78 -12.22 51.43
N ALA A 117 12.49 -13.08 52.42
CA ALA A 117 12.88 -14.49 52.33
C ALA A 117 12.22 -15.07 51.09
N ARG A 118 10.94 -14.76 50.84
CA ARG A 118 10.21 -15.25 49.65
C ARG A 118 10.76 -14.57 48.38
N PHE A 119 11.01 -13.26 48.39
CA PHE A 119 11.59 -12.52 47.24
C PHE A 119 12.85 -13.23 46.73
N ARG A 120 13.67 -13.79 47.62
CA ARG A 120 14.92 -14.50 47.22
C ARG A 120 14.56 -15.68 46.32
N VAL A 121 13.50 -16.43 46.67
CA VAL A 121 13.00 -17.60 45.89
C VAL A 121 12.35 -17.13 44.58
N PHE A 122 11.59 -16.04 44.62
CA PHE A 122 10.84 -15.48 43.48
C PHE A 122 11.81 -15.29 42.29
N VAL A 123 13.00 -14.76 42.54
CA VAL A 123 14.00 -14.51 41.47
C VAL A 123 14.32 -15.85 40.80
N ASP A 124 14.53 -16.91 41.58
CA ASP A 124 14.73 -18.29 41.04
C ASP A 124 13.54 -18.67 40.15
N ILE A 125 12.32 -18.31 40.56
CA ILE A 125 11.09 -18.70 39.83
C ILE A 125 11.01 -17.93 38.49
N PHE A 126 11.41 -16.65 38.49
CA PHE A 126 11.49 -15.81 37.27
C PHE A 126 12.44 -16.48 36.27
N GLU A 127 13.66 -16.85 36.70
CA GLU A 127 14.68 -17.49 35.84
C GLU A 127 14.09 -18.78 35.25
N ASP A 128 13.39 -19.57 36.08
CA ASP A 128 12.90 -20.91 35.67
C ASP A 128 11.84 -20.73 34.59
N GLU A 129 10.89 -19.83 34.81
CA GLU A 129 9.74 -19.68 33.89
C GLU A 129 10.27 -19.15 32.58
N ILE A 130 11.21 -18.20 32.59
CA ILE A 130 11.72 -17.62 31.32
C ILE A 130 12.53 -18.68 30.56
N ALA A 131 13.27 -19.56 31.24
CA ALA A 131 14.04 -20.67 30.62
C ALA A 131 13.10 -21.61 29.86
N HIS A 132 11.93 -21.92 30.41
CA HIS A 132 10.88 -22.71 29.69
C HIS A 132 10.45 -21.92 28.46
N LYS A 133 10.18 -20.63 28.64
CA LYS A 133 9.58 -19.77 27.60
C LYS A 133 10.55 -19.66 26.42
N VAL A 134 11.84 -19.47 26.75
CA VAL A 134 12.93 -19.25 25.77
C VAL A 134 12.98 -20.43 24.81
N LYS A 135 12.73 -21.64 25.31
CA LYS A 135 12.70 -22.89 24.50
C LYS A 135 11.57 -22.78 23.48
N GLU A 136 10.37 -22.32 23.89
CA GLU A 136 9.20 -22.18 22.98
C GLU A 136 9.53 -21.17 21.88
N LEU A 137 10.22 -20.06 22.23
CA LEU A 137 10.42 -18.91 21.32
C LEU A 137 11.47 -19.26 20.26
N GLY A 138 12.45 -20.10 20.63
CA GLY A 138 13.56 -20.51 19.75
C GLY A 138 14.56 -19.38 19.51
N PRO A 139 15.46 -19.54 18.52
CA PRO A 139 16.58 -18.63 18.30
C PRO A 139 16.17 -17.20 17.89
N GLU A 140 15.11 -17.06 17.11
CA GLU A 140 14.65 -15.72 16.62
C GLU A 140 13.19 -15.82 16.20
N GLY A 141 12.51 -14.69 16.14
CA GLY A 141 11.10 -14.63 15.70
C GLY A 141 10.50 -13.29 16.05
N THR A 142 9.18 -13.18 15.93
CA THR A 142 8.40 -12.03 16.43
C THR A 142 7.37 -12.56 17.42
N VAL A 143 7.05 -11.75 18.44
CA VAL A 143 6.19 -12.15 19.58
C VAL A 143 5.40 -10.91 20.01
N ASP A 144 4.13 -11.09 20.31
CA ASP A 144 3.27 -10.05 20.92
C ASP A 144 3.81 -9.79 22.35
N VAL A 145 4.26 -8.57 22.62
CA VAL A 145 4.91 -8.18 23.90
C VAL A 145 3.91 -8.38 25.05
N ALA A 146 2.68 -7.86 24.92
CA ALA A 146 1.61 -7.90 25.95
C ALA A 146 1.29 -9.36 26.28
N GLU A 147 1.17 -10.21 25.27
CA GLU A 147 0.88 -11.66 25.43
C GLU A 147 2.07 -12.37 26.09
N LEU A 148 3.29 -12.10 25.65
CA LEU A 148 4.50 -12.67 26.28
C LEU A 148 4.43 -12.37 27.80
N MET A 149 4.22 -11.11 28.16
CA MET A 149 4.34 -10.65 29.56
C MET A 149 3.18 -11.22 30.40
N ALA A 150 1.96 -11.26 29.86
CA ALA A 150 0.78 -11.87 30.50
C ALA A 150 1.07 -13.35 30.76
N ASP A 151 1.62 -14.07 29.78
CA ASP A 151 1.81 -15.54 29.87
C ASP A 151 2.94 -15.85 30.86
N LEU A 152 4.04 -15.09 30.82
CA LEU A 152 5.15 -15.25 31.79
C LEU A 152 4.63 -15.02 33.21
N ILE A 153 3.87 -13.95 33.43
CA ILE A 153 3.59 -13.52 34.82
C ILE A 153 2.43 -14.33 35.43
N ILE A 154 1.54 -14.88 34.61
CA ILE A 154 0.52 -15.85 35.10
C ILE A 154 1.25 -17.04 35.72
N PHE A 155 2.37 -17.50 35.14
CA PHE A 155 3.19 -18.57 35.76
C PHE A 155 3.97 -18.04 36.95
N THR A 156 4.71 -16.93 36.82
CA THR A 156 5.59 -16.48 37.93
C THR A 156 4.73 -16.07 39.13
N ALA A 157 3.73 -15.21 38.94
CA ALA A 157 2.87 -14.67 40.02
C ALA A 157 2.16 -15.83 40.73
N SER A 158 1.72 -16.83 39.96
CA SER A 158 0.93 -17.99 40.45
C SER A 158 1.83 -18.78 41.39
N ARG A 159 3.05 -19.08 40.95
CA ARG A 159 4.02 -19.87 41.76
C ARG A 159 4.44 -19.06 42.98
N CYS A 160 4.68 -17.75 42.84
CA CYS A 160 5.26 -16.91 43.93
C CYS A 160 4.25 -16.86 45.09
N LEU A 161 2.96 -16.67 44.77
CA LEU A 161 1.86 -16.46 45.74
C LEU A 161 1.29 -17.80 46.20
N LEU A 162 1.11 -18.79 45.30
CA LEU A 162 0.39 -20.07 45.60
C LEU A 162 1.36 -21.23 45.87
N GLY A 163 2.63 -21.11 45.47
CA GLY A 163 3.61 -22.20 45.60
C GLY A 163 3.64 -23.06 44.33
N ASP A 164 4.56 -24.02 44.25
CA ASP A 164 4.94 -24.69 42.98
C ASP A 164 3.88 -25.75 42.58
N GLU A 165 2.98 -26.12 43.50
CA GLU A 165 1.88 -27.09 43.27
C GLU A 165 0.88 -26.55 42.25
N VAL A 166 0.75 -25.22 42.13
CA VAL A 166 -0.16 -24.60 41.13
C VAL A 166 0.31 -24.89 39.69
N ARG A 167 1.61 -25.16 39.46
CA ARG A 167 2.14 -25.20 38.07
C ARG A 167 1.41 -26.27 37.27
N GLN A 168 1.30 -27.50 37.80
CA GLN A 168 0.57 -28.63 37.15
C GLN A 168 -0.77 -28.15 36.59
N TYR A 169 -1.51 -27.31 37.31
CA TYR A 169 -2.86 -26.86 36.90
C TYR A 169 -2.78 -25.84 35.74
N LEU A 170 -1.70 -25.05 35.67
CA LEU A 170 -1.48 -24.10 34.53
C LEU A 170 -1.08 -24.88 33.27
N SER A 171 -0.15 -25.84 33.36
CA SER A 171 0.33 -26.64 32.20
C SER A 171 -0.75 -27.60 31.69
N GLU A 172 -1.55 -28.22 32.58
CA GLU A 172 -2.33 -29.46 32.24
C GLU A 172 -3.84 -29.28 32.41
N LYS A 173 -4.33 -28.38 33.26
CA LYS A 173 -5.78 -28.28 33.60
C LYS A 173 -6.38 -26.91 33.22
N ASN A 174 -5.69 -26.14 32.38
CA ASN A 174 -6.21 -24.88 31.77
C ASN A 174 -6.68 -23.90 32.86
N LEU A 175 -5.94 -23.79 33.97
CA LEU A 175 -6.17 -22.73 35.00
C LEU A 175 -6.03 -21.36 34.34
N GLY A 176 -5.03 -21.20 33.45
CA GLY A 176 -4.78 -19.95 32.71
C GLY A 176 -6.01 -19.48 31.96
N LYS A 177 -6.65 -20.40 31.24
CA LYS A 177 -7.81 -20.09 30.34
C LYS A 177 -8.94 -19.56 31.23
N LEU A 178 -9.25 -20.29 32.29
CA LEU A 178 -10.39 -19.98 33.19
C LEU A 178 -10.08 -18.67 33.94
N TYR A 179 -8.80 -18.46 34.31
CA TYR A 179 -8.34 -17.22 34.99
C TYR A 179 -8.60 -16.00 34.09
N HIS A 180 -8.31 -16.10 32.78
CA HIS A 180 -8.41 -14.95 31.83
C HIS A 180 -9.86 -14.48 31.73
N ASP A 181 -10.83 -15.31 32.13
CA ASP A 181 -12.29 -15.02 32.00
C ASP A 181 -12.85 -14.44 33.29
N ILE A 182 -12.07 -14.47 34.40
CA ILE A 182 -12.44 -13.85 35.71
C ILE A 182 -12.80 -12.40 35.47
N ASP A 183 -12.17 -11.81 34.44
CA ASP A 183 -12.13 -10.37 34.08
C ASP A 183 -13.34 -10.06 33.19
N ASP A 184 -13.96 -11.09 32.59
CA ASP A 184 -14.67 -10.98 31.28
C ASP A 184 -15.77 -9.91 31.31
N GLY A 185 -15.72 -8.98 30.35
CA GLY A 185 -16.78 -7.98 30.10
C GLY A 185 -16.69 -6.77 31.01
N ILE A 186 -15.64 -6.69 31.85
CA ILE A 186 -15.41 -5.58 32.82
C ILE A 186 -14.50 -4.53 32.16
N SER A 187 -15.09 -3.38 31.84
CA SER A 187 -14.39 -2.17 31.33
C SER A 187 -14.49 -1.07 32.38
N PRO A 188 -13.71 0.02 32.25
CA PRO A 188 -13.73 1.08 33.27
C PRO A 188 -15.07 1.82 33.27
N LEU A 189 -16.01 1.42 32.41
CA LEU A 189 -17.40 1.97 32.32
C LEU A 189 -18.42 0.99 32.90
N SER A 190 -18.07 -0.28 33.06
CA SER A 190 -18.87 -1.29 33.79
C SER A 190 -19.32 -0.73 35.16
N PHE A 191 -18.49 0.10 35.79
CA PHE A 191 -18.78 0.72 37.10
C PHE A 191 -20.08 1.52 37.08
N PHE A 192 -20.41 2.14 35.94
CA PHE A 192 -21.53 3.11 35.80
C PHE A 192 -22.80 2.43 35.29
N TYR A 193 -22.69 1.45 34.38
CA TYR A 193 -23.83 0.63 33.89
C TYR A 193 -24.35 -0.20 35.07
N PRO A 194 -25.67 -0.47 35.15
CA PRO A 194 -26.21 -1.28 36.24
C PRO A 194 -25.77 -2.74 36.08
N SER A 195 -26.13 -3.60 37.05
CA SER A 195 -25.80 -5.04 37.09
C SER A 195 -26.41 -5.77 35.89
N LEU A 196 -25.59 -6.25 34.95
CA LEU A 196 -26.00 -7.15 33.84
C LEU A 196 -25.78 -8.59 34.27
N PRO A 197 -26.22 -9.60 33.48
CA PRO A 197 -25.74 -10.98 33.67
C PRO A 197 -24.33 -11.15 33.07
N ALA A 198 -23.64 -12.20 33.54
CA ALA A 198 -22.23 -12.52 33.20
C ALA A 198 -21.97 -13.99 33.48
N PRO A 199 -22.60 -14.91 32.73
CA PRO A 199 -22.42 -16.35 32.96
C PRO A 199 -21.00 -16.83 32.65
N LYS A 200 -20.33 -16.17 31.69
CA LYS A 200 -18.95 -16.50 31.27
C LYS A 200 -18.02 -16.30 32.47
N ARG A 201 -18.17 -15.16 33.16
CA ARG A 201 -17.41 -14.81 34.37
C ARG A 201 -17.75 -15.80 35.49
N ASP A 202 -19.04 -16.11 35.66
CA ASP A 202 -19.50 -17.07 36.71
C ASP A 202 -18.85 -18.43 36.46
N LYS A 203 -18.78 -18.87 35.20
CA LYS A 203 -18.13 -20.17 34.82
C LYS A 203 -16.64 -20.12 35.14
N ALA A 204 -15.98 -19.01 34.86
CA ALA A 204 -14.54 -18.79 35.16
C ALA A 204 -14.29 -18.97 36.66
N ARG A 205 -14.98 -18.17 37.50
CA ARG A 205 -14.76 -18.14 38.97
C ARG A 205 -15.01 -19.52 39.60
N LYS A 206 -16.12 -20.18 39.24
CA LYS A 206 -16.45 -21.58 39.61
C LYS A 206 -15.27 -22.50 39.26
N ALA A 207 -14.77 -22.41 38.02
CA ALA A 207 -13.68 -23.28 37.53
C ALA A 207 -12.41 -23.00 38.35
N VAL A 208 -12.03 -21.74 38.50
CA VAL A 208 -10.80 -21.39 39.27
C VAL A 208 -10.97 -21.80 40.73
N GLY A 209 -12.16 -21.59 41.29
CA GLY A 209 -12.55 -21.98 42.66
C GLY A 209 -12.30 -23.46 42.96
N GLU A 210 -12.74 -24.34 42.07
CA GLU A 210 -12.53 -25.81 42.20
C GLU A 210 -11.03 -26.13 42.20
N ILE A 211 -10.25 -25.48 41.33
CA ILE A 211 -8.78 -25.71 41.31
C ILE A 211 -8.19 -25.22 42.65
N PHE A 212 -8.58 -24.04 43.11
CA PHE A 212 -8.03 -23.43 44.36
C PHE A 212 -8.49 -24.27 45.56
N GLN A 213 -9.71 -24.83 45.55
CA GLN A 213 -10.20 -25.71 46.64
C GLN A 213 -9.25 -26.90 46.77
N GLU A 214 -8.85 -27.49 45.63
CA GLU A 214 -7.97 -28.67 45.57
C GLU A 214 -6.56 -28.32 46.09
N LEU A 215 -6.02 -27.16 45.72
CA LEU A 215 -4.71 -26.67 46.21
C LEU A 215 -4.78 -26.54 47.75
N LEU A 216 -5.88 -26.00 48.28
CA LEU A 216 -6.08 -25.84 49.76
C LEU A 216 -6.11 -27.22 50.43
N ASP A 217 -6.90 -28.15 49.89
CA ASP A 217 -7.03 -29.55 50.41
C ASP A 217 -5.66 -30.21 50.41
N LYS A 218 -4.93 -30.09 49.30
CA LYS A 218 -3.57 -30.71 49.14
C LYS A 218 -2.61 -30.10 50.16
N ARG A 219 -2.69 -28.78 50.39
CA ARG A 219 -1.75 -28.07 51.29
C ARG A 219 -2.04 -28.47 52.74
N ARG A 220 -3.31 -28.72 53.10
CA ARG A 220 -3.69 -29.24 54.45
C ARG A 220 -2.97 -30.57 54.72
N GLU A 221 -3.00 -31.48 53.75
CA GLU A 221 -2.32 -32.81 53.83
C GLU A 221 -0.81 -32.63 53.89
N GLU A 222 -0.26 -31.70 53.11
CA GLU A 222 1.19 -31.36 53.15
C GLU A 222 1.58 -30.84 54.54
N HIS A 223 0.75 -29.99 55.17
CA HIS A 223 1.01 -29.48 56.55
C HIS A 223 1.12 -30.65 57.55
N LYS A 224 0.21 -31.63 57.47
CA LYS A 224 0.17 -32.81 58.37
C LYS A 224 1.42 -33.69 58.20
N LYS A 225 1.93 -33.84 56.97
CA LYS A 225 3.14 -34.66 56.67
C LYS A 225 4.41 -33.88 57.03
N HIS A 226 4.43 -32.57 56.76
CA HIS A 226 5.65 -31.73 56.91
C HIS A 226 5.30 -30.45 57.67
N PRO A 227 4.87 -30.54 58.94
CA PRO A 227 4.58 -29.35 59.73
C PRO A 227 5.76 -28.37 59.84
N GLU A 228 7.00 -28.87 59.74
CA GLU A 228 8.23 -28.02 59.79
C GLU A 228 8.22 -26.99 58.65
N ARG A 229 7.38 -27.18 57.63
CA ARG A 229 7.10 -26.14 56.60
C ARG A 229 6.75 -24.80 57.26
N LEU A 230 5.97 -24.80 58.35
CA LEU A 230 5.42 -23.56 58.96
C LEU A 230 6.57 -22.77 59.62
N LEU A 231 7.74 -23.38 59.77
CA LEU A 231 8.93 -22.74 60.37
C LEU A 231 9.84 -22.14 59.28
N ASP A 232 9.58 -22.45 58.00
CA ASP A 232 10.46 -22.11 56.85
C ASP A 232 9.93 -20.88 56.10
N GLU A 233 10.45 -19.70 56.42
CA GLU A 233 10.02 -18.40 55.81
C GLU A 233 10.26 -18.41 54.29
N SER A 234 11.15 -19.25 53.78
CA SER A 234 11.46 -19.34 52.33
C SER A 234 10.46 -20.25 51.60
N LYS A 235 9.63 -21.02 52.30
CA LYS A 235 8.57 -21.86 51.69
C LYS A 235 7.18 -21.27 51.91
N MET A 236 6.94 -20.53 52.99
CA MET A 236 5.58 -20.06 53.36
C MET A 236 5.07 -19.14 52.24
N ASP A 237 3.94 -19.52 51.64
CA ASP A 237 3.25 -18.72 50.58
C ASP A 237 1.87 -18.30 51.09
N VAL A 238 1.09 -17.60 50.25
CA VAL A 238 -0.21 -17.02 50.66
C VAL A 238 -1.18 -18.16 51.01
N VAL A 239 -1.04 -19.31 50.38
CA VAL A 239 -1.92 -20.48 50.72
C VAL A 239 -1.60 -20.90 52.17
N ASP A 240 -0.33 -20.98 52.53
CA ASP A 240 0.08 -21.35 53.91
C ASP A 240 -0.49 -20.33 54.89
N HIS A 241 -0.42 -19.04 54.54
CA HIS A 241 -0.88 -17.96 55.44
C HIS A 241 -2.41 -18.05 55.59
N LEU A 242 -3.13 -18.44 54.53
CA LEU A 242 -4.61 -18.46 54.59
C LEU A 242 -5.04 -19.68 55.42
N LEU A 243 -4.20 -20.71 55.50
CA LEU A 243 -4.54 -21.93 56.30
C LEU A 243 -4.16 -21.75 57.77
N THR A 244 -3.28 -20.80 58.09
CA THR A 244 -2.72 -20.65 59.45
C THR A 244 -3.26 -19.40 60.15
N GLN A 245 -3.69 -18.36 59.41
CA GLN A 245 -4.11 -17.07 60.03
C GLN A 245 -5.63 -17.06 60.22
N LYS A 246 -6.12 -16.19 61.10
CA LYS A 246 -7.55 -16.10 61.50
C LYS A 246 -7.95 -14.63 61.62
N TYR A 247 -9.24 -14.35 61.61
CA TYR A 247 -9.81 -13.01 61.86
C TYR A 247 -9.62 -12.68 63.36
N LYS A 248 -9.29 -11.42 63.64
CA LYS A 248 -9.23 -10.85 65.02
C LYS A 248 -10.50 -11.18 65.79
N ASP A 249 -11.68 -10.97 65.20
CA ASP A 249 -13.00 -11.01 65.91
C ASP A 249 -13.44 -12.46 66.10
N GLY A 250 -12.70 -13.46 65.61
CA GLY A 250 -12.99 -14.89 65.85
C GLY A 250 -13.94 -15.52 64.83
N GLN A 251 -14.59 -14.74 63.97
CA GLN A 251 -15.47 -15.30 62.92
C GLN A 251 -14.65 -16.25 62.04
N GLU A 252 -15.28 -17.31 61.52
CA GLU A 252 -14.52 -18.37 60.81
C GLU A 252 -13.97 -17.78 59.50
N LEU A 253 -12.69 -18.01 59.22
CA LEU A 253 -12.15 -17.88 57.84
C LEU A 253 -12.54 -19.14 57.07
N THR A 254 -13.48 -19.03 56.14
CA THR A 254 -14.02 -20.18 55.35
C THR A 254 -13.14 -20.41 54.13
N ASP A 255 -13.19 -21.61 53.57
CA ASP A 255 -12.61 -21.93 52.24
C ASP A 255 -13.22 -21.01 51.17
N VAL A 256 -14.48 -20.59 51.31
CA VAL A 256 -15.10 -19.61 50.37
C VAL A 256 -14.27 -18.31 50.39
N HIS A 257 -13.95 -17.79 51.58
CA HIS A 257 -13.09 -16.59 51.77
C HIS A 257 -11.69 -16.86 51.19
N ARG A 258 -11.06 -17.97 51.54
CA ARG A 258 -9.68 -18.29 51.12
C ARG A 258 -9.57 -18.30 49.58
N ILE A 259 -10.55 -18.90 48.88
CA ILE A 259 -10.56 -18.95 47.40
C ILE A 259 -10.68 -17.53 46.81
N GLY A 260 -11.63 -16.71 47.28
CA GLY A 260 -11.82 -15.33 46.77
C GLY A 260 -10.58 -14.47 46.97
N ILE A 261 -9.93 -14.61 48.12
CA ILE A 261 -8.73 -13.80 48.48
C ILE A 261 -7.57 -14.20 47.56
N LEU A 262 -7.42 -15.48 47.31
CA LEU A 262 -6.42 -16.03 46.37
C LEU A 262 -6.68 -15.48 44.94
N ILE A 263 -7.91 -15.60 44.44
CA ILE A 263 -8.24 -15.06 43.07
C ILE A 263 -7.90 -13.56 43.06
N ALA A 264 -8.28 -12.83 44.10
CA ALA A 264 -8.06 -11.37 44.17
C ALA A 264 -6.55 -11.09 44.25
N GLY A 265 -5.81 -11.89 45.00
CA GLY A 265 -4.36 -11.73 45.12
C GLY A 265 -3.65 -11.94 43.81
N LEU A 266 -4.01 -13.02 43.11
CA LEU A 266 -3.47 -13.44 41.80
C LEU A 266 -3.82 -12.38 40.72
N PHE A 267 -5.06 -11.90 40.68
CA PHE A 267 -5.46 -10.82 39.75
C PHE A 267 -4.58 -9.58 39.96
N ALA A 268 -4.39 -9.15 41.21
CA ALA A 268 -3.55 -7.98 41.54
C ALA A 268 -2.10 -8.23 41.09
N GLY A 269 -1.57 -9.42 41.40
CA GLY A 269 -0.17 -9.82 41.16
C GLY A 269 0.21 -10.00 39.69
N GLN A 270 -0.77 -9.92 38.78
CA GLN A 270 -0.61 -10.36 37.36
C GLN A 270 -0.83 -9.16 36.40
N HIS A 271 -2.03 -8.60 36.37
CA HIS A 271 -2.47 -7.68 35.27
C HIS A 271 -1.58 -6.44 35.23
N THR A 272 -1.47 -5.73 36.36
CA THR A 272 -0.70 -4.46 36.50
C THR A 272 0.78 -4.70 36.19
N SER A 273 1.33 -5.86 36.57
CA SER A 273 2.75 -6.21 36.34
C SER A 273 2.98 -6.49 34.85
N SER A 274 2.09 -7.28 34.25
CA SER A 274 2.24 -7.72 32.83
C SER A 274 2.19 -6.49 31.91
N ILE A 275 1.27 -5.56 32.18
CA ILE A 275 1.10 -4.31 31.39
C ILE A 275 2.30 -3.35 31.55
N THR A 276 2.70 -3.04 32.78
CA THR A 276 3.88 -2.17 33.10
C THR A 276 5.15 -2.77 32.46
N SER A 277 5.28 -4.09 32.51
CA SER A 277 6.42 -4.81 31.92
C SER A 277 6.44 -4.52 30.41
N SER A 278 5.27 -4.55 29.79
CA SER A 278 5.08 -4.36 28.34
C SER A 278 5.52 -2.94 27.95
N TRP A 279 4.96 -1.93 28.62
CA TRP A 279 5.30 -0.50 28.36
C TRP A 279 6.79 -0.23 28.54
N THR A 280 7.39 -0.79 29.61
CA THR A 280 8.78 -0.52 30.03
C THR A 280 9.71 -1.08 28.96
N LEU A 281 9.51 -2.35 28.58
CA LEU A 281 10.38 -3.03 27.58
C LEU A 281 10.23 -2.31 26.22
N MET A 282 8.99 -2.06 25.78
CA MET A 282 8.72 -1.34 24.51
C MET A 282 9.57 -0.05 24.46
N ASN A 283 9.54 0.72 25.53
CA ASN A 283 10.16 2.07 25.61
C ASN A 283 11.67 1.96 25.76
N VAL A 284 12.15 0.96 26.52
CA VAL A 284 13.61 0.73 26.71
C VAL A 284 14.25 0.42 25.35
N ILE A 285 13.68 -0.55 24.62
CA ILE A 285 14.32 -1.12 23.39
C ILE A 285 14.15 -0.14 22.23
N SER A 286 13.24 0.85 22.34
CA SER A 286 12.94 1.85 21.28
C SER A 286 13.83 3.09 21.39
N ASN A 287 14.59 3.23 22.47
CA ASN A 287 15.38 4.46 22.77
C ASN A 287 16.82 4.04 22.94
N LYS A 288 17.68 4.43 21.98
CA LYS A 288 19.08 3.95 21.86
C LYS A 288 19.83 4.26 23.17
N LYS A 289 19.72 5.50 23.67
CA LYS A 289 20.46 5.96 24.87
C LYS A 289 19.92 5.21 26.10
N VAL A 290 18.60 5.02 26.20
CA VAL A 290 18.00 4.27 27.34
C VAL A 290 18.47 2.82 27.31
N LEU A 291 18.46 2.17 26.14
CA LEU A 291 18.92 0.76 25.97
C LEU A 291 20.41 0.65 26.32
N GLU A 292 21.23 1.61 25.89
CA GLU A 292 22.68 1.68 26.21
C GLU A 292 22.87 1.62 27.74
N LYS A 293 22.23 2.54 28.46
CA LYS A 293 22.42 2.67 29.93
C LYS A 293 21.83 1.45 30.64
N VAL A 294 20.69 0.93 30.17
CA VAL A 294 20.09 -0.30 30.75
C VAL A 294 21.11 -1.43 30.64
N ARG A 295 21.66 -1.69 29.45
CA ARG A 295 22.56 -2.86 29.26
C ARG A 295 23.88 -2.63 30.02
N LYS A 296 24.34 -1.38 30.12
CA LYS A 296 25.56 -1.05 30.91
C LYS A 296 25.34 -1.39 32.39
N GLU A 297 24.22 -0.92 32.96
CA GLU A 297 23.79 -1.29 34.33
C GLU A 297 23.77 -2.83 34.49
N GLN A 298 23.12 -3.56 33.57
CA GLN A 298 23.00 -5.03 33.63
C GLN A 298 24.40 -5.68 33.62
N GLU A 299 25.26 -5.22 32.71
CA GLU A 299 26.66 -5.71 32.55
C GLU A 299 27.45 -5.49 33.85
N GLU A 300 27.41 -4.28 34.41
CA GLU A 300 28.03 -3.94 35.73
C GLU A 300 27.50 -4.90 36.81
N ILE A 301 26.17 -5.06 36.94
CA ILE A 301 25.55 -5.85 38.05
C ILE A 301 25.92 -7.33 37.88
N MET A 302 25.79 -7.87 36.67
CA MET A 302 25.91 -9.34 36.42
C MET A 302 27.35 -9.82 36.65
N GLY A 303 28.35 -8.95 36.45
CA GLY A 303 29.77 -9.38 36.41
C GLY A 303 29.96 -10.62 35.55
N SER A 304 30.55 -11.68 36.11
CA SER A 304 30.81 -12.95 35.36
C SER A 304 29.81 -14.02 35.80
N ASP A 305 28.81 -13.63 36.60
CA ASP A 305 27.65 -14.49 36.97
C ASP A 305 26.74 -14.62 35.75
N LYS A 306 26.01 -15.73 35.68
CA LYS A 306 25.18 -16.12 34.50
C LYS A 306 23.70 -15.94 34.82
N VAL A 307 23.28 -16.01 36.09
CA VAL A 307 21.84 -15.92 36.46
C VAL A 307 21.64 -14.82 37.51
N LEU A 308 20.43 -14.30 37.61
CA LEU A 308 20.02 -13.30 38.62
C LEU A 308 19.94 -13.95 40.01
N ASP A 309 20.09 -13.12 41.02
CA ASP A 309 19.67 -13.34 42.42
C ASP A 309 19.09 -12.03 42.96
N TYR A 310 18.60 -12.05 44.19
CA TYR A 310 17.84 -10.94 44.82
C TYR A 310 18.71 -9.68 44.86
N ASP A 311 19.97 -9.79 45.33
CA ASP A 311 20.86 -8.63 45.57
C ASP A 311 21.15 -7.90 44.24
N LYS A 312 21.28 -8.63 43.12
CA LYS A 312 21.52 -8.04 41.79
C LYS A 312 20.30 -7.18 41.38
N VAL A 313 19.08 -7.71 41.52
CA VAL A 313 17.85 -6.99 41.09
C VAL A 313 17.73 -5.73 41.93
N MET A 314 18.07 -5.83 43.22
CA MET A 314 17.94 -4.68 44.15
C MET A 314 18.92 -3.56 43.77
N LYS A 315 19.94 -3.83 42.95
CA LYS A 315 20.93 -2.79 42.49
C LYS A 315 20.45 -2.06 41.22
N MET A 316 19.49 -2.64 40.49
CA MET A 316 19.14 -2.18 39.12
C MET A 316 18.34 -0.88 39.18
N ASP A 317 18.96 0.20 39.64
CA ASP A 317 18.30 1.51 39.91
C ASP A 317 17.80 2.15 38.61
N TYR A 318 18.58 2.08 37.54
CA TYR A 318 18.20 2.73 36.24
C TYR A 318 17.02 1.95 35.61
N LEU A 319 17.05 0.63 35.65
CA LEU A 319 15.93 -0.18 35.11
C LEU A 319 14.69 0.07 35.97
N GLU A 320 14.86 0.38 37.25
CA GLU A 320 13.72 0.71 38.14
C GLU A 320 13.15 2.06 37.72
N ALA A 321 13.99 3.03 37.38
CA ALA A 321 13.51 4.35 36.94
C ALA A 321 12.73 4.19 35.63
N CYS A 322 13.18 3.29 34.75
CA CYS A 322 12.53 3.02 33.44
C CYS A 322 11.08 2.57 33.73
N MET A 323 10.89 1.65 34.67
CA MET A 323 9.56 1.13 35.05
C MET A 323 8.71 2.24 35.70
N LYS A 324 9.29 3.08 36.56
CA LYS A 324 8.57 4.21 37.18
C LYS A 324 8.20 5.27 36.12
N GLU A 325 9.01 5.41 35.07
CA GLU A 325 8.72 6.33 33.95
C GLU A 325 7.57 5.72 33.12
N ALA A 326 7.57 4.40 32.92
CA ALA A 326 6.45 3.66 32.29
C ALA A 326 5.20 3.85 33.16
N LEU A 327 5.36 3.78 34.50
CA LEU A 327 4.22 3.95 35.45
C LEU A 327 3.73 5.39 35.39
N ARG A 328 4.61 6.37 35.21
CA ARG A 328 4.18 7.79 35.12
C ARG A 328 3.27 7.95 33.88
N MET A 329 3.69 7.43 32.73
CA MET A 329 3.11 7.74 31.41
C MET A 329 1.88 6.85 31.12
N TYR A 330 1.89 5.60 31.58
CA TYR A 330 0.84 4.60 31.23
C TYR A 330 0.41 3.83 32.47
N PRO A 331 -0.12 4.50 33.50
CA PRO A 331 -0.51 3.81 34.72
C PRO A 331 -1.66 2.87 34.39
N PRO A 332 -1.58 1.59 34.83
CA PRO A 332 -2.59 0.59 34.47
C PRO A 332 -3.89 0.75 35.26
N LEU A 333 -3.83 1.45 36.40
CA LEU A 333 -5.03 1.89 37.15
C LEU A 333 -5.15 3.40 36.98
N ILE A 334 -6.16 3.81 36.22
CA ILE A 334 -6.28 5.19 35.67
C ILE A 334 -7.09 6.09 36.61
N MET A 335 -7.85 5.49 37.53
CA MET A 335 -8.64 6.24 38.52
C MET A 335 -8.57 5.54 39.88
N ILE A 336 -8.25 6.32 40.91
CA ILE A 336 -8.41 5.87 42.33
C ILE A 336 -9.63 6.63 42.87
N MET A 337 -10.52 5.92 43.52
CA MET A 337 -11.85 6.48 43.90
C MET A 337 -12.11 6.25 45.40
N ARG A 338 -12.78 7.20 46.04
CA ARG A 338 -13.33 7.09 47.41
C ARG A 338 -14.74 7.70 47.44
N MET A 339 -15.63 7.17 48.27
CA MET A 339 -16.98 7.74 48.53
C MET A 339 -16.90 8.72 49.69
N ALA A 340 -17.35 9.95 49.54
CA ALA A 340 -17.43 10.91 50.68
C ALA A 340 -18.59 10.49 51.62
N ARG A 341 -18.27 9.97 52.79
CA ARG A 341 -19.25 9.58 53.84
C ARG A 341 -19.67 10.81 54.64
N LYS A 342 -18.89 11.89 54.57
CA LYS A 342 -19.35 13.22 55.06
C LYS A 342 -18.77 14.28 54.13
N PRO A 343 -19.24 15.55 54.23
CA PRO A 343 -18.69 16.60 53.36
C PRO A 343 -17.16 16.64 53.52
N ARG A 344 -16.43 16.80 52.41
CA ARG A 344 -14.94 16.81 52.46
C ARG A 344 -14.43 18.19 52.05
N GLU A 345 -13.72 18.86 52.96
CA GLU A 345 -13.03 20.13 52.63
C GLU A 345 -11.96 19.83 51.58
N CYS A 346 -11.86 20.70 50.60
CA CYS A 346 -10.85 20.62 49.51
C CYS A 346 -10.55 22.04 49.02
N GLU A 347 -9.45 22.63 49.51
CA GLU A 347 -9.10 24.05 49.31
C GLU A 347 -10.29 24.92 49.75
N GLN A 348 -10.86 25.75 48.87
CA GLN A 348 -11.94 26.71 49.23
C GLN A 348 -13.30 26.01 49.14
N TYR A 349 -13.34 24.74 48.73
CA TYR A 349 -14.60 24.00 48.45
C TYR A 349 -14.89 23.00 49.57
N ILE A 350 -16.17 22.63 49.69
CA ILE A 350 -16.65 21.43 50.44
C ILE A 350 -17.29 20.50 49.43
N ILE A 351 -16.72 19.32 49.24
CA ILE A 351 -17.28 18.26 48.35
C ILE A 351 -18.41 17.58 49.12
N PRO A 352 -19.63 17.48 48.55
CA PRO A 352 -20.79 16.97 49.28
C PRO A 352 -20.68 15.49 49.66
N LYS A 353 -21.26 15.14 50.81
CA LYS A 353 -21.57 13.74 51.22
C LYS A 353 -22.17 13.01 50.01
N GLY A 354 -21.71 11.80 49.71
CA GLY A 354 -22.29 10.95 48.65
C GLY A 354 -21.58 11.09 47.31
N ASN A 355 -20.79 12.15 47.11
CA ASN A 355 -19.93 12.29 45.90
C ASN A 355 -18.80 11.25 45.94
N ILE A 356 -18.41 10.73 44.77
CA ILE A 356 -17.16 9.93 44.65
C ILE A 356 -16.02 10.86 44.21
N LEU A 357 -14.96 10.93 45.01
CA LEU A 357 -13.72 11.68 44.69
C LEU A 357 -12.86 10.75 43.82
N VAL A 358 -12.24 11.36 42.80
CA VAL A 358 -11.43 10.63 41.78
C VAL A 358 -10.09 11.33 41.67
N VAL A 359 -9.04 10.53 41.80
CA VAL A 359 -7.64 10.92 41.53
C VAL A 359 -7.20 9.99 40.41
N SER A 360 -6.56 10.56 39.39
CA SER A 360 -6.14 9.83 38.18
C SER A 360 -4.61 9.84 38.08
N PRO A 361 -3.96 8.67 38.28
CA PRO A 361 -2.54 8.55 37.98
C PRO A 361 -2.25 9.04 36.56
N SER A 362 -3.14 8.81 35.59
CA SER A 362 -2.88 9.20 34.18
C SER A 362 -2.66 10.72 34.11
N VAL A 363 -3.53 11.48 34.76
CA VAL A 363 -3.52 12.97 34.75
C VAL A 363 -2.32 13.46 35.57
N ALA A 364 -2.12 12.90 36.77
CA ALA A 364 -0.90 13.13 37.59
C ALA A 364 0.36 13.05 36.72
N GLY A 365 0.48 11.98 35.92
CA GLY A 365 1.67 11.69 35.11
C GLY A 365 1.95 12.75 34.03
N ARG A 366 0.97 13.55 33.62
CA ARG A 366 1.12 14.48 32.47
C ARG A 366 1.05 15.92 32.98
N CYS A 367 1.00 16.08 34.30
CA CYS A 367 0.90 17.42 34.94
C CYS A 367 2.21 18.20 34.67
N THR A 368 2.12 19.33 33.97
CA THR A 368 3.32 20.11 33.57
C THR A 368 3.87 20.85 34.78
N ASP A 369 3.07 21.08 35.83
CA ASP A 369 3.59 21.66 37.09
C ASP A 369 4.58 20.69 37.72
N THR A 370 4.50 19.40 37.40
CA THR A 370 5.32 18.34 38.03
C THR A 370 6.45 17.96 37.08
N TYR A 371 6.15 17.76 35.81
CA TYR A 371 7.06 17.09 34.85
C TYR A 371 7.22 17.97 33.62
N THR A 372 8.46 18.18 33.18
CA THR A 372 8.79 18.85 31.89
C THR A 372 8.65 17.84 30.74
N ASN A 373 8.11 18.28 29.59
CA ASN A 373 7.91 17.46 28.35
C ASN A 373 7.42 16.08 28.74
N PRO A 374 6.21 16.03 29.35
CA PRO A 374 5.72 14.79 29.95
C PRO A 374 5.30 13.71 28.96
N ASP A 375 5.19 14.00 27.65
CA ASP A 375 4.88 12.98 26.63
C ASP A 375 6.17 12.28 26.20
N VAL A 376 7.31 12.62 26.79
CA VAL A 376 8.59 11.96 26.40
C VAL A 376 9.00 11.03 27.55
N PHE A 377 9.22 9.77 27.20
CA PHE A 377 9.86 8.76 28.05
C PHE A 377 11.30 9.19 28.32
N ASP A 378 11.60 9.55 29.57
CA ASP A 378 12.86 10.21 29.97
C ASP A 378 13.15 9.80 31.42
N PRO A 379 13.72 8.61 31.64
CA PRO A 379 13.98 8.11 33.00
C PRO A 379 14.86 9.04 33.85
N GLU A 380 15.74 9.80 33.20
CA GLU A 380 16.65 10.80 33.83
C GLU A 380 15.83 11.91 34.51
N ARG A 381 14.57 12.16 34.11
CA ARG A 381 13.67 13.12 34.79
C ARG A 381 13.52 12.71 36.27
N LEU A 382 13.72 11.42 36.57
CA LEU A 382 13.64 10.89 37.95
C LEU A 382 15.04 10.82 38.57
N THR A 383 15.96 10.10 37.92
CA THR A 383 17.33 9.81 38.44
C THR A 383 18.15 11.10 38.54
N GLU A 384 18.04 12.02 37.57
CA GLU A 384 18.84 13.28 37.51
C GLU A 384 18.04 14.43 38.17
N ARG A 385 16.83 14.71 37.70
CA ARG A 385 16.09 15.96 37.99
C ARG A 385 15.11 15.76 39.14
N LYS A 386 14.93 14.52 39.62
CA LYS A 386 14.06 14.20 40.80
C LYS A 386 12.67 14.84 40.64
N GLU A 387 12.04 14.78 39.47
CA GLU A 387 10.76 15.50 39.23
C GLU A 387 9.67 14.82 40.08
N HIS A 388 9.80 13.53 40.37
CA HIS A 388 8.85 12.81 41.24
C HIS A 388 8.87 13.36 42.67
N GLU A 389 9.89 14.13 43.07
CA GLU A 389 10.08 14.60 44.48
C GLU A 389 9.64 16.07 44.64
N LYS A 390 9.33 16.80 43.57
CA LYS A 390 8.88 18.20 43.70
C LYS A 390 7.63 18.29 44.59
N PHE A 391 6.60 17.47 44.35
CA PHE A 391 5.36 17.41 45.17
C PHE A 391 5.30 16.08 45.92
N LYS A 392 4.77 16.10 47.15
CA LYS A 392 4.51 14.87 47.95
C LYS A 392 3.68 13.86 47.12
N TYR A 393 2.66 14.33 46.39
CA TYR A 393 1.72 13.48 45.62
C TYR A 393 1.92 13.66 44.10
N GLY A 394 3.14 14.01 43.66
CA GLY A 394 3.44 14.25 42.24
C GLY A 394 3.44 12.97 41.42
N ALA A 395 3.80 11.86 42.06
CA ALA A 395 3.85 10.49 41.49
C ALA A 395 2.98 9.57 42.37
N VAL A 396 1.89 9.02 41.83
CA VAL A 396 0.94 8.18 42.62
C VAL A 396 0.55 6.90 41.85
N PRO A 397 1.44 6.24 41.07
CA PRO A 397 1.05 5.10 40.25
C PRO A 397 0.65 3.93 41.17
N PHE A 398 1.14 3.93 42.41
CA PHE A 398 0.90 2.89 43.45
C PHE A 398 0.03 3.49 44.57
N GLY A 399 -0.55 4.66 44.33
CA GLY A 399 -1.42 5.32 45.32
C GLY A 399 -0.61 5.87 46.48
N ALA A 400 -1.27 6.18 47.59
CA ALA A 400 -0.65 6.82 48.75
C ALA A 400 -1.58 6.66 49.95
N GLY A 401 -1.05 6.95 51.13
CA GLY A 401 -1.76 6.83 52.40
C GLY A 401 -2.09 5.39 52.73
N ARG A 402 -3.20 5.23 53.45
CA ARG A 402 -3.73 3.98 54.05
C ARG A 402 -3.75 2.85 53.00
N HIS A 403 -4.35 3.10 51.83
CA HIS A 403 -4.67 2.03 50.85
C HIS A 403 -3.58 1.92 49.77
N LYS A 404 -2.40 2.51 50.03
CA LYS A 404 -1.21 2.40 49.15
C LYS A 404 -1.10 0.93 48.75
N CYS A 405 -0.64 0.65 47.52
CA CYS A 405 -0.34 -0.72 47.06
C CYS A 405 0.63 -1.42 48.03
N ILE A 406 0.28 -2.59 48.51
CA ILE A 406 1.20 -3.44 49.32
C ILE A 406 2.04 -4.30 48.38
N GLY A 407 1.72 -4.30 47.07
CA GLY A 407 2.39 -5.15 46.07
C GLY A 407 3.57 -4.46 45.41
N GLU A 408 3.88 -3.22 45.80
CA GLU A 408 4.84 -2.35 45.07
C GLU A 408 6.19 -3.07 44.99
N ASN A 409 6.74 -3.58 46.09
CA ASN A 409 8.11 -4.13 46.03
C ASN A 409 8.12 -5.42 45.23
N PHE A 410 7.07 -6.22 45.34
CA PHE A 410 6.93 -7.45 44.53
C PHE A 410 6.87 -7.08 43.04
N ALA A 411 6.02 -6.10 42.66
CA ALA A 411 5.85 -5.71 41.24
C ALA A 411 7.19 -5.23 40.68
N LEU A 412 7.92 -4.39 41.43
CA LEU A 412 9.25 -3.91 41.00
C LEU A 412 10.17 -5.12 40.82
N LEU A 413 10.18 -6.05 41.79
CA LEU A 413 11.08 -7.24 41.70
C LEU A 413 10.75 -8.03 40.43
N GLN A 414 9.46 -8.25 40.19
CA GLN A 414 8.97 -9.15 39.11
C GLN A 414 9.29 -8.49 37.76
N VAL A 415 8.92 -7.23 37.56
CA VAL A 415 9.10 -6.58 36.24
C VAL A 415 10.59 -6.38 35.98
N LYS A 416 11.39 -6.00 36.99
CA LYS A 416 12.84 -5.72 36.79
C LYS A 416 13.54 -7.02 36.45
N SER A 417 13.19 -8.10 37.15
CA SER A 417 13.79 -9.44 36.91
C SER A 417 13.50 -9.90 35.48
N ILE A 418 12.23 -9.88 35.08
CA ILE A 418 11.77 -10.41 33.77
C ILE A 418 12.48 -9.64 32.64
N ILE A 419 12.53 -8.31 32.74
CA ILE A 419 13.16 -7.46 31.70
C ILE A 419 14.67 -7.71 31.72
N SER A 420 15.30 -7.74 32.90
CA SER A 420 16.75 -8.07 33.01
C SER A 420 17.00 -9.39 32.26
N ILE A 421 16.17 -10.40 32.49
CA ILE A 421 16.49 -11.77 31.99
C ILE A 421 16.24 -11.84 30.47
N LEU A 422 15.18 -11.19 29.99
CA LEU A 422 14.88 -11.14 28.53
C LEU A 422 16.04 -10.45 27.78
N LEU A 423 16.55 -9.35 28.33
CA LEU A 423 17.70 -8.60 27.76
C LEU A 423 18.95 -9.48 27.77
N ARG A 424 19.08 -10.35 28.77
CA ARG A 424 20.25 -11.27 28.85
C ARG A 424 20.16 -12.30 27.72
N TYR A 425 18.97 -12.80 27.39
CA TYR A 425 18.80 -13.85 26.35
C TYR A 425 18.81 -13.23 24.95
N PHE A 426 18.18 -12.07 24.76
CA PHE A 426 17.71 -11.59 23.44
C PHE A 426 18.16 -10.16 23.15
N ASP A 427 18.46 -9.90 21.87
CA ASP A 427 18.35 -8.58 21.22
C ASP A 427 16.88 -8.43 20.80
N MET A 428 16.28 -7.29 21.05
CA MET A 428 14.84 -7.06 20.80
C MET A 428 14.62 -5.68 20.19
N GLU A 429 13.73 -5.64 19.20
CA GLU A 429 13.37 -4.39 18.48
C GLU A 429 11.84 -4.33 18.48
N TYR A 430 11.28 -3.17 18.78
CA TYR A 430 9.82 -2.94 18.68
C TYR A 430 9.42 -2.67 17.22
N ILE A 431 8.37 -3.37 16.78
CA ILE A 431 7.78 -3.18 15.41
C ILE A 431 6.78 -2.03 15.46
N GLY A 432 7.09 -0.92 14.81
CA GLY A 432 6.15 0.20 14.62
C GLY A 432 6.16 1.22 15.77
N LYS A 433 5.12 2.04 15.79
CA LYS A 433 4.94 3.18 16.72
C LYS A 433 4.49 2.62 18.09
N ILE A 434 5.06 3.12 19.20
CA ILE A 434 4.54 2.81 20.56
C ILE A 434 3.11 3.30 20.60
N PRO A 435 2.12 2.44 20.87
CA PRO A 435 0.73 2.86 20.87
C PRO A 435 0.30 3.67 22.09
N ASP A 436 -0.96 4.10 22.02
CA ASP A 436 -1.71 4.75 23.12
C ASP A 436 -2.29 3.65 24.01
N PRO A 437 -2.61 4.00 25.27
CA PRO A 437 -3.37 3.12 26.14
C PRO A 437 -4.77 2.92 25.54
N SER A 438 -5.39 1.76 25.81
CA SER A 438 -6.77 1.43 25.38
C SER A 438 -7.70 1.34 26.59
N TYR A 439 -8.67 2.22 26.68
CA TYR A 439 -9.50 2.46 27.90
C TYR A 439 -10.75 1.57 27.83
N THR A 440 -10.54 0.28 27.56
CA THR A 440 -11.60 -0.69 27.23
C THR A 440 -11.54 -1.88 28.20
N SER A 441 -10.65 -1.84 29.18
CA SER A 441 -10.47 -2.95 30.16
C SER A 441 -10.40 -2.35 31.57
N LEU A 442 -10.50 -3.19 32.60
CA LEU A 442 -10.41 -2.77 34.02
C LEU A 442 -8.99 -2.26 34.30
N VAL A 443 -8.01 -3.13 34.11
CA VAL A 443 -6.56 -2.80 34.08
C VAL A 443 -6.22 -2.41 32.62
N VAL A 444 -5.83 -1.15 32.40
CA VAL A 444 -5.62 -0.65 31.01
C VAL A 444 -4.16 -0.81 30.61
N GLY A 445 -3.97 -1.37 29.42
CA GLY A 445 -2.67 -1.61 28.76
C GLY A 445 -2.66 -1.00 27.36
N PRO A 446 -1.61 -1.28 26.56
CA PRO A 446 -1.52 -0.69 25.23
C PRO A 446 -2.60 -1.17 24.24
N SER A 447 -2.93 -0.33 23.25
CA SER A 447 -3.82 -0.72 22.13
C SER A 447 -3.30 -2.05 21.61
N PRO A 448 -4.15 -3.07 21.39
CA PRO A 448 -3.66 -4.46 21.21
C PRO A 448 -2.44 -4.82 20.37
N PRO A 449 -2.28 -4.45 19.08
CA PRO A 449 -1.16 -4.95 18.28
C PRO A 449 0.17 -4.38 18.82
N THR A 450 0.94 -5.18 19.59
CA THR A 450 2.26 -4.77 20.16
C THR A 450 3.28 -5.86 19.90
N ARG A 451 3.96 -5.82 18.76
CA ARG A 451 4.90 -6.89 18.33
C ARG A 451 6.32 -6.37 18.44
N MET A 452 7.24 -7.28 18.74
CA MET A 452 8.69 -7.01 18.76
C MET A 452 9.40 -8.17 18.08
N ARG A 453 10.55 -7.88 17.49
CA ARG A 453 11.48 -8.93 16.99
C ARG A 453 12.41 -9.26 18.15
N TYR A 454 12.78 -10.53 18.24
CA TYR A 454 13.80 -11.04 19.19
C TYR A 454 14.78 -11.92 18.41
N LYS A 455 16.00 -12.00 18.92
CA LYS A 455 17.06 -12.90 18.40
C LYS A 455 18.00 -13.24 19.57
N LEU A 456 18.29 -14.53 19.79
CA LEU A 456 19.28 -14.96 20.80
C LEU A 456 20.54 -14.09 20.67
N ARG A 457 21.09 -13.63 21.80
CA ARG A 457 22.33 -12.81 21.82
C ARG A 457 23.57 -13.71 21.66
N LYS A 458 24.63 -13.14 21.09
CA LYS A 458 25.87 -13.84 20.61
C LYS A 458 26.73 -14.28 21.80
N LYS B 10 35.14 -18.24 0.18
CA LYS B 10 33.70 -18.30 0.62
C LYS B 10 32.85 -17.43 -0.31
N LEU B 11 33.08 -17.50 -1.62
CA LEU B 11 32.42 -16.61 -2.62
C LEU B 11 30.96 -17.02 -2.77
N PRO B 12 30.02 -16.06 -2.96
CA PRO B 12 28.65 -16.40 -3.35
C PRO B 12 28.64 -17.22 -4.65
N PRO B 13 27.65 -18.08 -4.92
CA PRO B 13 27.55 -18.74 -6.22
C PRO B 13 27.50 -17.71 -7.36
N ARG B 14 28.13 -18.03 -8.48
CA ARG B 14 28.19 -17.15 -9.68
C ARG B 14 27.12 -17.57 -10.69
N VAL B 15 26.51 -16.61 -11.40
CA VAL B 15 25.83 -16.84 -12.71
C VAL B 15 26.93 -17.05 -13.74
N PRO B 16 26.96 -18.23 -14.41
CA PRO B 16 28.00 -18.52 -15.41
C PRO B 16 27.99 -17.49 -16.55
N ASN B 17 29.13 -16.84 -16.77
CA ASN B 17 29.38 -15.92 -17.92
C ASN B 17 29.05 -16.66 -19.22
N LEU B 18 28.13 -16.11 -20.02
CA LEU B 18 27.95 -16.55 -21.44
C LEU B 18 29.18 -16.12 -22.24
N ILE B 19 29.67 -14.90 -22.03
CA ILE B 19 30.88 -14.34 -22.70
C ILE B 19 31.77 -13.67 -21.65
N PRO B 20 33.11 -13.67 -21.84
CA PRO B 20 34.00 -12.90 -20.97
C PRO B 20 33.75 -11.39 -21.05
N TYR B 21 33.89 -10.71 -19.91
CA TYR B 21 33.72 -9.24 -19.70
C TYR B 21 32.25 -8.83 -19.77
N VAL B 22 31.56 -9.15 -20.87
CA VAL B 22 30.13 -8.79 -21.04
C VAL B 22 29.34 -9.59 -19.99
N GLY B 23 29.78 -10.82 -19.72
CA GLY B 23 29.24 -11.67 -18.65
C GLY B 23 27.77 -11.99 -18.85
N SER B 24 26.91 -11.52 -17.92
CA SER B 24 25.46 -11.82 -17.89
C SER B 24 24.67 -10.63 -18.42
N PHE B 25 25.34 -9.62 -19.00
CA PHE B 25 24.72 -8.34 -19.42
C PHE B 25 23.53 -8.56 -20.34
N VAL B 26 23.59 -9.55 -21.24
CA VAL B 26 22.56 -9.72 -22.31
C VAL B 26 21.21 -10.05 -21.66
N SER B 27 21.14 -11.08 -20.80
CA SER B 27 19.88 -11.46 -20.10
C SER B 27 19.47 -10.36 -19.09
N PHE B 28 20.44 -9.67 -18.48
CA PHE B 28 20.22 -8.56 -17.52
C PHE B 28 19.55 -7.38 -18.23
N ALA B 29 20.03 -7.08 -19.45
CA ALA B 29 19.57 -5.98 -20.33
C ALA B 29 18.13 -6.22 -20.84
N LYS B 30 17.79 -7.47 -21.18
CA LYS B 30 16.39 -7.84 -21.54
C LYS B 30 15.46 -7.36 -20.43
N ASN B 31 15.76 -7.73 -19.19
CA ASN B 31 14.91 -7.40 -18.00
C ASN B 31 15.71 -7.57 -16.71
N PRO B 32 16.13 -6.46 -16.05
CA PRO B 32 16.99 -6.54 -14.86
C PRO B 32 16.26 -7.23 -13.70
N VAL B 33 15.00 -6.92 -13.49
CA VAL B 33 14.20 -7.52 -12.38
C VAL B 33 14.05 -9.03 -12.63
N GLN B 34 13.64 -9.43 -13.84
CA GLN B 34 13.45 -10.87 -14.16
C GLN B 34 14.79 -11.59 -14.00
N PHE B 35 15.88 -10.92 -14.38
CA PHE B 35 17.24 -11.49 -14.29
C PHE B 35 17.51 -11.89 -12.82
N ILE B 36 17.20 -10.98 -11.88
CA ILE B 36 17.44 -11.19 -10.43
C ILE B 36 16.47 -12.27 -9.90
N ILE B 37 15.21 -12.21 -10.29
CA ILE B 37 14.22 -13.26 -9.91
C ILE B 37 14.68 -14.64 -10.42
N ASP B 38 15.02 -14.78 -11.71
CA ASP B 38 15.38 -16.11 -12.29
C ASP B 38 16.60 -16.66 -11.55
N ASN B 39 17.61 -15.82 -11.32
CA ASN B 39 18.93 -16.26 -10.79
C ASN B 39 18.82 -16.52 -9.28
N SER B 40 17.90 -15.84 -8.58
CA SER B 40 17.55 -16.14 -7.16
C SER B 40 17.02 -17.56 -7.06
N LYS B 41 16.00 -17.85 -7.86
CA LYS B 41 15.36 -19.20 -7.93
C LYS B 41 16.47 -20.23 -8.17
N LYS B 42 17.40 -19.96 -9.10
CA LYS B 42 18.46 -20.90 -9.52
C LYS B 42 19.58 -20.99 -8.46
N TYR B 43 20.11 -19.86 -7.98
CA TYR B 43 21.41 -19.80 -7.25
C TYR B 43 21.26 -19.41 -5.78
N GLY B 44 20.06 -19.04 -5.30
CA GLY B 44 19.80 -18.77 -3.87
C GLY B 44 19.79 -17.29 -3.51
N ASP B 45 19.80 -17.01 -2.22
CA ASP B 45 19.54 -15.68 -1.57
C ASP B 45 20.61 -14.66 -1.94
N VAL B 46 21.82 -15.10 -2.26
CA VAL B 46 22.89 -14.17 -2.71
C VAL B 46 23.66 -14.83 -3.86
N PHE B 47 23.88 -14.09 -4.94
CA PHE B 47 24.70 -14.58 -6.09
C PHE B 47 25.41 -13.42 -6.76
N THR B 48 26.51 -13.73 -7.44
CA THR B 48 27.35 -12.74 -8.18
C THR B 48 27.17 -12.97 -9.69
N ALA B 49 27.12 -11.88 -10.46
CA ALA B 49 27.22 -11.90 -11.93
C ALA B 49 28.23 -10.83 -12.37
N THR B 50 29.01 -11.15 -13.40
CA THR B 50 29.81 -10.13 -14.13
C THR B 50 28.88 -9.50 -15.16
N ILE B 51 28.87 -8.17 -15.24
CA ILE B 51 28.01 -7.43 -16.19
C ILE B 51 28.83 -6.26 -16.74
N LEU B 52 29.28 -6.37 -18.00
CA LEU B 52 30.18 -5.38 -18.64
C LEU B 52 31.30 -5.01 -17.66
N GLY B 53 31.98 -6.03 -17.13
CA GLY B 53 33.23 -5.89 -16.37
C GLY B 53 33.02 -5.44 -14.93
N LYS B 54 31.78 -5.28 -14.48
CA LYS B 54 31.46 -5.00 -13.05
C LYS B 54 31.05 -6.32 -12.39
N GLU B 55 31.69 -6.65 -11.26
CA GLU B 55 31.25 -7.72 -10.33
C GLU B 55 30.06 -7.21 -9.51
N MET B 56 28.86 -7.71 -9.85
CA MET B 56 27.56 -7.38 -9.21
C MET B 56 27.17 -8.54 -8.30
N THR B 57 27.10 -8.32 -6.97
CA THR B 57 26.54 -9.30 -6.01
C THR B 57 25.14 -8.88 -5.56
N PHE B 58 24.15 -9.73 -5.83
CA PHE B 58 22.70 -9.47 -5.59
C PHE B 58 22.24 -10.16 -4.30
N LEU B 59 21.60 -9.42 -3.39
CA LEU B 59 20.99 -9.92 -2.13
C LEU B 59 19.46 -9.86 -2.29
N ASN B 60 18.81 -11.02 -2.16
CA ASN B 60 17.49 -11.27 -2.80
C ASN B 60 16.41 -11.65 -1.78
N HIS B 61 16.78 -11.88 -0.52
CA HIS B 61 15.83 -12.35 0.52
C HIS B 61 15.87 -11.37 1.70
N PRO B 62 14.70 -10.97 2.23
CA PRO B 62 14.66 -10.03 3.36
C PRO B 62 15.49 -10.45 4.58
N LYS B 63 15.64 -11.76 4.83
CA LYS B 63 16.30 -12.29 6.05
C LYS B 63 17.78 -11.92 6.07
N ILE B 64 18.38 -11.56 4.94
CA ILE B 64 19.86 -11.39 4.84
C ILE B 64 20.22 -9.94 4.51
N LEU B 65 19.26 -9.03 4.49
CA LEU B 65 19.51 -7.64 4.03
C LEU B 65 20.15 -6.82 5.16
N ASP B 66 20.28 -7.39 6.36
CA ASP B 66 20.83 -6.60 7.48
C ASP B 66 22.24 -6.13 7.09
N THR B 67 23.02 -7.04 6.50
CA THR B 67 24.46 -6.80 6.24
C THR B 67 24.62 -5.65 5.23
N PHE B 68 23.61 -5.42 4.38
CA PHE B 68 23.59 -4.31 3.40
C PHE B 68 23.21 -3.02 4.10
N PHE B 69 22.13 -3.01 4.89
CA PHE B 69 21.46 -1.76 5.33
C PHE B 69 22.13 -1.20 6.60
N LYS B 70 22.83 -2.06 7.36
CA LYS B 70 23.43 -1.72 8.68
C LYS B 70 24.85 -1.15 8.53
N ALA B 71 25.52 -1.44 7.42
CA ALA B 71 26.92 -1.06 7.13
C ALA B 71 27.17 0.45 7.30
N THR B 72 28.37 0.79 7.77
CA THR B 72 28.95 2.16 7.69
C THR B 72 29.45 2.43 6.27
N ASP B 73 29.66 3.71 5.95
CA ASP B 73 30.05 4.23 4.61
C ASP B 73 31.46 3.75 4.26
N ASN B 74 32.26 3.31 5.24
CA ASN B 74 33.64 2.81 5.01
C ASN B 74 33.63 1.30 4.78
N GLU B 75 32.47 0.66 4.97
CA GLU B 75 32.27 -0.79 4.65
C GLU B 75 31.57 -0.91 3.29
N LEU B 76 30.37 -0.33 3.17
CA LEU B 76 29.58 -0.33 1.92
C LEU B 76 29.37 1.14 1.52
N SER B 77 29.91 1.53 0.38
CA SER B 77 29.95 2.96 -0.03
C SER B 77 28.90 3.24 -1.11
N LEU B 78 27.99 4.16 -0.84
CA LEU B 78 27.05 4.76 -1.84
C LEU B 78 27.84 5.64 -2.81
N ARG B 79 28.65 6.56 -2.30
CA ARG B 79 29.46 7.54 -3.09
C ARG B 79 30.32 6.79 -4.12
N ASP B 80 30.93 5.66 -3.76
CA ASP B 80 31.86 4.96 -4.70
C ASP B 80 31.09 4.44 -5.92
N VAL B 81 29.81 4.11 -5.78
CA VAL B 81 29.03 3.44 -6.86
C VAL B 81 28.99 4.40 -8.06
N TYR B 82 28.87 5.71 -7.80
CA TYR B 82 28.54 6.72 -8.84
C TYR B 82 29.58 7.86 -8.87
N ARG B 83 30.64 7.80 -8.06
CA ARG B 83 31.53 8.98 -7.90
C ARG B 83 32.27 9.27 -9.21
N PHE B 84 32.42 8.28 -10.11
CA PHE B 84 33.13 8.49 -11.40
C PHE B 84 32.11 8.74 -12.52
N MET B 85 30.84 8.94 -12.16
CA MET B 85 29.75 9.34 -13.08
C MET B 85 29.98 10.76 -13.59
N ARG B 86 29.62 11.02 -14.85
CA ARG B 86 29.47 12.42 -15.29
C ARG B 86 28.31 13.04 -14.52
N PRO B 87 28.53 14.11 -13.73
CA PRO B 87 27.48 14.65 -12.87
C PRO B 87 26.24 15.14 -13.63
N VAL B 88 25.13 14.41 -13.44
CA VAL B 88 23.80 14.76 -14.02
C VAL B 88 23.26 16.00 -13.29
N PHE B 89 23.60 16.16 -12.01
CA PHE B 89 23.01 17.23 -11.17
C PHE B 89 23.94 18.44 -11.15
N GLY B 90 25.24 18.20 -11.07
CA GLY B 90 26.23 19.29 -10.93
C GLY B 90 27.52 18.81 -10.29
N THR B 91 28.58 19.58 -10.48
CA THR B 91 29.94 19.29 -9.98
C THR B 91 29.99 19.54 -8.47
N GLY B 92 30.53 18.59 -7.70
CA GLY B 92 30.73 18.73 -6.25
C GLY B 92 29.47 18.49 -5.42
N VAL B 93 28.36 18.06 -6.02
CA VAL B 93 27.08 17.80 -5.28
C VAL B 93 26.66 16.34 -5.45
N VAL B 94 25.87 15.87 -4.50
CA VAL B 94 25.31 14.48 -4.47
C VAL B 94 26.48 13.51 -4.65
N TYR B 95 26.50 12.62 -5.67
CA TYR B 95 27.50 11.53 -5.73
C TYR B 95 28.84 12.09 -6.23
N ASP B 96 28.89 13.36 -6.65
CA ASP B 96 30.17 13.99 -7.05
C ASP B 96 30.77 14.77 -5.86
N ALA B 97 30.16 14.72 -4.67
CA ALA B 97 30.65 15.50 -3.52
C ALA B 97 32.01 14.93 -3.08
N ASP B 98 32.85 15.72 -2.41
CA ASP B 98 34.23 15.27 -2.10
C ASP B 98 34.23 14.21 -1.00
N SER B 99 33.14 14.11 -0.22
CA SER B 99 33.00 13.12 0.88
C SER B 99 31.53 12.76 1.06
N THR B 100 31.29 11.62 1.72
CA THR B 100 29.93 11.21 2.16
C THR B 100 29.41 12.19 3.24
N GLU B 101 30.27 12.64 4.16
CA GLU B 101 29.88 13.60 5.22
C GLU B 101 29.36 14.86 4.52
N ARG B 102 30.02 15.32 3.47
CA ARG B 102 29.61 16.54 2.73
C ARG B 102 28.29 16.25 2.00
N MET B 103 28.12 15.05 1.42
CA MET B 103 26.85 14.67 0.76
C MET B 103 25.68 14.78 1.76
N MET B 104 25.89 14.32 3.00
CA MET B 104 24.90 14.32 4.10
C MET B 104 24.61 15.77 4.55
N GLU B 105 25.58 16.68 4.42
CA GLU B 105 25.29 18.12 4.65
C GLU B 105 24.38 18.61 3.52
N GLN B 106 24.63 18.19 2.29
CA GLN B 106 23.80 18.63 1.12
C GLN B 106 22.39 18.07 1.28
N VAL B 107 22.25 16.81 1.68
CA VAL B 107 20.93 16.16 1.95
C VAL B 107 20.16 17.02 2.95
N LYS B 108 20.84 17.46 4.01
CA LYS B 108 20.26 18.32 5.08
C LYS B 108 19.74 19.66 4.53
N PHE B 109 20.37 20.26 3.53
CA PHE B 109 19.87 21.55 2.96
C PHE B 109 18.44 21.33 2.42
N VAL B 110 18.22 20.17 1.79
CA VAL B 110 16.91 19.79 1.20
C VAL B 110 15.95 19.42 2.33
N SER B 111 16.36 18.52 3.24
CA SER B 111 15.47 17.97 4.29
C SER B 111 15.05 19.09 5.24
N SER B 112 15.84 20.15 5.32
CA SER B 112 15.52 21.36 6.12
C SER B 112 14.22 21.99 5.63
N GLY B 113 13.87 21.80 4.35
CA GLY B 113 12.68 22.43 3.74
C GLY B 113 11.44 21.56 3.90
N LEU B 114 11.59 20.39 4.54
CA LEU B 114 10.50 19.38 4.65
C LEU B 114 10.02 19.28 6.11
N THR B 115 9.57 20.38 6.69
CA THR B 115 9.09 20.50 8.08
C THR B 115 7.55 20.37 8.08
N THR B 116 6.99 20.11 9.25
CA THR B 116 5.52 20.14 9.47
C THR B 116 4.99 21.51 9.04
N ALA B 117 5.66 22.58 9.46
CA ALA B 117 5.16 23.94 9.20
C ALA B 117 5.02 24.10 7.69
N ARG B 118 6.02 23.65 6.92
CA ARG B 118 5.98 23.71 5.43
C ARG B 118 4.90 22.75 4.88
N PHE B 119 4.81 21.52 5.38
CA PHE B 119 3.78 20.53 4.96
C PHE B 119 2.38 21.16 5.00
N ARG B 120 2.09 22.00 6.00
CA ARG B 120 0.76 22.66 6.13
C ARG B 120 0.49 23.53 4.90
N VAL B 121 1.51 24.25 4.42
CA VAL B 121 1.42 25.13 3.21
C VAL B 121 1.33 24.27 1.94
N PHE B 122 2.08 23.17 1.88
CA PHE B 122 2.18 22.27 0.70
C PHE B 122 0.76 21.83 0.31
N VAL B 123 -0.09 21.47 1.29
CA VAL B 123 -1.48 21.02 1.02
C VAL B 123 -2.20 22.13 0.26
N ASP B 124 -2.06 23.38 0.71
CA ASP B 124 -2.63 24.57 0.01
C ASP B 124 -2.12 24.62 -1.44
N ILE B 125 -0.85 24.28 -1.65
CA ILE B 125 -0.23 24.36 -3.00
C ILE B 125 -0.80 23.26 -3.90
N PHE B 126 -1.01 22.06 -3.34
CA PHE B 126 -1.66 20.92 -4.04
C PHE B 126 -3.04 21.36 -4.52
N GLU B 127 -3.88 21.90 -3.64
CA GLU B 127 -5.26 22.35 -3.97
C GLU B 127 -5.18 23.37 -5.11
N ASP B 128 -4.23 24.32 -5.03
CA ASP B 128 -4.13 25.46 -5.99
C ASP B 128 -3.80 24.88 -7.37
N GLU B 129 -2.79 24.01 -7.43
CA GLU B 129 -2.28 23.54 -8.73
C GLU B 129 -3.36 22.69 -9.38
N ILE B 130 -4.07 21.86 -8.61
CA ILE B 130 -5.11 20.99 -9.20
C ILE B 130 -6.28 21.85 -9.70
N ALA B 131 -6.65 22.92 -9.01
CA ALA B 131 -7.74 23.86 -9.41
C ALA B 131 -7.41 24.48 -10.78
N HIS B 132 -6.15 24.87 -11.02
CA HIS B 132 -5.71 25.34 -12.36
C HIS B 132 -5.91 24.21 -13.37
N LYS B 133 -5.46 23.01 -12.99
CA LYS B 133 -5.43 21.86 -13.93
C LYS B 133 -6.86 21.49 -14.34
N VAL B 134 -7.77 21.49 -13.36
CA VAL B 134 -9.20 21.08 -13.51
C VAL B 134 -9.84 21.96 -14.59
N LYS B 135 -9.46 23.24 -14.64
CA LYS B 135 -9.97 24.21 -15.66
C LYS B 135 -9.53 23.74 -17.05
N GLU B 136 -8.27 23.32 -17.21
CA GLU B 136 -7.75 22.85 -18.52
C GLU B 136 -8.51 21.58 -18.94
N LEU B 137 -8.81 20.68 -18.00
CA LEU B 137 -9.36 19.32 -18.31
C LEU B 137 -10.84 19.43 -18.69
N GLY B 138 -11.56 20.40 -18.12
CA GLY B 138 -12.99 20.63 -18.40
C GLY B 138 -13.88 19.58 -17.74
N PRO B 139 -15.16 19.52 -18.13
CA PRO B 139 -16.17 18.68 -17.47
C PRO B 139 -15.93 17.17 -17.63
N GLU B 140 -15.41 16.74 -18.77
CA GLU B 140 -15.16 15.29 -19.03
C GLU B 140 -14.15 15.14 -20.17
N GLY B 141 -13.50 13.98 -20.26
CA GLY B 141 -12.54 13.70 -21.33
C GLY B 141 -11.73 12.47 -21.01
N THR B 142 -10.66 12.24 -21.76
CA THR B 142 -9.64 11.21 -21.43
C THR B 142 -8.29 11.92 -21.32
N VAL B 143 -7.42 11.41 -20.44
CA VAL B 143 -6.12 12.05 -20.10
C VAL B 143 -5.12 10.92 -19.82
N ASP B 144 -3.90 11.09 -20.30
CA ASP B 144 -2.76 10.22 -19.93
C ASP B 144 -2.47 10.42 -18.43
N VAL B 145 -2.60 9.36 -17.63
CA VAL B 145 -2.43 9.39 -16.14
C VAL B 145 -0.99 9.83 -15.80
N ALA B 146 0.01 9.20 -16.42
CA ALA B 146 1.46 9.44 -16.15
C ALA B 146 1.79 10.90 -16.47
N GLU B 147 1.26 11.43 -17.57
CA GLU B 147 1.49 12.83 -18.00
C GLU B 147 0.78 13.81 -17.05
N LEU B 148 -0.46 13.49 -16.66
CA LEU B 148 -1.20 14.33 -15.68
C LEU B 148 -0.34 14.44 -14.41
N MET B 149 0.14 13.32 -13.88
CA MET B 149 0.82 13.28 -12.58
C MET B 149 2.19 13.99 -12.67
N ALA B 150 2.93 13.77 -13.75
CA ALA B 150 4.23 14.43 -14.03
C ALA B 150 3.99 15.95 -14.08
N ASP B 151 2.94 16.40 -14.78
CA ASP B 151 2.71 17.85 -15.02
C ASP B 151 2.24 18.53 -13.71
N LEU B 152 1.35 17.88 -12.96
CA LEU B 152 0.91 18.40 -11.64
C LEU B 152 2.12 18.53 -10.71
N ILE B 153 2.96 17.50 -10.62
CA ILE B 153 3.96 17.45 -9.53
C ILE B 153 5.19 18.30 -9.87
N ILE B 154 5.46 18.54 -11.16
CA ILE B 154 6.52 19.52 -11.55
C ILE B 154 6.13 20.90 -11.01
N PHE B 155 4.84 21.26 -10.99
CA PHE B 155 4.36 22.52 -10.38
C PHE B 155 4.36 22.40 -8.85
N THR B 156 3.76 21.36 -8.27
CA THR B 156 3.64 21.29 -6.79
C THR B 156 5.04 21.16 -6.17
N ALA B 157 5.86 20.22 -6.63
CA ALA B 157 7.21 19.95 -6.06
C ALA B 157 8.08 21.20 -6.18
N SER B 158 7.96 21.91 -7.30
CA SER B 158 8.78 23.10 -7.63
C SER B 158 8.45 24.19 -6.61
N ARG B 159 7.15 24.45 -6.40
CA ARG B 159 6.68 25.47 -5.46
C ARG B 159 7.04 25.07 -4.03
N CYS B 160 6.86 23.81 -3.66
CA CYS B 160 7.03 23.34 -2.25
C CYS B 160 8.49 23.56 -1.83
N LEU B 161 9.42 23.18 -2.72
CA LEU B 161 10.89 23.17 -2.45
C LEU B 161 11.51 24.54 -2.77
N LEU B 162 11.11 25.22 -3.85
CA LEU B 162 11.76 26.48 -4.33
C LEU B 162 10.97 27.72 -3.92
N GLY B 163 9.70 27.59 -3.54
CA GLY B 163 8.83 28.75 -3.23
C GLY B 163 8.05 29.20 -4.46
N ASP B 164 7.13 30.16 -4.29
CA ASP B 164 6.10 30.49 -5.31
C ASP B 164 6.70 31.32 -6.46
N GLU B 165 7.92 31.85 -6.30
CA GLU B 165 8.63 32.65 -7.33
C GLU B 165 9.00 31.77 -8.53
N VAL B 166 9.15 30.47 -8.32
CA VAL B 166 9.47 29.53 -9.44
C VAL B 166 8.29 29.44 -10.43
N ARG B 167 7.06 29.70 -10.01
CA ARG B 167 5.87 29.42 -10.86
C ARG B 167 5.98 30.18 -12.20
N GLN B 168 6.27 31.48 -12.16
CA GLN B 168 6.44 32.33 -13.36
C GLN B 168 7.31 31.61 -14.40
N TYR B 169 8.38 30.95 -13.97
CA TYR B 169 9.36 30.31 -14.90
C TYR B 169 8.76 29.04 -15.52
N LEU B 170 7.87 28.33 -14.80
CA LEU B 170 7.18 27.12 -15.33
C LEU B 170 6.12 27.56 -16.36
N SER B 171 5.30 28.57 -16.05
CA SER B 171 4.21 29.06 -16.94
C SER B 171 4.78 29.76 -18.19
N GLU B 172 5.87 30.53 -18.08
CA GLU B 172 6.24 31.56 -19.10
C GLU B 172 7.64 31.32 -19.70
N LYS B 173 8.57 30.65 -19.03
CA LYS B 173 9.99 30.55 -19.49
C LYS B 173 10.41 29.09 -19.71
N ASN B 174 9.46 28.16 -19.80
CA ASN B 174 9.69 26.75 -20.23
C ASN B 174 10.73 26.07 -19.33
N LEU B 175 10.70 26.34 -18.02
CA LEU B 175 11.52 25.59 -17.02
C LEU B 175 11.17 24.09 -17.10
N GLY B 176 9.88 23.77 -17.25
CA GLY B 176 9.39 22.39 -17.37
C GLY B 176 10.07 21.63 -18.51
N LYS B 177 10.17 22.26 -19.67
CA LYS B 177 10.71 21.64 -20.91
C LYS B 177 12.18 21.29 -20.64
N LEU B 178 12.92 22.27 -20.14
CA LEU B 178 14.39 22.14 -19.93
C LEU B 178 14.63 21.12 -18.81
N TYR B 179 13.76 21.11 -17.78
CA TYR B 179 13.83 20.15 -16.66
C TYR B 179 13.70 18.72 -17.18
N HIS B 180 12.76 18.46 -18.09
CA HIS B 180 12.46 17.09 -18.60
C HIS B 180 13.68 16.49 -19.30
N ASP B 181 14.63 17.33 -19.74
CA ASP B 181 15.82 16.91 -20.52
C ASP B 181 17.03 16.67 -19.60
N ILE B 182 16.93 17.07 -18.32
CA ILE B 182 17.98 16.82 -17.28
C ILE B 182 18.28 15.33 -17.26
N ASP B 183 17.26 14.54 -17.60
CA ASP B 183 17.17 13.06 -17.47
C ASP B 183 17.75 12.41 -18.74
N ASP B 184 17.90 13.19 -19.82
CA ASP B 184 17.82 12.67 -21.22
C ASP B 184 18.84 11.56 -21.45
N GLY B 185 18.37 10.40 -21.95
CA GLY B 185 19.23 9.30 -22.45
C GLY B 185 19.74 8.40 -21.33
N ILE B 186 19.30 8.64 -20.09
CA ILE B 186 19.72 7.87 -18.88
C ILE B 186 18.70 6.76 -18.64
N SER B 187 19.14 5.53 -18.90
CA SER B 187 18.38 4.28 -18.62
C SER B 187 19.11 3.52 -17.52
N PRO B 188 18.48 2.50 -16.90
CA PRO B 188 19.12 1.77 -15.80
C PRO B 188 20.33 0.96 -16.29
N LEU B 189 20.64 1.04 -17.60
CA LEU B 189 21.82 0.37 -18.25
C LEU B 189 22.92 1.39 -18.59
N SER B 190 22.58 2.69 -18.63
CA SER B 190 23.56 3.80 -18.75
C SER B 190 24.70 3.61 -17.72
N PHE B 191 24.37 3.10 -16.54
CA PHE B 191 25.30 2.75 -15.44
C PHE B 191 26.50 1.94 -15.94
N PHE B 192 26.27 1.01 -16.88
CA PHE B 192 27.24 -0.05 -17.31
C PHE B 192 28.01 0.38 -18.57
N TYR B 193 27.34 1.05 -19.52
CA TYR B 193 27.99 1.62 -20.74
C TYR B 193 28.96 2.70 -20.30
N PRO B 194 30.10 2.89 -21.00
CA PRO B 194 31.06 3.92 -20.63
C PRO B 194 30.47 5.31 -20.93
N SER B 195 31.22 6.37 -20.58
CA SER B 195 30.83 7.79 -20.77
C SER B 195 30.65 8.11 -22.27
N LEU B 196 29.42 8.37 -22.70
CA LEU B 196 29.11 8.89 -24.07
C LEU B 196 29.03 10.41 -24.00
N PRO B 197 28.90 11.12 -25.14
CA PRO B 197 28.49 12.52 -25.12
C PRO B 197 26.96 12.64 -24.90
N ALA B 198 26.52 13.82 -24.46
CA ALA B 198 25.13 14.12 -24.08
C ALA B 198 24.89 15.63 -24.11
N PRO B 199 24.96 16.26 -25.31
CA PRO B 199 24.80 17.72 -25.43
C PRO B 199 23.40 18.20 -25.06
N LYS B 200 22.38 17.36 -25.31
CA LYS B 200 20.96 17.65 -25.01
C LYS B 200 20.80 17.86 -23.49
N ARG B 201 21.39 16.95 -22.71
CA ARG B 201 21.41 16.99 -21.22
C ARG B 201 22.19 18.23 -20.77
N ASP B 202 23.33 18.50 -21.42
CA ASP B 202 24.18 19.64 -21.02
C ASP B 202 23.41 20.95 -21.30
N LYS B 203 22.65 21.02 -22.40
CA LYS B 203 21.80 22.20 -22.73
C LYS B 203 20.70 22.36 -21.67
N ALA B 204 20.09 21.25 -21.24
CA ALA B 204 19.04 21.23 -20.19
C ALA B 204 19.61 21.84 -18.89
N ARG B 205 20.69 21.25 -18.35
CA ARG B 205 21.28 21.66 -17.05
C ARG B 205 21.71 23.14 -17.06
N LYS B 206 22.42 23.58 -18.11
CA LYS B 206 22.75 25.00 -18.39
C LYS B 206 21.50 25.87 -18.29
N ALA B 207 20.42 25.48 -19.00
CA ALA B 207 19.17 26.27 -19.05
C ALA B 207 18.54 26.32 -17.65
N VAL B 208 18.41 25.18 -16.98
CA VAL B 208 17.77 25.14 -15.62
C VAL B 208 18.66 25.93 -14.65
N GLY B 209 19.98 25.80 -14.77
CA GLY B 209 20.99 26.53 -13.98
C GLY B 209 20.81 28.04 -14.01
N GLU B 210 20.64 28.61 -15.21
CA GLU B 210 20.42 30.06 -15.39
C GLU B 210 19.12 30.48 -14.70
N ILE B 211 18.06 29.67 -14.80
CA ILE B 211 16.79 29.99 -14.11
C ILE B 211 17.01 29.94 -12.59
N PHE B 212 17.71 28.91 -12.09
CA PHE B 212 17.94 28.72 -10.63
C PHE B 212 18.89 29.82 -10.12
N GLN B 213 19.88 30.24 -10.92
CA GLN B 213 20.77 31.37 -10.56
C GLN B 213 19.90 32.62 -10.30
N GLU B 214 18.93 32.87 -11.17
CA GLU B 214 18.05 34.07 -11.08
C GLU B 214 17.17 33.98 -9.82
N LEU B 215 16.61 32.81 -9.51
CA LEU B 215 15.80 32.58 -8.28
C LEU B 215 16.66 32.89 -7.05
N LEU B 216 17.93 32.44 -7.04
CA LEU B 216 18.89 32.68 -5.93
C LEU B 216 19.15 34.20 -5.79
N ASP B 217 19.47 34.87 -6.89
CA ASP B 217 19.73 36.34 -6.94
C ASP B 217 18.51 37.07 -6.38
N LYS B 218 17.31 36.71 -6.85
CA LYS B 218 16.04 37.36 -6.46
C LYS B 218 15.81 37.14 -4.95
N ARG B 219 16.07 35.93 -4.46
CA ARG B 219 15.83 35.57 -3.04
C ARG B 219 16.80 36.36 -2.14
N ARG B 220 18.05 36.59 -2.57
CA ARG B 220 19.03 37.42 -1.82
C ARG B 220 18.47 38.84 -1.61
N GLU B 221 17.92 39.45 -2.67
CA GLU B 221 17.27 40.79 -2.62
C GLU B 221 16.03 40.75 -1.71
N GLU B 222 15.24 39.69 -1.80
CA GLU B 222 14.05 39.48 -0.93
C GLU B 222 14.48 39.39 0.54
N HIS B 223 15.59 38.70 0.86
CA HIS B 223 16.13 38.61 2.24
C HIS B 223 16.46 40.01 2.78
N LYS B 224 17.09 40.86 1.98
CA LYS B 224 17.50 42.25 2.36
C LYS B 224 16.25 43.11 2.62
N LYS B 225 15.17 42.95 1.85
CA LYS B 225 13.91 43.73 2.02
C LYS B 225 13.10 43.18 3.19
N HIS B 226 13.06 41.85 3.36
CA HIS B 226 12.18 41.17 4.35
C HIS B 226 12.99 40.13 5.11
N PRO B 227 14.02 40.54 5.88
CA PRO B 227 14.80 39.60 6.70
C PRO B 227 13.94 38.80 7.70
N GLU B 228 12.79 39.34 8.13
CA GLU B 228 11.85 38.62 9.05
C GLU B 228 11.38 37.31 8.40
N ARG B 229 11.57 37.14 7.10
CA ARG B 229 11.32 35.84 6.40
C ARG B 229 12.09 34.72 7.11
N LEU B 230 13.31 34.98 7.60
CA LEU B 230 14.20 33.91 8.14
C LEU B 230 13.64 33.44 9.49
N LEU B 231 12.66 34.16 10.06
CA LEU B 231 12.00 33.79 11.33
C LEU B 231 10.72 32.99 11.08
N ASP B 232 10.26 32.89 9.82
CA ASP B 232 8.94 32.30 9.45
C ASP B 232 9.11 30.88 8.91
N GLU B 233 8.92 29.86 9.77
CA GLU B 233 9.07 28.42 9.42
C GLU B 233 8.08 28.01 8.31
N SER B 234 6.99 28.74 8.14
CA SER B 234 5.96 28.46 7.10
C SER B 234 6.36 29.07 5.74
N LYS B 235 7.37 29.93 5.69
CA LYS B 235 7.87 30.50 4.40
C LYS B 235 9.22 29.90 4.00
N MET B 236 10.04 29.45 4.96
CA MET B 236 11.42 29.00 4.68
C MET B 236 11.36 27.77 3.76
N ASP B 237 11.96 27.87 2.57
CA ASP B 237 12.06 26.78 1.56
C ASP B 237 13.53 26.42 1.36
N VAL B 238 13.80 25.49 0.46
CA VAL B 238 15.17 24.93 0.27
C VAL B 238 16.09 26.03 -0.28
N VAL B 239 15.55 26.98 -1.04
CA VAL B 239 16.38 28.12 -1.53
C VAL B 239 16.82 28.94 -0.31
N ASP B 240 15.89 29.22 0.63
CA ASP B 240 16.24 30.00 1.85
C ASP B 240 17.33 29.25 2.62
N HIS B 241 17.20 27.93 2.75
CA HIS B 241 18.16 27.11 3.54
C HIS B 241 19.52 27.14 2.82
N LEU B 242 19.54 27.15 1.49
CA LEU B 242 20.83 27.09 0.75
C LEU B 242 21.53 28.45 0.85
N LEU B 243 20.79 29.52 1.06
CA LEU B 243 21.37 30.89 1.19
C LEU B 243 21.83 31.15 2.61
N THR B 244 21.33 30.41 3.61
CA THR B 244 21.58 30.68 5.04
C THR B 244 22.52 29.63 5.66
N GLN B 245 22.60 28.41 5.13
CA GLN B 245 23.39 27.31 5.78
C GLN B 245 24.79 27.23 5.13
N LYS B 246 25.73 26.58 5.81
CA LYS B 246 27.16 26.50 5.41
C LYS B 246 27.70 25.12 5.75
N TYR B 247 28.82 24.75 5.14
CA TYR B 247 29.54 23.50 5.41
C TYR B 247 30.24 23.61 6.77
N LYS B 248 30.22 22.51 7.53
CA LYS B 248 30.93 22.37 8.83
C LYS B 248 32.40 22.79 8.69
N ASP B 249 33.09 22.33 7.65
CA ASP B 249 34.57 22.48 7.51
C ASP B 249 34.91 23.89 7.02
N GLY B 250 33.94 24.76 6.75
CA GLY B 250 34.18 26.18 6.39
C GLY B 250 34.42 26.44 4.91
N GLN B 251 34.55 25.39 4.09
CA GLN B 251 34.68 25.56 2.61
C GLN B 251 33.43 26.30 2.09
N GLU B 252 33.59 27.13 1.06
CA GLU B 252 32.48 28.00 0.61
C GLU B 252 31.39 27.11 0.00
N LEU B 253 30.13 27.34 0.37
CA LEU B 253 28.98 26.87 -0.43
C LEU B 253 28.79 27.84 -1.60
N THR B 254 29.10 27.40 -2.82
CA THR B 254 29.07 28.25 -4.04
C THR B 254 27.67 28.19 -4.64
N ASP B 255 27.32 29.19 -5.46
CA ASP B 255 26.09 29.15 -6.29
C ASP B 255 26.11 27.93 -7.22
N VAL B 256 27.29 27.47 -7.66
CA VAL B 256 27.42 26.23 -8.48
C VAL B 256 26.87 25.06 -7.66
N HIS B 257 27.26 24.93 -6.38
CA HIS B 257 26.73 23.89 -5.45
C HIS B 257 25.21 24.08 -5.27
N ARG B 258 24.76 25.29 -4.98
CA ARG B 258 23.33 25.59 -4.65
C ARG B 258 22.46 25.15 -5.84
N ILE B 259 22.87 25.42 -7.08
CA ILE B 259 22.08 25.08 -8.29
C ILE B 259 22.00 23.54 -8.45
N GLY B 260 23.11 22.81 -8.31
CA GLY B 260 23.14 21.35 -8.44
C GLY B 260 22.27 20.66 -7.40
N ILE B 261 22.31 21.16 -6.17
CA ILE B 261 21.54 20.58 -5.04
C ILE B 261 20.05 20.81 -5.31
N LEU B 262 19.67 22.00 -5.77
CA LEU B 262 18.29 22.32 -6.15
C LEU B 262 17.81 21.38 -7.28
N ILE B 263 18.57 21.26 -8.37
CA ILE B 263 18.19 20.35 -9.49
C ILE B 263 18.00 18.94 -8.90
N ALA B 264 18.92 18.47 -8.06
CA ALA B 264 18.90 17.12 -7.49
C ALA B 264 17.68 16.99 -6.56
N GLY B 265 17.38 18.03 -5.77
CA GLY B 265 16.22 18.02 -4.87
C GLY B 265 14.91 17.91 -5.64
N LEU B 266 14.77 18.73 -6.68
CA LEU B 266 13.60 18.79 -7.58
C LEU B 266 13.42 17.46 -8.32
N PHE B 267 14.49 16.90 -8.88
CA PHE B 267 14.45 15.57 -9.54
C PHE B 267 13.90 14.52 -8.57
N ALA B 268 14.40 14.48 -7.34
CA ALA B 268 13.98 13.48 -6.33
C ALA B 268 12.51 13.72 -5.97
N GLY B 269 12.11 14.99 -5.82
CA GLY B 269 10.77 15.43 -5.39
C GLY B 269 9.66 15.20 -6.41
N GLN B 270 10.01 14.75 -7.62
CA GLN B 270 9.12 14.79 -8.80
C GLN B 270 8.91 13.38 -9.35
N HIS B 271 9.95 12.73 -9.86
CA HIS B 271 9.83 11.52 -10.71
C HIS B 271 9.15 10.39 -9.94
N THR B 272 9.71 10.02 -8.78
CA THR B 272 9.25 8.91 -7.91
C THR B 272 7.81 9.17 -7.44
N SER B 273 7.45 10.43 -7.18
CA SER B 273 6.09 10.81 -6.71
C SER B 273 5.08 10.68 -7.87
N SER B 274 5.45 11.17 -9.04
CA SER B 274 4.55 11.22 -10.23
C SER B 274 4.22 9.79 -10.65
N ILE B 275 5.21 8.89 -10.63
CA ILE B 275 5.07 7.48 -11.04
C ILE B 275 4.20 6.70 -10.03
N THR B 276 4.54 6.76 -8.74
CA THR B 276 3.79 6.11 -7.64
C THR B 276 2.34 6.60 -7.63
N SER B 277 2.13 7.89 -7.90
CA SER B 277 0.80 8.51 -7.98
C SER B 277 0.00 7.81 -9.09
N SER B 278 0.66 7.58 -10.23
CA SER B 278 0.08 6.97 -11.45
C SER B 278 -0.36 5.53 -11.12
N TRP B 279 0.55 4.71 -10.61
CA TRP B 279 0.25 3.30 -10.23
C TRP B 279 -0.89 3.19 -9.22
N THR B 280 -0.89 4.07 -8.21
CA THR B 280 -1.83 4.03 -7.07
C THR B 280 -3.23 4.35 -7.61
N LEU B 281 -3.37 5.44 -8.38
CA LEU B 281 -4.69 5.87 -8.91
C LEU B 281 -5.21 4.80 -9.88
N MET B 282 -4.37 4.34 -10.81
CA MET B 282 -4.75 3.29 -11.79
C MET B 282 -5.38 2.13 -11.03
N ASN B 283 -4.71 1.66 -9.96
CA ASN B 283 -5.08 0.43 -9.22
C ASN B 283 -6.32 0.70 -8.35
N VAL B 284 -6.43 1.89 -7.78
CA VAL B 284 -7.58 2.28 -6.91
C VAL B 284 -8.86 2.26 -7.76
N ILE B 285 -8.84 2.94 -8.92
CA ILE B 285 -10.06 3.18 -9.74
C ILE B 285 -10.41 1.90 -10.51
N SER B 286 -9.52 0.91 -10.59
CA SER B 286 -9.72 -0.37 -11.32
C SER B 286 -10.33 -1.44 -10.42
N ASN B 287 -10.39 -1.23 -9.11
CA ASN B 287 -10.79 -2.26 -8.13
C ASN B 287 -11.98 -1.71 -7.34
N LYS B 288 -13.16 -2.27 -7.58
CA LYS B 288 -14.47 -1.78 -7.07
C LYS B 288 -14.40 -1.65 -5.55
N LYS B 289 -13.93 -2.69 -4.85
CA LYS B 289 -13.90 -2.73 -3.36
C LYS B 289 -12.88 -1.70 -2.87
N VAL B 290 -11.72 -1.60 -3.51
CA VAL B 290 -10.66 -0.62 -3.11
C VAL B 290 -11.21 0.79 -3.31
N LEU B 291 -11.87 1.07 -4.43
CA LEU B 291 -12.46 2.43 -4.72
C LEU B 291 -13.55 2.74 -3.68
N GLU B 292 -14.39 1.75 -3.34
CA GLU B 292 -15.45 1.89 -2.29
C GLU B 292 -14.80 2.38 -0.98
N LYS B 293 -13.79 1.67 -0.49
CA LYS B 293 -13.18 1.95 0.83
C LYS B 293 -12.43 3.28 0.78
N VAL B 294 -11.72 3.56 -0.32
CA VAL B 294 -11.02 4.85 -0.52
C VAL B 294 -12.04 5.98 -0.40
N ARG B 295 -13.15 5.93 -1.15
CA ARG B 295 -14.12 7.07 -1.15
C ARG B 295 -14.81 7.17 0.21
N LYS B 296 -15.04 6.04 0.89
CA LYS B 296 -15.67 6.02 2.24
C LYS B 296 -14.74 6.75 3.24
N GLU B 297 -13.45 6.38 3.24
CA GLU B 297 -12.39 7.09 4.01
C GLU B 297 -12.44 8.59 3.72
N GLN B 298 -12.40 8.98 2.44
CA GLN B 298 -12.39 10.40 2.03
C GLN B 298 -13.62 11.13 2.58
N GLU B 299 -14.80 10.52 2.41
CA GLU B 299 -16.12 11.04 2.89
C GLU B 299 -16.07 11.26 4.41
N GLU B 300 -15.64 10.25 5.18
CA GLU B 300 -15.46 10.33 6.65
C GLU B 300 -14.52 11.51 7.01
N ILE B 301 -13.34 11.59 6.37
CA ILE B 301 -12.30 12.62 6.70
C ILE B 301 -12.84 14.01 6.35
N MET B 302 -13.41 14.18 5.16
CA MET B 302 -13.74 15.53 4.60
C MET B 302 -14.91 16.16 5.40
N GLY B 303 -15.78 15.34 6.00
CA GLY B 303 -17.04 15.84 6.60
C GLY B 303 -17.75 16.82 5.67
N SER B 304 -18.05 18.02 6.14
CA SER B 304 -18.77 19.05 5.33
C SER B 304 -17.80 20.14 4.88
N ASP B 305 -16.50 19.90 5.08
CA ASP B 305 -15.40 20.74 4.51
C ASP B 305 -15.30 20.45 3.00
N LYS B 306 -14.81 21.43 2.26
CA LYS B 306 -14.77 21.44 0.78
C LYS B 306 -13.31 21.24 0.31
N VAL B 307 -12.31 21.63 1.10
CA VAL B 307 -10.87 21.53 0.69
C VAL B 307 -10.08 20.74 1.72
N LEU B 308 -8.94 20.22 1.32
CA LEU B 308 -7.98 19.50 2.19
C LEU B 308 -7.25 20.50 3.10
N ASP B 309 -6.75 19.96 4.21
CA ASP B 309 -5.68 20.56 5.05
C ASP B 309 -4.79 19.40 5.54
N TYR B 310 -3.73 19.72 6.28
CA TYR B 310 -2.68 18.78 6.71
C TYR B 310 -3.30 17.67 7.55
N ASP B 311 -4.12 18.00 8.55
CA ASP B 311 -4.67 17.01 9.54
C ASP B 311 -5.55 15.97 8.83
N LYS B 312 -6.30 16.38 7.80
CA LYS B 312 -7.13 15.44 6.99
C LYS B 312 -6.23 14.43 6.29
N VAL B 313 -5.18 14.89 5.60
CA VAL B 313 -4.31 13.98 4.80
C VAL B 313 -3.65 12.98 5.77
N MET B 314 -3.28 13.45 6.96
CA MET B 314 -2.56 12.61 7.96
C MET B 314 -3.51 11.51 8.50
N LYS B 315 -4.82 11.62 8.28
CA LYS B 315 -5.81 10.57 8.70
C LYS B 315 -6.04 9.51 7.62
N MET B 316 -5.63 9.76 6.37
CA MET B 316 -6.02 8.93 5.20
C MET B 316 -5.18 7.64 5.20
N ASP B 317 -5.40 6.78 6.19
CA ASP B 317 -4.58 5.54 6.42
C ASP B 317 -4.77 4.54 5.29
N TYR B 318 -6.01 4.37 4.80
CA TYR B 318 -6.30 3.36 3.74
C TYR B 318 -5.70 3.83 2.40
N LEU B 319 -5.81 5.13 2.09
CA LEU B 319 -5.23 5.65 0.83
C LEU B 319 -3.71 5.54 0.94
N GLU B 320 -3.13 5.64 2.14
CA GLU B 320 -1.67 5.48 2.33
C GLU B 320 -1.29 4.03 2.08
N ALA B 321 -2.11 3.06 2.53
CA ALA B 321 -1.83 1.63 2.28
C ALA B 321 -1.86 1.35 0.78
N CYS B 322 -2.77 2.01 0.05
CA CYS B 322 -2.91 1.86 -1.41
C CYS B 322 -1.58 2.28 -2.07
N MET B 323 -1.00 3.40 -1.63
CA MET B 323 0.27 3.91 -2.17
C MET B 323 1.44 2.97 -1.78
N LYS B 324 1.44 2.43 -0.56
CA LYS B 324 2.50 1.47 -0.13
C LYS B 324 2.35 0.14 -0.87
N GLU B 325 1.11 -0.20 -1.27
CA GLU B 325 0.85 -1.43 -2.08
C GLU B 325 1.37 -1.17 -3.50
N ALA B 326 1.14 0.04 -4.03
CA ALA B 326 1.71 0.49 -5.32
C ALA B 326 3.24 0.45 -5.22
N LEU B 327 3.79 0.92 -4.08
CA LEU B 327 5.26 0.93 -3.85
C LEU B 327 5.78 -0.50 -3.77
N ARG B 328 5.01 -1.42 -3.17
CA ARG B 328 5.46 -2.84 -3.09
C ARG B 328 5.58 -3.41 -4.52
N MET B 329 4.58 -3.18 -5.37
CA MET B 329 4.43 -3.91 -6.66
C MET B 329 5.26 -3.24 -7.76
N TYR B 330 5.37 -1.91 -7.76
CA TYR B 330 6.00 -1.14 -8.87
C TYR B 330 6.94 -0.09 -8.31
N PRO B 331 7.98 -0.47 -7.56
CA PRO B 331 8.88 0.50 -6.97
C PRO B 331 9.62 1.22 -8.11
N PRO B 332 9.68 2.57 -8.07
CA PRO B 332 10.25 3.37 -9.16
C PRO B 332 11.78 3.34 -9.18
N LEU B 333 12.38 2.99 -8.05
CA LEU B 333 13.84 2.70 -7.94
C LEU B 333 13.97 1.20 -7.70
N ILE B 334 14.48 0.51 -8.73
CA ILE B 334 14.39 -0.97 -8.88
C ILE B 334 15.65 -1.64 -8.28
N MET B 335 16.72 -0.86 -8.09
CA MET B 335 17.98 -1.37 -7.50
C MET B 335 18.58 -0.32 -6.58
N ILE B 336 18.95 -0.74 -5.37
CA ILE B 336 19.77 0.08 -4.43
C ILE B 336 21.15 -0.58 -4.40
N MET B 337 22.18 0.21 -4.55
CA MET B 337 23.56 -0.30 -4.79
C MET B 337 24.55 0.33 -3.80
N ARG B 338 25.51 -0.48 -3.34
CA ARG B 338 26.69 -0.01 -2.55
C ARG B 338 27.94 -0.71 -3.09
N MET B 339 29.09 -0.04 -3.02
CA MET B 339 30.43 -0.61 -3.37
C MET B 339 31.04 -1.20 -2.11
N ALA B 340 31.47 -2.46 -2.13
CA ALA B 340 32.22 -3.05 -1.00
C ALA B 340 33.64 -2.47 -0.98
N ARG B 341 33.94 -1.64 0.02
CA ARG B 341 35.29 -1.04 0.23
C ARG B 341 36.17 -2.02 1.01
N LYS B 342 35.56 -3.03 1.64
CA LYS B 342 36.32 -4.20 2.14
C LYS B 342 35.45 -5.44 1.98
N PRO B 343 36.00 -6.66 2.17
CA PRO B 343 35.17 -7.85 2.05
C PRO B 343 33.95 -7.71 2.98
N ARG B 344 32.77 -8.12 2.52
CA ARG B 344 31.53 -8.03 3.33
C ARG B 344 31.01 -9.43 3.66
N GLU B 345 30.95 -9.78 4.95
CA GLU B 345 30.31 -11.03 5.41
C GLU B 345 28.82 -10.95 5.05
N CYS B 346 28.28 -12.06 4.54
CA CYS B 346 26.86 -12.21 4.15
C CYS B 346 26.47 -13.68 4.30
N GLU B 347 25.82 -14.03 5.41
CA GLU B 347 25.56 -15.44 5.83
C GLU B 347 26.88 -16.22 5.81
N GLN B 348 26.99 -17.30 5.03
CA GLN B 348 28.18 -18.19 5.02
C GLN B 348 29.22 -17.64 4.04
N TYR B 349 28.92 -16.54 3.34
CA TYR B 349 29.78 -16.00 2.25
C TYR B 349 30.52 -14.74 2.71
N ILE B 350 31.66 -14.48 2.07
CA ILE B 350 32.35 -13.16 2.09
C ILE B 350 32.29 -12.58 0.68
N ILE B 351 31.59 -11.45 0.51
CA ILE B 351 31.54 -10.73 -0.79
C ILE B 351 32.83 -9.96 -0.96
N PRO B 352 33.58 -10.13 -2.07
CA PRO B 352 34.90 -9.51 -2.25
C PRO B 352 34.87 -7.98 -2.31
N LYS B 353 35.92 -7.36 -1.78
CA LYS B 353 36.26 -5.92 -1.98
C LYS B 353 36.09 -5.58 -3.46
N GLY B 354 35.42 -4.46 -3.79
CA GLY B 354 35.28 -3.98 -5.17
C GLY B 354 33.99 -4.45 -5.84
N ASN B 355 33.32 -5.47 -5.30
CA ASN B 355 31.97 -5.89 -5.79
C ASN B 355 30.95 -4.79 -5.47
N ILE B 356 29.96 -4.60 -6.34
CA ILE B 356 28.75 -3.79 -6.00
C ILE B 356 27.65 -4.74 -5.49
N LEU B 357 27.17 -4.49 -4.27
CA LEU B 357 26.00 -5.19 -3.68
C LEU B 357 24.74 -4.50 -4.18
N VAL B 358 23.75 -5.32 -4.55
CA VAL B 358 22.46 -4.84 -5.13
C VAL B 358 21.32 -5.46 -4.32
N VAL B 359 20.42 -4.58 -3.90
CA VAL B 359 19.12 -4.93 -3.27
C VAL B 359 18.09 -4.30 -4.20
N SER B 360 17.05 -5.07 -4.51
CA SER B 360 16.00 -4.69 -5.47
C SER B 360 14.67 -4.62 -4.72
N PRO B 361 14.12 -3.40 -4.52
CA PRO B 361 12.74 -3.27 -4.08
C PRO B 361 11.81 -4.11 -4.96
N SER B 362 12.04 -4.19 -6.28
CA SER B 362 11.13 -4.95 -7.18
C SER B 362 11.01 -6.40 -6.71
N VAL B 363 12.15 -7.03 -6.47
CA VAL B 363 12.26 -8.45 -6.04
C VAL B 363 11.68 -8.61 -4.62
N ALA B 364 12.07 -7.74 -3.69
CA ALA B 364 11.53 -7.66 -2.32
C ALA B 364 9.99 -7.71 -2.37
N GLY B 365 9.39 -6.89 -3.24
CA GLY B 365 7.92 -6.76 -3.33
C GLY B 365 7.22 -8.04 -3.79
N ARG B 366 7.90 -8.98 -4.46
CA ARG B 366 7.26 -10.20 -5.03
C ARG B 366 7.70 -11.44 -4.25
N CYS B 367 8.49 -11.24 -3.20
CA CYS B 367 9.01 -12.37 -2.38
C CYS B 367 7.84 -13.08 -1.68
N THR B 368 7.65 -14.37 -1.97
CA THR B 368 6.49 -15.13 -1.45
C THR B 368 6.72 -15.49 0.02
N ASP B 369 7.96 -15.45 0.51
CA ASP B 369 8.24 -15.62 1.96
C ASP B 369 7.63 -14.44 2.73
N THR B 370 7.43 -13.30 2.07
CA THR B 370 6.94 -12.05 2.69
C THR B 370 5.45 -11.88 2.43
N TYR B 371 5.02 -12.07 1.20
CA TYR B 371 3.70 -11.62 0.72
C TYR B 371 2.98 -12.79 0.04
N THR B 372 1.72 -13.02 0.42
CA THR B 372 0.83 -13.99 -0.27
C THR B 372 0.25 -13.35 -1.53
N ASN B 373 0.13 -14.14 -2.62
CA ASN B 373 -0.41 -13.71 -3.94
C ASN B 373 0.11 -12.32 -4.30
N PRO B 374 1.45 -12.18 -4.41
CA PRO B 374 2.08 -10.87 -4.56
C PRO B 374 1.80 -10.14 -5.87
N ASP B 375 1.24 -10.80 -6.91
CA ASP B 375 0.89 -10.13 -8.18
C ASP B 375 -0.50 -9.49 -8.04
N VAL B 376 -1.14 -9.58 -6.88
CA VAL B 376 -2.47 -8.94 -6.69
C VAL B 376 -2.28 -7.69 -5.82
N PHE B 377 -2.77 -6.57 -6.33
CA PHE B 377 -2.95 -5.31 -5.59
C PHE B 377 -4.01 -5.55 -4.50
N ASP B 378 -3.59 -5.54 -3.24
CA ASP B 378 -4.38 -5.96 -2.07
C ASP B 378 -3.91 -5.16 -0.85
N PRO B 379 -4.38 -3.91 -0.69
CA PRO B 379 -3.93 -3.05 0.39
C PRO B 379 -4.15 -3.64 1.80
N GLU B 380 -5.18 -4.47 1.94
CA GLU B 380 -5.53 -5.18 3.20
C GLU B 380 -4.39 -6.13 3.62
N ARG B 381 -3.51 -6.55 2.69
CA ARG B 381 -2.30 -7.36 3.05
C ARG B 381 -1.44 -6.55 4.04
N LEU B 382 -1.58 -5.22 4.03
CA LEU B 382 -0.81 -4.35 4.95
C LEU B 382 -1.67 -4.00 6.18
N THR B 383 -2.85 -3.43 5.96
CA THR B 383 -3.76 -2.90 7.02
C THR B 383 -4.28 -4.07 7.87
N GLU B 384 -4.63 -5.21 7.26
CA GLU B 384 -5.24 -6.37 7.99
C GLU B 384 -4.14 -7.37 8.41
N ARG B 385 -3.33 -7.84 7.47
CA ARG B 385 -2.43 -9.02 7.65
C ARG B 385 -1.02 -8.57 8.03
N LYS B 386 -0.72 -7.27 7.99
CA LYS B 386 0.60 -6.69 8.40
C LYS B 386 1.75 -7.45 7.72
N GLU B 387 1.65 -7.78 6.43
CA GLU B 387 2.68 -8.62 5.75
C GLU B 387 3.98 -7.81 5.66
N HIS B 388 3.91 -6.48 5.60
CA HIS B 388 5.12 -5.61 5.58
C HIS B 388 5.91 -5.73 6.89
N GLU B 389 5.33 -6.30 7.96
CA GLU B 389 5.96 -6.33 9.31
C GLU B 389 6.57 -7.72 9.60
N LYS B 390 6.35 -8.72 8.77
CA LYS B 390 6.91 -10.07 9.04
C LYS B 390 8.44 -10.03 9.17
N PHE B 391 9.13 -9.39 8.22
CA PHE B 391 10.61 -9.20 8.22
C PHE B 391 10.92 -7.71 8.41
N LYS B 392 12.00 -7.42 9.15
CA LYS B 392 12.52 -6.04 9.31
C LYS B 392 12.71 -5.37 7.92
N TYR B 393 13.25 -6.08 6.95
CA TYR B 393 13.58 -5.56 5.59
C TYR B 393 12.64 -6.16 4.53
N GLY B 394 11.41 -6.52 4.90
CA GLY B 394 10.43 -7.12 3.96
C GLY B 394 9.90 -6.10 2.98
N ALA B 395 9.82 -4.84 3.40
CA ALA B 395 9.34 -3.67 2.60
C ALA B 395 10.45 -2.60 2.60
N VAL B 396 11.07 -2.30 1.45
CA VAL B 396 12.22 -1.35 1.37
C VAL B 396 12.05 -0.38 0.20
N PRO B 397 10.83 0.09 -0.13
CA PRO B 397 10.68 0.89 -1.35
C PRO B 397 11.42 2.22 -1.16
N PHE B 398 11.55 2.68 0.09
CA PHE B 398 12.19 3.95 0.53
C PHE B 398 13.55 3.63 1.15
N GLY B 399 14.05 2.40 0.97
CA GLY B 399 15.35 1.97 1.49
C GLY B 399 15.33 1.82 2.99
N ALA B 400 16.49 1.80 3.63
CA ALA B 400 16.61 1.53 5.08
C ALA B 400 18.01 1.93 5.55
N GLY B 401 18.18 2.05 6.85
CA GLY B 401 19.44 2.48 7.49
C GLY B 401 19.79 3.91 7.13
N ARG B 402 21.10 4.17 7.08
CA ARG B 402 21.75 5.50 6.95
C ARG B 402 21.13 6.30 5.81
N HIS B 403 21.01 5.71 4.61
CA HIS B 403 20.68 6.43 3.36
C HIS B 403 19.19 6.29 3.03
N LYS B 404 18.38 5.88 4.01
CA LYS B 404 16.91 5.84 3.90
C LYS B 404 16.45 7.14 3.25
N CYS B 405 15.42 7.11 2.40
CA CYS B 405 14.79 8.30 1.79
C CYS B 405 14.41 9.30 2.88
N ILE B 406 14.88 10.55 2.77
CA ILE B 406 14.45 11.64 3.68
C ILE B 406 13.18 12.29 3.11
N GLY B 407 12.74 11.86 1.92
CA GLY B 407 11.58 12.46 1.24
C GLY B 407 10.28 11.71 1.51
N GLU B 408 10.33 10.64 2.30
CA GLU B 408 9.21 9.70 2.47
C GLU B 408 7.95 10.46 2.90
N ASN B 409 8.01 11.28 3.94
CA ASN B 409 6.77 11.89 4.47
C ASN B 409 6.23 12.92 3.47
N PHE B 410 7.11 13.64 2.79
CA PHE B 410 6.69 14.58 1.73
C PHE B 410 6.01 13.79 0.59
N ALA B 411 6.62 12.70 0.12
CA ALA B 411 6.06 11.92 -1.02
C ALA B 411 4.66 11.38 -0.64
N LEU B 412 4.52 10.85 0.58
CA LEU B 412 3.20 10.38 1.06
C LEU B 412 2.23 11.56 1.06
N LEU B 413 2.63 12.70 1.59
CA LEU B 413 1.72 13.89 1.67
C LEU B 413 1.27 14.27 0.26
N GLN B 414 2.21 14.30 -0.69
CA GLN B 414 2.01 14.85 -2.05
C GLN B 414 1.10 13.87 -2.81
N VAL B 415 1.42 12.58 -2.80
CA VAL B 415 0.64 11.60 -3.60
C VAL B 415 -0.74 11.44 -2.95
N LYS B 416 -0.85 11.43 -1.62
CA LYS B 416 -2.16 11.21 -0.95
C LYS B 416 -3.06 12.41 -1.21
N SER B 417 -2.48 13.60 -1.17
CA SER B 417 -3.23 14.88 -1.40
C SER B 417 -3.79 14.90 -2.82
N ILE B 418 -2.93 14.68 -3.80
CA ILE B 418 -3.27 14.77 -5.26
C ILE B 418 -4.38 13.76 -5.59
N ILE B 419 -4.24 12.53 -5.13
CA ILE B 419 -5.25 11.47 -5.35
C ILE B 419 -6.55 11.83 -4.61
N SER B 420 -6.47 12.26 -3.35
CA SER B 420 -7.68 12.69 -2.59
C SER B 420 -8.39 13.75 -3.43
N ILE B 421 -7.66 14.74 -3.95
CA ILE B 421 -8.32 15.93 -4.56
C ILE B 421 -8.90 15.52 -5.93
N LEU B 422 -8.19 14.73 -6.71
CA LEU B 422 -8.70 14.24 -8.02
C LEU B 422 -10.02 13.47 -7.83
N LEU B 423 -10.07 12.58 -6.83
CA LEU B 423 -11.27 11.80 -6.49
C LEU B 423 -12.42 12.75 -6.06
N ARG B 424 -12.10 13.86 -5.43
CA ARG B 424 -13.11 14.84 -5.00
C ARG B 424 -13.71 15.52 -6.23
N TYR B 425 -12.92 15.83 -7.25
CA TYR B 425 -13.41 16.52 -8.47
C TYR B 425 -14.12 15.53 -9.43
N PHE B 426 -13.55 14.33 -9.58
CA PHE B 426 -13.81 13.47 -10.77
C PHE B 426 -14.23 12.05 -10.36
N ASP B 427 -15.14 11.49 -11.17
CA ASP B 427 -15.26 10.03 -11.41
C ASP B 427 -14.22 9.67 -12.47
N MET B 428 -13.51 8.58 -12.28
CA MET B 428 -12.40 8.17 -13.18
C MET B 428 -12.45 6.67 -13.41
N GLU B 429 -12.20 6.27 -14.66
CA GLU B 429 -12.13 4.85 -15.08
C GLU B 429 -10.83 4.68 -15.86
N TYR B 430 -10.08 3.63 -15.58
CA TYR B 430 -8.87 3.26 -16.35
C TYR B 430 -9.28 2.57 -17.67
N ILE B 431 -8.68 3.01 -18.77
CA ILE B 431 -8.88 2.42 -20.12
C ILE B 431 -7.90 1.26 -20.30
N GLY B 432 -8.41 0.04 -20.33
CA GLY B 432 -7.64 -1.18 -20.66
C GLY B 432 -6.95 -1.81 -19.46
N LYS B 433 -5.99 -2.69 -19.74
CA LYS B 433 -5.24 -3.52 -18.76
C LYS B 433 -4.19 -2.62 -18.08
N ILE B 434 -4.04 -2.74 -16.76
CA ILE B 434 -2.90 -2.10 -16.03
C ILE B 434 -1.62 -2.67 -16.60
N PRO B 435 -0.72 -1.83 -17.16
CA PRO B 435 0.50 -2.35 -17.78
C PRO B 435 1.56 -2.82 -16.78
N ASP B 436 2.63 -3.35 -17.37
CA ASP B 436 3.90 -3.71 -16.69
C ASP B 436 4.75 -2.44 -16.56
N PRO B 437 5.73 -2.47 -15.63
CA PRO B 437 6.75 -1.43 -15.60
C PRO B 437 7.60 -1.51 -16.87
N SER B 438 8.19 -0.39 -17.28
CA SER B 438 9.11 -0.29 -18.45
C SER B 438 10.52 0.08 -17.97
N TYR B 439 11.48 -0.82 -18.18
CA TYR B 439 12.84 -0.75 -17.55
C TYR B 439 13.79 0.00 -18.50
N THR B 440 13.36 1.16 -18.99
CA THR B 440 14.02 1.92 -20.08
C THR B 440 14.36 3.33 -19.59
N SER B 441 14.11 3.64 -18.31
CA SER B 441 14.37 4.98 -17.73
C SER B 441 15.08 4.81 -16.39
N LEU B 442 15.64 5.88 -15.84
CA LEU B 442 16.34 5.88 -14.54
C LEU B 442 15.32 5.58 -13.43
N VAL B 443 14.31 6.44 -13.33
CA VAL B 443 13.09 6.23 -12.51
C VAL B 443 12.07 5.48 -13.38
N VAL B 444 11.73 4.24 -13.01
CA VAL B 444 10.88 3.36 -13.87
C VAL B 444 9.42 3.51 -13.47
N GLY B 445 8.59 3.74 -14.48
CA GLY B 445 7.13 3.85 -14.37
C GLY B 445 6.44 2.92 -15.36
N PRO B 446 5.10 3.03 -15.50
CA PRO B 446 4.35 2.11 -16.35
C PRO B 446 4.70 2.19 -17.84
N SER B 447 4.47 1.07 -18.56
CA SER B 447 4.59 1.03 -20.04
C SER B 447 3.79 2.22 -20.56
N PRO B 448 4.36 3.08 -21.44
CA PRO B 448 3.77 4.38 -21.75
C PRO B 448 2.26 4.63 -21.90
N PRO B 449 1.49 3.93 -22.76
CA PRO B 449 0.09 4.30 -22.98
C PRO B 449 -0.72 4.00 -21.70
N THR B 450 -1.05 5.02 -20.89
CA THR B 450 -1.84 4.87 -19.63
C THR B 450 -2.95 5.91 -19.61
N ARG B 451 -4.11 5.60 -20.19
CA ARG B 451 -5.23 6.58 -20.32
C ARG B 451 -6.34 6.21 -19.34
N MET B 452 -7.05 7.23 -18.88
CA MET B 452 -8.24 7.09 -18.02
C MET B 452 -9.29 8.07 -18.52
N ARG B 453 -10.56 7.72 -18.29
CA ARG B 453 -11.70 8.64 -18.51
C ARG B 453 -11.94 9.34 -17.19
N TYR B 454 -12.31 10.61 -17.27
CA TYR B 454 -12.71 11.44 -16.12
C TYR B 454 -14.01 12.15 -16.47
N LYS B 455 -14.77 12.47 -15.43
CA LYS B 455 -16.01 13.28 -15.54
C LYS B 455 -16.23 14.00 -14.20
N LEU B 456 -16.49 15.30 -14.23
CA LEU B 456 -16.84 16.07 -13.01
C LEU B 456 -17.90 15.30 -12.22
N ARG B 457 -17.74 15.21 -10.89
CA ARG B 457 -18.70 14.53 -9.99
C ARG B 457 -19.90 15.45 -9.72
N LYS B 458 -21.05 14.82 -9.43
CA LYS B 458 -22.40 15.44 -9.38
C LYS B 458 -22.56 16.27 -8.10
N LYS C 10 27.31 -22.86 -51.28
CA LYS C 10 28.23 -21.79 -51.74
C LYS C 10 28.09 -20.55 -50.82
N LEU C 11 27.99 -20.76 -49.50
CA LEU C 11 27.70 -19.65 -48.54
C LEU C 11 28.93 -18.76 -48.39
N PRO C 12 28.76 -17.41 -48.26
CA PRO C 12 29.87 -16.55 -47.89
C PRO C 12 30.51 -17.01 -46.57
N PRO C 13 31.81 -16.75 -46.30
CA PRO C 13 32.37 -17.06 -44.99
C PRO C 13 31.61 -16.34 -43.88
N ARG C 14 31.45 -17.01 -42.73
CA ARG C 14 30.72 -16.48 -41.54
C ARG C 14 31.70 -15.87 -40.55
N VAL C 15 31.31 -14.77 -39.88
CA VAL C 15 31.92 -14.35 -38.59
C VAL C 15 31.40 -15.30 -37.52
N PRO C 16 32.29 -16.03 -36.82
CA PRO C 16 31.88 -17.01 -35.81
C PRO C 16 31.05 -16.34 -34.69
N ASN C 17 29.84 -16.85 -34.47
CA ASN C 17 28.95 -16.43 -33.35
C ASN C 17 29.74 -16.59 -32.04
N LEU C 18 29.86 -15.53 -31.25
CA LEU C 18 30.29 -15.62 -29.83
C LEU C 18 29.18 -16.30 -29.03
N ILE C 19 27.91 -15.91 -29.26
CA ILE C 19 26.71 -16.50 -28.58
C ILE C 19 25.64 -16.79 -29.63
N PRO C 20 24.80 -17.84 -29.42
CA PRO C 20 23.64 -18.06 -30.29
C PRO C 20 22.62 -16.91 -30.24
N TYR C 21 22.02 -16.63 -31.39
CA TYR C 21 20.97 -15.59 -31.64
C TYR C 21 21.57 -14.18 -31.60
N VAL C 22 22.25 -13.83 -30.50
CA VAL C 22 22.87 -12.47 -30.38
C VAL C 22 23.99 -12.40 -31.43
N GLY C 23 24.69 -13.52 -31.65
CA GLY C 23 25.70 -13.66 -32.71
C GLY C 23 26.86 -12.70 -32.52
N SER C 24 27.04 -11.76 -33.46
CA SER C 24 28.19 -10.81 -33.50
C SER C 24 27.76 -9.44 -32.98
N PHE C 25 26.54 -9.32 -32.43
CA PHE C 25 25.90 -8.02 -32.09
C PHE C 25 26.81 -7.19 -31.18
N VAL C 26 27.54 -7.83 -30.24
CA VAL C 26 28.31 -7.10 -29.18
C VAL C 26 29.41 -6.29 -29.87
N SER C 27 30.29 -6.89 -30.69
CA SER C 27 31.37 -6.17 -31.42
C SER C 27 30.78 -5.20 -32.45
N PHE C 28 29.65 -5.54 -33.06
CA PHE C 28 28.91 -4.70 -34.05
C PHE C 28 28.41 -3.43 -33.37
N ALA C 29 27.86 -3.57 -32.16
CA ALA C 29 27.28 -2.49 -31.31
C ALA C 29 28.36 -1.52 -30.82
N LYS C 30 29.55 -2.01 -30.46
CA LYS C 30 30.72 -1.16 -30.12
C LYS C 30 30.94 -0.17 -31.25
N ASN C 31 31.04 -0.66 -32.49
CA ASN C 31 31.33 0.18 -33.69
C ASN C 31 30.97 -0.58 -34.97
N PRO C 32 29.84 -0.25 -35.64
CA PRO C 32 29.39 -1.00 -36.80
C PRO C 32 30.38 -0.89 -37.96
N VAL C 33 30.92 0.31 -38.19
CA VAL C 33 31.89 0.51 -39.31
C VAL C 33 33.16 -0.28 -39.03
N GLN C 34 33.72 -0.20 -37.82
CA GLN C 34 34.98 -0.92 -37.49
C GLN C 34 34.71 -2.43 -37.59
N PHE C 35 33.52 -2.86 -37.19
CA PHE C 35 33.12 -4.29 -37.26
C PHE C 35 33.26 -4.77 -38.71
N ILE C 36 32.75 -3.98 -39.68
CA ILE C 36 32.76 -4.35 -41.12
C ILE C 36 34.20 -4.28 -41.64
N ILE C 37 34.94 -3.24 -41.27
CA ILE C 37 36.38 -3.13 -41.66
C ILE C 37 37.18 -4.33 -41.12
N ASP C 38 37.09 -4.64 -39.82
CA ASP C 38 37.89 -5.73 -39.20
C ASP C 38 37.57 -7.05 -39.91
N ASN C 39 36.29 -7.33 -40.14
CA ASN C 39 35.82 -8.66 -40.62
C ASN C 39 36.11 -8.77 -42.13
N SER C 40 36.14 -7.66 -42.87
CA SER C 40 36.59 -7.61 -44.27
C SER C 40 38.05 -8.08 -44.36
N LYS C 41 38.90 -7.45 -43.56
CA LYS C 41 40.33 -7.78 -43.47
C LYS C 41 40.46 -9.27 -43.17
N LYS C 42 39.67 -9.82 -42.25
CA LYS C 42 39.73 -11.24 -41.81
C LYS C 42 39.12 -12.18 -42.86
N TYR C 43 37.89 -11.91 -43.34
CA TYR C 43 37.04 -12.91 -44.04
C TYR C 43 36.84 -12.58 -45.54
N GLY C 44 37.30 -11.43 -46.04
CA GLY C 44 37.29 -11.10 -47.49
C GLY C 44 36.15 -10.18 -47.90
N ASP C 45 35.93 -10.05 -49.21
CA ASP C 45 35.04 -9.03 -49.86
C ASP C 45 33.56 -9.22 -49.46
N VAL C 46 33.16 -10.44 -49.13
CA VAL C 46 31.75 -10.68 -48.68
C VAL C 46 31.78 -11.64 -47.50
N PHE C 47 31.05 -11.33 -46.43
CA PHE C 47 30.92 -12.26 -45.27
C PHE C 47 29.57 -12.06 -44.59
N THR C 48 29.11 -13.09 -43.89
CA THR C 48 27.81 -13.10 -43.16
C THR C 48 28.08 -13.06 -41.66
N ALA C 49 27.25 -12.35 -40.92
CA ALA C 49 27.18 -12.39 -39.44
C ALA C 49 25.72 -12.52 -39.01
N THR C 50 25.48 -13.29 -37.96
CA THR C 50 24.18 -13.26 -37.23
C THR C 50 24.26 -12.10 -36.24
N ILE C 51 23.22 -11.26 -36.20
CA ILE C 51 23.17 -10.10 -35.26
C ILE C 51 21.74 -10.00 -34.73
N LEU C 52 21.54 -10.37 -33.47
CA LEU C 52 20.19 -10.44 -32.84
C LEU C 52 19.21 -11.11 -33.81
N GLY C 53 19.59 -12.29 -34.31
CA GLY C 53 18.69 -13.20 -35.06
C GLY C 53 18.46 -12.77 -36.50
N LYS C 54 19.14 -11.72 -36.97
CA LYS C 54 19.15 -11.34 -38.41
C LYS C 54 20.45 -11.89 -39.02
N GLU C 55 20.31 -12.60 -40.13
CA GLU C 55 21.42 -12.95 -41.06
C GLU C 55 21.76 -11.71 -41.92
N MET C 56 22.93 -11.11 -41.66
CA MET C 56 23.40 -9.85 -42.27
C MET C 56 24.62 -10.17 -43.16
N THR C 57 24.50 -10.17 -44.48
CA THR C 57 25.64 -10.38 -45.42
C THR C 57 26.19 -9.04 -45.91
N PHE C 58 27.47 -8.78 -45.62
CA PHE C 58 28.18 -7.51 -45.89
C PHE C 58 29.01 -7.60 -47.17
N LEU C 59 28.81 -6.64 -48.10
CA LEU C 59 29.58 -6.53 -49.38
C LEU C 59 30.51 -5.32 -49.28
N ASN C 60 31.82 -5.55 -49.37
CA ASN C 60 32.81 -4.63 -48.76
C ASN C 60 33.78 -4.05 -49.78
N HIS C 61 33.80 -4.55 -51.01
CA HIS C 61 34.75 -4.11 -52.07
C HIS C 61 33.98 -3.57 -53.27
N PRO C 62 34.39 -2.42 -53.84
CA PRO C 62 33.69 -1.82 -54.98
C PRO C 62 33.50 -2.76 -56.19
N LYS C 63 34.43 -3.71 -56.39
CA LYS C 63 34.44 -4.60 -57.59
C LYS C 63 33.22 -5.52 -57.59
N ILE C 64 32.56 -5.74 -56.45
CA ILE C 64 31.49 -6.77 -56.33
C ILE C 64 30.14 -6.14 -56.03
N LEU C 65 30.03 -4.81 -56.07
CA LEU C 65 28.78 -4.13 -55.64
C LEU C 65 27.76 -4.16 -56.77
N ASP C 66 28.12 -4.62 -57.96
CA ASP C 66 27.17 -4.60 -59.09
C ASP C 66 25.93 -5.40 -58.69
N THR C 67 26.13 -6.57 -58.08
CA THR C 67 25.04 -7.53 -57.78
C THR C 67 24.06 -6.90 -56.80
N PHE C 68 24.51 -5.98 -55.94
CA PHE C 68 23.67 -5.24 -54.99
C PHE C 68 22.88 -4.12 -55.73
N PHE C 69 23.56 -3.31 -56.54
CA PHE C 69 22.99 -2.01 -57.02
C PHE C 69 22.15 -2.22 -58.28
N LYS C 70 22.40 -3.31 -59.03
CA LYS C 70 21.75 -3.63 -60.35
C LYS C 70 20.42 -4.36 -60.15
N ALA C 71 20.22 -5.04 -59.03
CA ALA C 71 19.05 -5.89 -58.73
C ALA C 71 17.71 -5.15 -58.92
N THR C 72 16.71 -5.89 -59.37
CA THR C 72 15.27 -5.49 -59.33
C THR C 72 14.73 -5.68 -57.92
N ASP C 73 13.58 -5.05 -57.63
CA ASP C 73 12.93 -4.97 -56.30
C ASP C 73 12.43 -6.37 -55.89
N ASN C 74 12.28 -7.28 -56.86
CA ASN C 74 11.81 -8.67 -56.60
C ASN C 74 13.00 -9.59 -56.30
N GLU C 75 14.23 -9.10 -56.49
CA GLU C 75 15.47 -9.85 -56.18
C GLU C 75 16.01 -9.34 -54.82
N LEU C 76 16.30 -8.04 -54.74
CA LEU C 76 16.77 -7.39 -53.50
C LEU C 76 15.76 -6.30 -53.13
N SER C 77 15.11 -6.45 -51.99
CA SER C 77 13.96 -5.59 -51.62
C SER C 77 14.38 -4.55 -50.57
N LEU C 78 14.21 -3.27 -50.88
CA LEU C 78 14.34 -2.15 -49.93
C LEU C 78 13.16 -2.19 -48.94
N ARG C 79 11.94 -2.26 -49.46
CA ARG C 79 10.66 -2.25 -48.69
C ARG C 79 10.69 -3.36 -47.63
N ASP C 80 11.19 -4.55 -47.95
CA ASP C 80 11.15 -5.69 -46.97
C ASP C 80 12.02 -5.37 -45.76
N VAL C 81 13.10 -4.61 -45.92
CA VAL C 81 14.08 -4.37 -44.83
C VAL C 81 13.35 -3.69 -43.67
N TYR C 82 12.43 -2.77 -43.97
CA TYR C 82 11.81 -1.86 -42.98
C TYR C 82 10.28 -1.95 -42.96
N ARG C 83 9.66 -2.83 -43.75
CA ARG C 83 8.18 -2.81 -43.90
C ARG C 83 7.51 -3.17 -42.58
N PHE C 84 8.18 -3.88 -41.67
CA PHE C 84 7.56 -4.29 -40.37
C PHE C 84 7.98 -3.30 -39.27
N MET C 85 8.80 -2.31 -39.63
CA MET C 85 9.20 -1.20 -38.72
C MET C 85 7.94 -0.40 -38.37
N ARG C 86 7.86 0.08 -37.13
CA ARG C 86 6.79 1.04 -36.76
C ARG C 86 7.04 2.32 -37.55
N PRO C 87 6.03 2.88 -38.25
CA PRO C 87 6.27 4.00 -39.16
C PRO C 87 6.66 5.31 -38.44
N VAL C 88 7.92 5.70 -38.60
CA VAL C 88 8.47 6.98 -38.05
C VAL C 88 7.85 8.15 -38.83
N PHE C 89 7.49 7.95 -40.09
CA PHE C 89 7.05 9.06 -40.96
C PHE C 89 5.52 9.09 -41.02
N GLY C 90 4.91 7.93 -41.08
CA GLY C 90 3.44 7.82 -41.17
C GLY C 90 3.01 6.49 -41.78
N THR C 91 1.73 6.16 -41.62
CA THR C 91 1.11 4.91 -42.10
C THR C 91 0.91 4.99 -43.63
N GLY C 92 1.34 3.97 -44.36
CA GLY C 92 1.10 3.87 -45.81
C GLY C 92 2.07 4.68 -46.66
N VAL C 93 3.10 5.29 -46.07
CA VAL C 93 4.12 6.10 -46.81
C VAL C 93 5.52 5.50 -46.62
N VAL C 94 6.39 5.78 -47.58
CA VAL C 94 7.83 5.38 -47.57
C VAL C 94 7.84 3.87 -47.34
N TYR C 95 8.53 3.32 -46.32
CA TYR C 95 8.75 1.85 -46.21
C TYR C 95 7.47 1.16 -45.70
N ASP C 96 6.45 1.94 -45.32
CA ASP C 96 5.14 1.35 -44.92
C ASP C 96 4.16 1.35 -46.11
N ALA C 97 4.59 1.75 -47.31
CA ALA C 97 3.68 1.82 -48.48
C ALA C 97 3.28 0.39 -48.86
N ASP C 98 2.15 0.22 -49.55
CA ASP C 98 1.63 -1.14 -49.83
C ASP C 98 2.47 -1.82 -50.93
N SER C 99 3.23 -1.05 -51.71
CA SER C 99 4.12 -1.59 -52.78
C SER C 99 5.34 -0.69 -52.97
N THR C 100 6.36 -1.22 -53.63
CA THR C 100 7.55 -0.43 -54.06
C THR C 100 7.14 0.55 -55.17
N GLU C 101 6.26 0.16 -56.09
CA GLU C 101 5.74 1.02 -57.17
C GLU C 101 5.08 2.23 -56.52
N ARG C 102 4.31 2.02 -55.45
CA ARG C 102 3.59 3.12 -54.75
C ARG C 102 4.64 3.99 -54.04
N MET C 103 5.67 3.39 -53.44
CA MET C 103 6.76 4.16 -52.78
C MET C 103 7.41 5.11 -53.80
N MET C 104 7.65 4.64 -55.02
CA MET C 104 8.29 5.40 -56.13
C MET C 104 7.35 6.52 -56.61
N GLU C 105 6.03 6.33 -56.52
CA GLU C 105 5.08 7.43 -56.77
C GLU C 105 5.23 8.47 -55.65
N GLN C 106 5.43 8.03 -54.41
CA GLN C 106 5.57 8.98 -53.27
C GLN C 106 6.88 9.77 -53.45
N VAL C 107 7.97 9.08 -53.81
CA VAL C 107 9.30 9.71 -54.08
C VAL C 107 9.10 10.81 -55.14
N LYS C 108 8.33 10.54 -56.16
CA LYS C 108 8.04 11.48 -57.30
C LYS C 108 7.33 12.74 -56.80
N PHE C 109 6.42 12.63 -55.80
CA PHE C 109 5.74 13.84 -55.27
C PHE C 109 6.82 14.81 -54.77
N VAL C 110 7.85 14.29 -54.10
CA VAL C 110 8.96 15.09 -53.50
C VAL C 110 9.85 15.59 -54.65
N SER C 111 10.33 14.70 -55.53
CA SER C 111 11.31 15.05 -56.58
C SER C 111 10.69 16.09 -57.53
N SER C 112 9.37 16.11 -57.64
CA SER C 112 8.63 17.08 -58.49
C SER C 112 8.95 18.51 -58.02
N GLY C 113 9.29 18.69 -56.73
CA GLY C 113 9.53 20.02 -56.15
C GLY C 113 10.98 20.46 -56.32
N LEU C 114 11.83 19.59 -56.91
CA LEU C 114 13.30 19.79 -57.02
C LEU C 114 13.71 20.07 -58.48
N THR C 115 13.11 21.09 -59.09
CA THR C 115 13.36 21.51 -60.49
C THR C 115 14.41 22.62 -60.52
N THR C 116 14.98 22.86 -61.70
CA THR C 116 15.89 24.01 -61.93
C THR C 116 15.14 25.30 -61.57
N ALA C 117 13.88 25.41 -61.99
CA ALA C 117 13.12 26.66 -61.77
C ALA C 117 13.06 26.91 -60.26
N ARG C 118 12.80 25.87 -59.45
CA ARG C 118 12.76 25.99 -57.98
C ARG C 118 14.18 26.25 -57.43
N PHE C 119 15.21 25.54 -57.91
CA PHE C 119 16.62 25.74 -57.48
C PHE C 119 17.00 27.22 -57.56
N ARG C 120 16.51 27.94 -58.57
CA ARG C 120 16.84 29.39 -58.73
C ARG C 120 16.32 30.18 -57.53
N VAL C 121 15.13 29.85 -57.04
CA VAL C 121 14.49 30.50 -55.85
C VAL C 121 15.22 30.05 -54.57
N PHE C 122 15.61 28.77 -54.48
CA PHE C 122 16.25 28.16 -53.29
C PHE C 122 17.48 28.99 -52.89
N VAL C 123 18.31 29.39 -53.87
CA VAL C 123 19.52 30.20 -53.61
C VAL C 123 19.10 31.48 -52.90
N ASP C 124 18.04 32.15 -53.37
CA ASP C 124 17.47 33.36 -52.71
C ASP C 124 17.12 33.03 -51.27
N ILE C 125 16.56 31.84 -51.02
CA ILE C 125 16.09 31.45 -49.66
C ILE C 125 17.30 31.23 -48.76
N PHE C 126 18.38 30.63 -49.28
CA PHE C 126 19.65 30.43 -48.54
C PHE C 126 20.18 31.80 -48.09
N GLU C 127 20.29 32.77 -49.00
CA GLU C 127 20.78 34.13 -48.70
C GLU C 127 19.92 34.74 -47.60
N ASP C 128 18.59 34.59 -47.69
CA ASP C 128 17.63 35.26 -46.77
C ASP C 128 17.84 34.67 -45.37
N GLU C 129 17.91 33.35 -45.26
CA GLU C 129 17.95 32.68 -43.95
C GLU C 129 19.28 33.04 -43.30
N ILE C 130 20.38 33.04 -44.06
CA ILE C 130 21.71 33.32 -43.44
C ILE C 130 21.80 34.79 -43.01
N ALA C 131 21.14 35.71 -43.72
CA ALA C 131 21.08 37.14 -43.37
C ALA C 131 20.40 37.32 -42.01
N HIS C 132 19.32 36.58 -41.74
CA HIS C 132 18.66 36.60 -40.41
C HIS C 132 19.65 36.06 -39.38
N LYS C 133 20.32 34.95 -39.71
CA LYS C 133 21.19 34.22 -38.76
C LYS C 133 22.36 35.13 -38.38
N VAL C 134 22.94 35.81 -39.37
CA VAL C 134 24.15 36.67 -39.23
C VAL C 134 23.86 37.74 -38.18
N LYS C 135 22.62 38.27 -38.15
CA LYS C 135 22.19 39.28 -37.17
C LYS C 135 22.28 38.68 -35.76
N GLU C 136 21.80 37.45 -35.58
CA GLU C 136 21.84 36.77 -34.24
C GLU C 136 23.30 36.58 -33.81
N LEU C 137 24.19 36.22 -34.74
CA LEU C 137 25.59 35.82 -34.40
C LEU C 137 26.43 37.07 -34.05
N GLY C 138 26.12 38.21 -34.65
CA GLY C 138 26.82 39.48 -34.43
C GLY C 138 28.21 39.49 -35.07
N PRO C 139 29.06 40.47 -34.69
CA PRO C 139 30.35 40.72 -35.33
C PRO C 139 31.38 39.58 -35.14
N GLU C 140 31.37 38.91 -33.99
CA GLU C 140 32.34 37.84 -33.69
C GLU C 140 31.81 36.99 -32.52
N GLY C 141 32.34 35.78 -32.37
CA GLY C 141 31.92 34.88 -31.29
C GLY C 141 32.42 33.48 -31.56
N THR C 142 31.93 32.51 -30.78
CA THR C 142 32.09 31.07 -31.07
C THR C 142 30.69 30.45 -31.19
N VAL C 143 30.56 29.46 -32.07
CA VAL C 143 29.25 28.81 -32.39
C VAL C 143 29.50 27.32 -32.61
N ASP C 144 28.60 26.48 -32.12
CA ASP C 144 28.59 25.04 -32.46
C ASP C 144 28.27 24.90 -33.96
N VAL C 145 29.18 24.31 -34.73
CA VAL C 145 29.05 24.15 -36.21
C VAL C 145 27.83 23.29 -36.55
N ALA C 146 27.68 22.13 -35.91
CA ALA C 146 26.58 21.16 -36.15
C ALA C 146 25.24 21.83 -35.87
N GLU C 147 25.14 22.59 -34.78
CA GLU C 147 23.89 23.30 -34.39
C GLU C 147 23.61 24.44 -35.37
N LEU C 148 24.63 25.19 -35.78
CA LEU C 148 24.45 26.26 -36.78
C LEU C 148 23.81 25.64 -38.03
N MET C 149 24.41 24.56 -38.53
CA MET C 149 24.02 23.95 -39.83
C MET C 149 22.60 23.33 -39.72
N ALA C 150 22.30 22.64 -38.62
CA ALA C 150 20.96 22.07 -38.34
C ALA C 150 19.94 23.20 -38.32
N ASP C 151 20.23 24.33 -37.66
CA ASP C 151 19.24 25.42 -37.45
C ASP C 151 19.00 26.19 -38.76
N LEU C 152 20.08 26.46 -39.51
CA LEU C 152 19.96 27.08 -40.86
C LEU C 152 19.11 26.18 -41.76
N ILE C 153 19.39 24.88 -41.80
CA ILE C 153 18.82 24.04 -42.89
C ILE C 153 17.38 23.60 -42.55
N ILE C 154 17.02 23.60 -41.27
CA ILE C 154 15.60 23.39 -40.87
C ILE C 154 14.77 24.53 -41.47
N PHE C 155 15.29 25.76 -41.51
CA PHE C 155 14.59 26.90 -42.17
C PHE C 155 14.69 26.78 -43.70
N THR C 156 15.89 26.56 -44.26
CA THR C 156 16.04 26.59 -45.73
C THR C 156 15.28 25.42 -46.34
N ALA C 157 15.50 24.19 -45.85
CA ALA C 157 14.88 22.96 -46.39
C ALA C 157 13.35 23.08 -46.30
N SER C 158 12.86 23.63 -45.19
CA SER C 158 11.41 23.73 -44.87
C SER C 158 10.79 24.64 -45.93
N ARG C 159 11.40 25.80 -46.15
CA ARG C 159 10.88 26.81 -47.12
C ARG C 159 10.98 26.23 -48.54
N CYS C 160 12.09 25.56 -48.88
CA CYS C 160 12.35 25.13 -50.28
C CYS C 160 11.28 24.11 -50.69
N LEU C 161 10.98 23.17 -49.80
CA LEU C 161 10.07 22.02 -50.03
C LEU C 161 8.61 22.41 -49.75
N LEU C 162 8.33 23.17 -48.67
CA LEU C 162 6.93 23.44 -48.19
C LEU C 162 6.45 24.83 -48.64
N GLY C 163 7.35 25.73 -49.05
CA GLY C 163 6.99 27.11 -49.39
C GLY C 163 7.10 28.03 -48.18
N ASP C 164 6.90 29.34 -48.36
CA ASP C 164 7.30 30.37 -47.37
C ASP C 164 6.27 30.45 -46.23
N GLU C 165 5.09 29.85 -46.39
CA GLU C 165 4.01 29.79 -45.36
C GLU C 165 4.45 28.95 -44.15
N VAL C 166 5.37 28.01 -44.33
CA VAL C 166 5.92 27.22 -43.19
C VAL C 166 6.72 28.10 -42.22
N ARG C 167 7.29 29.23 -42.65
CA ARG C 167 8.25 30.00 -41.79
C ARG C 167 7.57 30.41 -40.48
N GLN C 168 6.37 31.01 -40.57
CA GLN C 168 5.58 31.45 -39.38
C GLN C 168 5.59 30.35 -38.30
N TYR C 169 5.46 29.09 -38.69
CA TYR C 169 5.34 27.95 -37.74
C TYR C 169 6.70 27.64 -37.11
N LEU C 170 7.80 27.88 -37.83
CA LEU C 170 9.18 27.68 -37.28
C LEU C 170 9.50 28.80 -36.28
N SER C 171 9.20 30.06 -36.60
CA SER C 171 9.51 31.24 -35.75
C SER C 171 8.60 31.27 -34.50
N GLU C 172 7.32 30.91 -34.62
CA GLU C 172 6.28 31.30 -33.62
C GLU C 172 5.57 30.08 -32.99
N LYS C 173 5.52 28.91 -33.63
CA LYS C 173 4.71 27.74 -33.15
C LYS C 173 5.57 26.51 -32.87
N ASN C 174 6.88 26.67 -32.77
CA ASN C 174 7.84 25.62 -32.32
C ASN C 174 7.71 24.35 -33.18
N LEU C 175 7.57 24.51 -34.50
CA LEU C 175 7.65 23.38 -35.47
C LEU C 175 9.03 22.72 -35.35
N GLY C 176 10.09 23.53 -35.23
CA GLY C 176 11.48 23.03 -35.09
C GLY C 176 11.63 22.07 -33.93
N LYS C 177 11.07 22.43 -32.77
CA LYS C 177 11.19 21.65 -31.52
C LYS C 177 10.55 20.27 -31.75
N LEU C 178 9.33 20.29 -32.26
CA LEU C 178 8.51 19.05 -32.44
C LEU C 178 9.17 18.21 -33.55
N TYR C 179 9.72 18.86 -34.58
CA TYR C 179 10.46 18.18 -35.69
C TYR C 179 11.65 17.40 -35.14
N HIS C 180 12.43 17.99 -34.22
CA HIS C 180 13.68 17.39 -33.69
C HIS C 180 13.37 16.08 -32.97
N ASP C 181 12.11 15.84 -32.59
CA ASP C 181 11.71 14.64 -31.80
C ASP C 181 11.12 13.53 -32.68
N ILE C 182 10.90 13.76 -33.97
CA ILE C 182 10.42 12.68 -34.90
C ILE C 182 11.44 11.55 -34.93
N ASP C 183 12.70 11.86 -34.59
CA ASP C 183 13.82 10.89 -34.66
C ASP C 183 14.07 10.29 -33.27
N ASP C 184 13.28 10.67 -32.27
CA ASP C 184 13.62 10.40 -30.84
C ASP C 184 13.94 8.94 -30.56
N GLY C 185 15.15 8.66 -30.07
CA GLY C 185 15.50 7.33 -29.54
C GLY C 185 15.87 6.35 -30.64
N ILE C 186 15.99 6.82 -31.90
CA ILE C 186 16.35 5.99 -33.07
C ILE C 186 17.86 6.07 -33.30
N SER C 187 18.55 4.97 -33.01
CA SER C 187 19.99 4.78 -33.27
C SER C 187 20.14 3.71 -34.35
N PRO C 188 21.35 3.55 -34.95
CA PRO C 188 21.53 2.57 -36.01
C PRO C 188 21.40 1.13 -35.48
N LEU C 189 21.13 0.96 -34.18
CA LEU C 189 20.92 -0.34 -33.49
C LEU C 189 19.44 -0.56 -33.16
N SER C 190 18.63 0.50 -33.16
CA SER C 190 17.14 0.43 -33.05
C SER C 190 16.59 -0.59 -34.06
N PHE C 191 17.21 -0.67 -35.23
CA PHE C 191 16.91 -1.64 -36.32
C PHE C 191 16.79 -3.09 -35.78
N PHE C 192 17.66 -3.47 -34.82
CA PHE C 192 17.87 -4.86 -34.33
C PHE C 192 17.06 -5.17 -33.07
N TYR C 193 16.93 -4.20 -32.16
CA TYR C 193 16.07 -4.31 -30.94
C TYR C 193 14.62 -4.41 -31.39
N PRO C 194 13.77 -5.17 -30.68
CA PRO C 194 12.36 -5.28 -31.07
C PRO C 194 11.63 -3.94 -30.81
N SER C 195 10.35 -3.87 -31.18
CA SER C 195 9.48 -2.67 -31.03
C SER C 195 9.33 -2.30 -29.55
N LEU C 196 9.88 -1.17 -29.13
CA LEU C 196 9.66 -0.56 -27.78
C LEU C 196 8.52 0.45 -27.88
N PRO C 197 8.04 1.02 -26.76
CA PRO C 197 7.21 2.23 -26.82
C PRO C 197 8.07 3.48 -27.07
N ALA C 198 7.43 4.55 -27.53
CA ALA C 198 8.06 5.82 -27.95
C ALA C 198 7.02 6.94 -27.95
N PRO C 199 6.48 7.31 -26.76
CA PRO C 199 5.44 8.34 -26.68
C PRO C 199 5.95 9.74 -27.08
N LYS C 200 7.23 10.00 -26.83
CA LYS C 200 7.90 11.29 -27.16
C LYS C 200 7.84 11.49 -28.68
N ARG C 201 8.20 10.44 -29.44
CA ARG C 201 8.15 10.42 -30.91
C ARG C 201 6.70 10.57 -31.38
N ASP C 202 5.78 9.83 -30.75
CA ASP C 202 4.33 9.88 -31.09
C ASP C 202 3.82 11.32 -30.91
N LYS C 203 4.22 11.99 -29.82
CA LYS C 203 3.83 13.40 -29.52
C LYS C 203 4.41 14.32 -30.60
N ALA C 204 5.66 14.09 -31.02
CA ALA C 204 6.34 14.86 -32.09
C ALA C 204 5.52 14.78 -33.39
N ARG C 205 5.28 13.56 -33.90
CA ARG C 205 4.62 13.32 -35.20
C ARG C 205 3.20 13.91 -35.22
N LYS C 206 2.40 13.67 -34.18
CA LYS C 206 1.08 14.29 -33.93
C LYS C 206 1.19 15.81 -34.05
N ALA C 207 2.16 16.42 -33.35
CA ALA C 207 2.33 17.89 -33.33
C ALA C 207 2.70 18.37 -34.73
N VAL C 208 3.69 17.74 -35.38
CA VAL C 208 4.11 18.16 -36.75
C VAL C 208 2.94 17.96 -37.73
N GLY C 209 2.21 16.84 -37.59
CA GLY C 209 1.03 16.49 -38.37
C GLY C 209 -0.06 17.56 -38.37
N GLU C 210 -0.38 18.10 -37.20
CA GLU C 210 -1.39 19.18 -37.05
C GLU C 210 -0.91 20.43 -37.78
N ILE C 211 0.38 20.76 -37.68
CA ILE C 211 0.93 21.94 -38.39
C ILE C 211 0.82 21.68 -39.90
N PHE C 212 1.22 20.50 -40.37
CA PHE C 212 1.24 20.16 -41.81
C PHE C 212 -0.21 20.08 -42.33
N GLN C 213 -1.17 19.62 -41.52
CA GLN C 213 -2.60 19.62 -41.90
C GLN C 213 -3.05 21.05 -42.22
N GLU C 214 -2.66 22.00 -41.36
CA GLU C 214 -3.03 23.43 -41.50
C GLU C 214 -2.39 24.02 -42.76
N LEU C 215 -1.13 23.70 -43.05
CA LEU C 215 -0.43 24.17 -44.28
C LEU C 215 -1.20 23.66 -45.50
N LEU C 216 -1.64 22.40 -45.47
CA LEU C 216 -2.44 21.76 -46.58
C LEU C 216 -3.77 22.50 -46.76
N ASP C 217 -4.50 22.70 -45.66
CA ASP C 217 -5.81 23.42 -45.67
C ASP C 217 -5.63 24.84 -46.24
N LYS C 218 -4.58 25.54 -45.77
CA LYS C 218 -4.28 26.93 -46.21
C LYS C 218 -3.96 26.92 -47.71
N ARG C 219 -3.19 25.93 -48.17
CA ARG C 219 -2.73 25.89 -49.58
C ARG C 219 -3.93 25.59 -50.50
N ARG C 220 -4.89 24.78 -50.06
CA ARG C 220 -6.15 24.51 -50.82
C ARG C 220 -6.91 25.82 -51.06
N GLU C 221 -7.06 26.65 -50.04
CA GLU C 221 -7.69 28.00 -50.13
C GLU C 221 -6.87 28.91 -51.04
N GLU C 222 -5.55 28.88 -50.94
CA GLU C 222 -4.64 29.66 -51.83
C GLU C 222 -4.84 29.23 -53.29
N HIS C 223 -4.99 27.93 -53.57
CA HIS C 223 -5.24 27.40 -54.94
C HIS C 223 -6.54 28.00 -55.51
N LYS C 224 -7.61 28.07 -54.71
CA LYS C 224 -8.93 28.61 -55.13
C LYS C 224 -8.85 30.10 -55.43
N LYS C 225 -8.06 30.87 -54.67
CA LYS C 225 -7.89 32.33 -54.88
C LYS C 225 -6.95 32.59 -56.06
N HIS C 226 -5.88 31.81 -56.19
CA HIS C 226 -4.79 32.05 -57.17
C HIS C 226 -4.46 30.76 -57.91
N PRO C 227 -5.41 30.20 -58.68
CA PRO C 227 -5.14 28.98 -59.46
C PRO C 227 -3.97 29.12 -60.44
N GLU C 228 -3.68 30.34 -60.92
CA GLU C 228 -2.54 30.61 -61.83
C GLU C 228 -1.22 30.19 -61.15
N ARG C 229 -1.21 29.99 -59.83
CA ARG C 229 -0.05 29.37 -59.12
C ARG C 229 0.35 28.05 -59.79
N LEU C 230 -0.61 27.25 -60.26
CA LEU C 230 -0.35 25.88 -60.77
C LEU C 230 0.35 25.97 -62.13
N LEU C 231 0.42 27.16 -62.73
CA LEU C 231 1.14 27.41 -64.01
C LEU C 231 2.58 27.88 -63.76
N ASP C 232 2.93 28.23 -62.51
CA ASP C 232 4.20 28.91 -62.16
C ASP C 232 5.22 27.90 -61.59
N GLU C 233 6.13 27.40 -62.42
CA GLU C 233 7.18 26.41 -62.02
C GLU C 233 8.08 26.97 -60.91
N SER C 234 8.19 28.29 -60.77
CA SER C 234 9.06 28.94 -59.76
C SER C 234 8.33 29.04 -58.40
N LYS C 235 7.02 28.80 -58.35
CA LYS C 235 6.26 28.79 -57.08
C LYS C 235 5.90 27.37 -56.64
N MET C 236 5.73 26.42 -57.56
CA MET C 236 5.20 25.08 -57.23
C MET C 236 6.20 24.38 -56.29
N ASP C 237 5.74 24.02 -55.10
CA ASP C 237 6.52 23.26 -54.09
C ASP C 237 5.89 21.87 -53.85
N VAL C 238 6.45 21.10 -52.91
CA VAL C 238 6.02 19.71 -52.67
C VAL C 238 4.58 19.70 -52.15
N VAL C 239 4.18 20.73 -51.42
CA VAL C 239 2.77 20.81 -50.95
C VAL C 239 1.86 20.95 -52.19
N ASP C 240 2.21 21.80 -53.14
CA ASP C 240 1.40 21.98 -54.37
C ASP C 240 1.31 20.64 -55.12
N HIS C 241 2.43 19.91 -55.20
CA HIS C 241 2.47 18.64 -55.95
C HIS C 241 1.60 17.62 -55.22
N LEU C 242 1.58 17.63 -53.89
CA LEU C 242 0.81 16.59 -53.13
C LEU C 242 -0.67 16.91 -53.25
N LEU C 243 -1.04 18.17 -53.49
CA LEU C 243 -2.48 18.55 -53.64
C LEU C 243 -2.97 18.32 -55.08
N THR C 244 -2.06 18.21 -56.06
CA THR C 244 -2.43 18.16 -57.49
C THR C 244 -2.19 16.76 -58.08
N GLN C 245 -1.28 15.95 -57.55
CA GLN C 245 -0.93 14.64 -58.15
C GLN C 245 -1.76 13.52 -57.51
N LYS C 246 -1.90 12.39 -58.21
CA LYS C 246 -2.68 11.21 -57.73
C LYS C 246 -1.91 9.93 -58.02
N TYR C 247 -2.28 8.84 -57.34
CA TYR C 247 -1.77 7.48 -57.57
C TYR C 247 -2.27 7.00 -58.95
N LYS C 248 -1.40 6.32 -59.68
CA LYS C 248 -1.72 5.65 -60.98
C LYS C 248 -2.98 4.77 -60.83
N ASP C 249 -3.07 3.95 -59.79
CA ASP C 249 -4.11 2.90 -59.63
C ASP C 249 -5.43 3.53 -59.15
N GLY C 250 -5.50 4.82 -58.90
CA GLY C 250 -6.76 5.54 -58.56
C GLY C 250 -7.08 5.56 -57.08
N GLN C 251 -6.38 4.80 -56.25
CA GLN C 251 -6.62 4.81 -54.77
C GLN C 251 -6.43 6.25 -54.26
N GLU C 252 -7.20 6.66 -53.25
CA GLU C 252 -7.18 8.08 -52.81
C GLU C 252 -5.81 8.39 -52.21
N LEU C 253 -5.20 9.51 -52.62
CA LEU C 253 -4.12 10.13 -51.82
C LEU C 253 -4.76 10.92 -50.68
N THR C 254 -4.64 10.43 -49.46
CA THR C 254 -5.28 11.02 -48.26
C THR C 254 -4.36 12.10 -47.68
N ASP C 255 -4.93 13.01 -46.90
CA ASP C 255 -4.14 13.97 -46.07
C ASP C 255 -3.19 13.20 -45.15
N VAL C 256 -3.58 12.00 -44.66
CA VAL C 256 -2.69 11.17 -43.81
C VAL C 256 -1.42 10.86 -44.60
N HIS C 257 -1.56 10.43 -45.86
CA HIS C 257 -0.41 10.16 -46.78
C HIS C 257 0.40 11.45 -47.00
N ARG C 258 -0.26 12.55 -47.33
CA ARG C 258 0.38 13.84 -47.66
C ARG C 258 1.27 14.30 -46.48
N ILE C 259 0.78 14.16 -45.25
CA ILE C 259 1.53 14.59 -44.04
C ILE C 259 2.78 13.71 -43.86
N GLY C 260 2.65 12.38 -43.97
CA GLY C 260 3.78 11.45 -43.79
C GLY C 260 4.88 11.69 -44.83
N ILE C 261 4.47 11.94 -46.07
CA ILE C 261 5.42 12.15 -47.20
C ILE C 261 6.17 13.46 -46.99
N LEU C 262 5.47 14.50 -46.56
CA LEU C 262 6.08 15.79 -46.18
C LEU C 262 7.10 15.59 -45.04
N ILE C 263 6.71 14.96 -43.94
CA ILE C 263 7.65 14.72 -42.79
C ILE C 263 8.87 13.95 -43.35
N ALA C 264 8.64 12.93 -44.19
CA ALA C 264 9.73 12.10 -44.73
C ALA C 264 10.61 12.94 -45.68
N GLY C 265 10.00 13.80 -46.48
CA GLY C 265 10.74 14.67 -47.40
C GLY C 265 11.63 15.66 -46.67
N LEU C 266 11.07 16.31 -45.66
CA LEU C 266 11.75 17.28 -44.75
C LEU C 266 12.89 16.60 -44.00
N PHE C 267 12.66 15.43 -43.40
CA PHE C 267 13.72 14.65 -42.72
C PHE C 267 14.90 14.39 -43.66
N ALA C 268 14.63 13.95 -44.88
CA ALA C 268 15.67 13.64 -45.88
C ALA C 268 16.41 14.93 -46.26
N GLY C 269 15.67 16.02 -46.46
CA GLY C 269 16.19 17.33 -46.91
C GLY C 269 17.06 18.06 -45.88
N GLN C 270 17.13 17.56 -44.65
CA GLN C 270 17.66 18.31 -43.48
C GLN C 270 18.90 17.61 -42.89
N HIS C 271 18.75 16.41 -42.36
CA HIS C 271 19.76 15.77 -41.47
C HIS C 271 21.07 15.55 -42.23
N THR C 272 21.01 14.84 -43.36
CA THR C 272 22.18 14.51 -44.22
C THR C 272 22.87 15.79 -44.71
N SER C 273 22.12 16.85 -45.03
CA SER C 273 22.69 18.14 -45.53
C SER C 273 23.40 18.86 -44.36
N SER C 274 22.77 18.92 -43.19
CA SER C 274 23.29 19.69 -42.04
C SER C 274 24.61 19.05 -41.59
N ILE C 275 24.69 17.73 -41.56
CA ILE C 275 25.90 16.97 -41.13
C ILE C 275 27.04 17.14 -42.14
N THR C 276 26.78 16.91 -43.43
CA THR C 276 27.77 17.05 -44.54
C THR C 276 28.30 18.48 -44.57
N SER C 277 27.42 19.44 -44.35
CA SER C 277 27.77 20.88 -44.30
C SER C 277 28.80 21.09 -43.18
N SER C 278 28.57 20.44 -42.04
CA SER C 278 29.39 20.56 -40.81
C SER C 278 30.78 19.99 -41.09
N TRP C 279 30.86 18.77 -41.59
CA TRP C 279 32.15 18.11 -41.92
C TRP C 279 32.95 18.92 -42.96
N THR C 280 32.27 19.43 -43.98
CA THR C 280 32.91 20.11 -45.14
C THR C 280 33.53 21.42 -44.64
N LEU C 281 32.77 22.21 -43.89
CA LEU C 281 33.25 23.54 -43.38
C LEU C 281 34.42 23.30 -42.40
N MET C 282 34.24 22.39 -41.45
CA MET C 282 35.29 22.03 -40.45
C MET C 282 36.62 21.77 -41.19
N ASN C 283 36.56 20.97 -42.23
CA ASN C 283 37.75 20.45 -42.97
C ASN C 283 38.32 21.55 -43.86
N VAL C 284 37.46 22.38 -44.46
CA VAL C 284 37.88 23.49 -45.36
C VAL C 284 38.69 24.48 -44.53
N ILE C 285 38.14 24.94 -43.40
CA ILE C 285 38.71 26.07 -42.60
C ILE C 285 39.93 25.56 -41.83
N SER C 286 40.12 24.24 -41.68
CA SER C 286 41.26 23.64 -40.92
C SER C 286 42.48 23.40 -41.81
N ASN C 287 42.36 23.55 -43.11
CA ASN C 287 43.43 23.20 -44.09
C ASN C 287 43.75 24.45 -44.89
N LYS C 288 44.93 25.03 -44.66
CA LYS C 288 45.35 26.35 -45.21
C LYS C 288 45.24 26.33 -46.74
N LYS C 289 45.78 25.29 -47.39
CA LYS C 289 45.79 25.19 -48.88
C LYS C 289 44.36 25.04 -49.38
N VAL C 290 43.54 24.21 -48.71
CA VAL C 290 42.12 23.99 -49.14
C VAL C 290 41.37 25.32 -49.01
N LEU C 291 41.53 26.04 -47.88
CA LEU C 291 40.82 27.32 -47.64
C LEU C 291 41.27 28.35 -48.69
N GLU C 292 42.57 28.39 -49.03
CA GLU C 292 43.13 29.28 -50.09
C GLU C 292 42.36 29.05 -51.41
N LYS C 293 42.29 27.80 -51.86
CA LYS C 293 41.69 27.45 -53.18
C LYS C 293 40.18 27.69 -53.14
N VAL C 294 39.52 27.37 -52.02
CA VAL C 294 38.07 27.64 -51.84
C VAL C 294 37.85 29.14 -52.03
N ARG C 295 38.58 30.00 -51.30
CA ARG C 295 38.29 31.46 -51.33
C ARG C 295 38.66 32.04 -52.70
N LYS C 296 39.69 31.48 -53.35
CA LYS C 296 40.09 31.92 -54.72
C LYS C 296 38.95 31.61 -55.71
N GLU C 297 38.43 30.39 -55.68
CA GLU C 297 37.23 29.98 -56.46
C GLU C 297 36.07 30.96 -56.19
N GLN C 298 35.74 31.22 -54.92
CA GLN C 298 34.60 32.10 -54.54
C GLN C 298 34.82 33.50 -55.12
N GLU C 299 36.03 34.04 -54.98
CA GLU C 299 36.45 35.37 -55.48
C GLU C 299 36.27 35.43 -57.00
N GLU C 300 36.81 34.46 -57.74
CA GLU C 300 36.63 34.32 -59.22
C GLU C 300 35.14 34.33 -59.58
N ILE C 301 34.32 33.47 -58.93
CA ILE C 301 32.88 33.30 -59.29
C ILE C 301 32.11 34.59 -58.98
N MET C 302 32.33 35.19 -57.80
CA MET C 302 31.48 36.30 -57.28
C MET C 302 31.71 37.57 -58.11
N GLY C 303 32.90 37.75 -58.70
CA GLY C 303 33.30 39.02 -59.32
C GLY C 303 32.98 40.22 -58.44
N SER C 304 32.23 41.18 -58.93
CA SER C 304 31.85 42.42 -58.18
C SER C 304 30.38 42.33 -57.75
N ASP C 305 29.76 41.16 -57.92
CA ASP C 305 28.43 40.84 -57.35
C ASP C 305 28.57 40.61 -55.85
N LYS C 306 27.48 40.87 -55.13
CA LYS C 306 27.44 40.87 -53.64
C LYS C 306 26.70 39.63 -53.14
N VAL C 307 25.76 39.06 -53.91
CA VAL C 307 24.94 37.89 -53.45
C VAL C 307 25.05 36.75 -54.48
N LEU C 308 24.78 35.53 -54.02
CA LEU C 308 24.76 34.33 -54.88
C LEU C 308 23.52 34.35 -55.77
N ASP C 309 23.64 33.61 -56.87
CA ASP C 309 22.51 33.11 -57.71
C ASP C 309 22.87 31.69 -58.13
N TYR C 310 21.95 31.04 -58.85
CA TYR C 310 22.03 29.62 -59.26
C TYR C 310 23.30 29.40 -60.10
N ASP C 311 23.56 30.23 -61.11
CA ASP C 311 24.67 30.04 -62.09
C ASP C 311 26.04 30.09 -61.38
N LYS C 312 26.18 30.96 -60.37
CA LYS C 312 27.42 31.02 -59.54
C LYS C 312 27.65 29.70 -58.80
N VAL C 313 26.61 29.18 -58.11
CA VAL C 313 26.78 27.94 -57.28
C VAL C 313 27.16 26.80 -58.21
N MET C 314 26.55 26.76 -59.39
CA MET C 314 26.79 25.67 -60.39
C MET C 314 28.23 25.72 -60.92
N LYS C 315 28.99 26.80 -60.70
CA LYS C 315 30.43 26.91 -61.12
C LYS C 315 31.39 26.42 -60.02
N MET C 316 30.92 26.30 -58.77
CA MET C 316 31.80 26.13 -57.59
C MET C 316 32.33 24.68 -57.52
N ASP C 317 33.14 24.29 -58.50
CA ASP C 317 33.59 22.88 -58.69
C ASP C 317 34.47 22.43 -57.53
N TYR C 318 35.37 23.28 -57.08
CA TYR C 318 36.32 22.93 -55.99
C TYR C 318 35.57 22.78 -54.65
N LEU C 319 34.64 23.68 -54.38
CA LEU C 319 33.83 23.57 -53.15
C LEU C 319 32.97 22.31 -53.22
N GLU C 320 32.55 21.89 -54.41
CA GLU C 320 31.77 20.64 -54.59
C GLU C 320 32.67 19.45 -54.29
N ALA C 321 33.92 19.47 -54.72
CA ALA C 321 34.86 18.35 -54.45
C ALA C 321 35.11 18.25 -52.93
N CYS C 322 35.15 19.40 -52.23
CA CYS C 322 35.34 19.45 -50.77
C CYS C 322 34.17 18.70 -50.10
N MET C 323 32.94 18.96 -50.54
CA MET C 323 31.73 18.28 -50.01
C MET C 323 31.75 16.77 -50.34
N LYS C 324 32.17 16.39 -51.55
CA LYS C 324 32.26 14.97 -51.95
C LYS C 324 33.38 14.26 -51.17
N GLU C 325 34.42 15.03 -50.79
CA GLU C 325 35.55 14.48 -49.96
C GLU C 325 35.00 14.28 -48.53
N ALA C 326 34.20 15.22 -48.04
CA ALA C 326 33.49 15.09 -46.75
C ALA C 326 32.55 13.88 -46.82
N LEU C 327 31.84 13.71 -47.96
CA LEU C 327 30.91 12.57 -48.16
C LEU C 327 31.73 11.25 -48.19
N ARG C 328 32.91 11.24 -48.79
CA ARG C 328 33.76 10.03 -48.83
C ARG C 328 34.12 9.62 -47.39
N MET C 329 34.56 10.57 -46.57
CA MET C 329 35.22 10.26 -45.26
C MET C 329 34.17 10.07 -44.16
N TYR C 330 33.03 10.79 -44.20
CA TYR C 330 32.05 10.80 -43.09
C TYR C 330 30.64 10.73 -43.65
N PRO C 331 30.29 9.66 -44.40
CA PRO C 331 28.97 9.56 -44.99
C PRO C 331 27.94 9.45 -43.88
N PRO C 332 26.85 10.25 -43.93
CA PRO C 332 25.86 10.32 -42.86
C PRO C 332 24.92 9.12 -42.83
N LEU C 333 24.83 8.41 -43.95
CA LEU C 333 24.16 7.08 -44.03
C LEU C 333 25.25 6.02 -44.22
N ILE C 334 25.48 5.23 -43.17
CA ILE C 334 26.68 4.37 -42.99
C ILE C 334 26.42 2.96 -43.53
N MET C 335 25.15 2.61 -43.72
CA MET C 335 24.75 1.29 -44.26
C MET C 335 23.57 1.46 -45.21
N ILE C 336 23.69 0.88 -46.40
CA ILE C 336 22.54 0.71 -47.33
C ILE C 336 22.19 -0.78 -47.30
N MET C 337 20.92 -1.08 -47.13
CA MET C 337 20.47 -2.49 -46.90
C MET C 337 19.36 -2.90 -47.89
N ARG C 338 19.39 -4.16 -48.32
CA ARG C 338 18.30 -4.82 -49.09
C ARG C 338 18.04 -6.22 -48.52
N MET C 339 16.80 -6.70 -48.57
CA MET C 339 16.42 -8.08 -48.17
C MET C 339 16.48 -8.99 -49.39
N ALA C 340 17.20 -10.11 -49.33
CA ALA C 340 17.23 -11.09 -50.44
C ALA C 340 15.89 -11.85 -50.47
N ARG C 341 15.06 -11.58 -51.49
CA ARG C 341 13.75 -12.26 -51.69
C ARG C 341 13.99 -13.60 -52.39
N LYS C 342 15.14 -13.76 -53.04
CA LYS C 342 15.58 -15.08 -53.53
C LYS C 342 17.09 -15.16 -53.35
N PRO C 343 17.71 -16.34 -53.49
CA PRO C 343 19.17 -16.44 -53.36
C PRO C 343 19.82 -15.43 -54.32
N ARG C 344 20.87 -14.76 -53.86
CA ARG C 344 21.59 -13.76 -54.70
C ARG C 344 23.01 -14.24 -55.00
N GLU C 345 23.32 -14.45 -56.27
CA GLU C 345 24.71 -14.73 -56.72
C GLU C 345 25.58 -13.52 -56.37
N CYS C 346 26.76 -13.80 -55.85
CA CYS C 346 27.77 -12.76 -55.50
C CYS C 346 29.16 -13.37 -55.63
N GLU C 347 29.85 -13.11 -56.75
CA GLU C 347 31.12 -13.78 -57.13
C GLU C 347 30.91 -15.30 -57.07
N GLN C 348 31.67 -16.04 -56.26
CA GLN C 348 31.63 -17.53 -56.22
C GLN C 348 30.54 -17.98 -55.23
N TYR C 349 29.86 -17.05 -54.56
CA TYR C 349 28.91 -17.36 -53.48
C TYR C 349 27.46 -17.18 -53.95
N ILE C 350 26.54 -17.86 -53.27
CA ILE C 350 25.08 -17.57 -53.32
C ILE C 350 24.65 -17.13 -51.93
N ILE C 351 24.20 -15.88 -51.80
CA ILE C 351 23.67 -15.34 -50.51
C ILE C 351 22.24 -15.85 -50.35
N PRO C 352 21.91 -16.49 -49.21
CA PRO C 352 20.60 -17.13 -49.04
C PRO C 352 19.41 -16.16 -49.03
N LYS C 353 18.28 -16.62 -49.57
CA LYS C 353 16.95 -15.99 -49.37
C LYS C 353 16.79 -15.61 -47.88
N GLY C 354 16.33 -14.38 -47.57
CA GLY C 354 16.04 -13.96 -46.20
C GLY C 354 17.22 -13.25 -45.51
N ASN C 355 18.44 -13.36 -46.05
CA ASN C 355 19.59 -12.54 -45.60
C ASN C 355 19.34 -11.06 -45.97
N ILE C 356 19.80 -10.13 -45.13
CA ILE C 356 19.93 -8.70 -45.53
C ILE C 356 21.36 -8.44 -46.04
N LEU C 357 21.48 -7.96 -47.27
CA LEU C 357 22.77 -7.49 -47.85
C LEU C 357 23.01 -6.06 -47.37
N VAL C 358 24.26 -5.77 -47.00
CA VAL C 358 24.69 -4.46 -46.47
C VAL C 358 25.88 -3.96 -47.28
N VAL C 359 25.75 -2.72 -47.76
CA VAL C 359 26.85 -1.95 -48.40
C VAL C 359 27.02 -0.73 -47.51
N SER C 360 28.28 -0.39 -47.18
CA SER C 360 28.61 0.70 -46.25
C SER C 360 29.39 1.77 -47.00
N PRO C 361 28.79 2.95 -47.25
CA PRO C 361 29.54 4.10 -47.72
C PRO C 361 30.77 4.35 -46.83
N SER C 362 30.69 4.13 -45.52
CA SER C 362 31.84 4.40 -44.61
C SER C 362 33.04 3.56 -45.05
N VAL C 363 32.82 2.28 -45.27
CA VAL C 363 33.88 1.29 -45.65
C VAL C 363 34.37 1.59 -47.09
N ALA C 364 33.44 1.80 -48.02
CA ALA C 364 33.74 2.26 -49.41
C ALA C 364 34.75 3.42 -49.36
N GLY C 365 34.48 4.43 -48.52
CA GLY C 365 35.28 5.66 -48.44
C GLY C 365 36.72 5.43 -47.98
N ARG C 366 37.02 4.32 -47.30
CA ARG C 366 38.36 4.08 -46.70
C ARG C 366 39.04 2.93 -47.42
N CYS C 367 38.42 2.42 -48.48
CA CYS C 367 38.98 1.31 -49.29
C CYS C 367 40.28 1.78 -49.95
N THR C 368 41.39 1.13 -49.64
CA THR C 368 42.73 1.51 -50.17
C THR C 368 42.85 1.08 -51.64
N ASP C 369 42.05 0.12 -52.10
CA ASP C 369 42.03 -0.24 -53.55
C ASP C 369 41.50 0.95 -54.36
N THR C 370 40.74 1.84 -53.72
CA THR C 370 40.06 2.97 -54.40
C THR C 370 40.84 4.26 -54.16
N TYR C 371 41.26 4.50 -52.92
CA TYR C 371 41.74 5.83 -52.48
C TYR C 371 43.09 5.66 -51.81
N THR C 372 44.07 6.48 -52.20
CA THR C 372 45.37 6.60 -51.49
C THR C 372 45.22 7.47 -50.24
N ASN C 373 45.89 7.10 -49.15
CA ASN C 373 45.90 7.82 -47.83
C ASN C 373 44.49 8.31 -47.51
N PRO C 374 43.55 7.35 -47.35
CA PRO C 374 42.13 7.69 -47.26
C PRO C 374 41.70 8.39 -45.97
N ASP C 375 42.55 8.45 -44.93
CA ASP C 375 42.24 9.18 -43.68
C ASP C 375 42.59 10.67 -43.86
N VAL C 376 43.09 11.07 -45.03
CA VAL C 376 43.44 12.51 -45.23
C VAL C 376 42.38 13.13 -46.14
N PHE C 377 41.81 14.23 -45.65
CA PHE C 377 40.94 15.13 -46.43
C PHE C 377 41.78 15.78 -47.53
N ASP C 378 41.52 15.41 -48.79
CA ASP C 378 42.36 15.74 -49.97
C ASP C 378 41.45 15.84 -51.19
N PRO C 379 40.78 17.00 -51.38
CA PRO C 379 39.82 17.15 -52.48
C PRO C 379 40.41 16.92 -53.88
N GLU C 380 41.71 17.19 -54.03
CA GLU C 380 42.48 16.99 -55.27
C GLU C 380 42.52 15.49 -55.66
N ARG C 381 42.29 14.57 -54.71
CA ARG C 381 42.18 13.11 -55.01
C ARG C 381 41.02 12.90 -56.00
N LEU C 382 40.06 13.83 -56.04
CA LEU C 382 38.91 13.78 -56.96
C LEU C 382 39.19 14.63 -58.20
N THR C 383 39.47 15.92 -58.02
CA THR C 383 39.64 16.93 -59.11
C THR C 383 40.87 16.59 -59.95
N GLU C 384 41.99 16.17 -59.34
CA GLU C 384 43.27 15.88 -60.05
C GLU C 384 43.33 14.39 -60.42
N ARG C 385 43.20 13.48 -59.44
CA ARG C 385 43.58 12.05 -59.58
C ARG C 385 42.34 11.20 -59.91
N LYS C 386 41.14 11.78 -59.90
CA LYS C 386 39.87 11.12 -60.31
C LYS C 386 39.71 9.77 -59.59
N GLU C 387 40.03 9.67 -58.29
CA GLU C 387 40.06 8.37 -57.59
C GLU C 387 38.60 7.84 -57.48
N HIS C 388 37.62 8.73 -57.47
CA HIS C 388 36.18 8.34 -57.45
C HIS C 388 35.77 7.61 -58.73
N GLU C 389 36.58 7.68 -59.80
CA GLU C 389 36.22 7.13 -61.15
C GLU C 389 36.92 5.79 -61.40
N LYS C 390 37.90 5.37 -60.58
CA LYS C 390 38.60 4.09 -60.80
C LYS C 390 37.58 2.93 -60.89
N PHE C 391 36.65 2.83 -59.93
CA PHE C 391 35.58 1.78 -59.91
C PHE C 391 34.22 2.43 -60.12
N LYS C 392 33.32 1.74 -60.84
CA LYS C 392 31.93 2.21 -61.03
C LYS C 392 31.28 2.51 -59.66
N TYR C 393 31.50 1.66 -58.66
CA TYR C 393 30.86 1.79 -57.32
C TYR C 393 31.89 2.20 -56.25
N GLY C 394 32.96 2.91 -56.64
CA GLY C 394 34.04 3.33 -55.73
C GLY C 394 33.56 4.39 -54.76
N ALA C 395 32.63 5.22 -55.19
CA ALA C 395 32.00 6.33 -54.45
C ALA C 395 30.48 6.13 -54.45
N VAL C 396 29.86 5.87 -53.28
CA VAL C 396 28.40 5.56 -53.19
C VAL C 396 27.75 6.34 -52.04
N PRO C 397 28.16 7.58 -51.74
CA PRO C 397 27.60 8.27 -50.57
C PRO C 397 26.10 8.54 -50.77
N PHE C 398 25.67 8.64 -52.03
CA PHE C 398 24.28 8.91 -52.50
C PHE C 398 23.68 7.62 -53.08
N GLY C 399 24.33 6.47 -52.84
CA GLY C 399 23.87 5.18 -53.35
C GLY C 399 24.01 5.07 -54.87
N ALA C 400 23.31 4.13 -55.48
CA ALA C 400 23.44 3.82 -56.93
C ALA C 400 22.26 2.97 -57.37
N GLY C 401 22.08 2.84 -58.69
CA GLY C 401 20.96 2.15 -59.32
C GLY C 401 19.62 2.78 -59.00
N ARG C 402 18.61 1.93 -58.90
CA ARG C 402 17.16 2.24 -58.81
C ARG C 402 16.90 3.24 -57.70
N HIS C 403 17.44 3.00 -56.49
CA HIS C 403 17.06 3.75 -55.27
C HIS C 403 18.07 4.86 -54.97
N LYS C 404 18.91 5.21 -55.96
CA LYS C 404 19.88 6.33 -55.86
C LYS C 404 19.14 7.51 -55.24
N CYS C 405 19.82 8.31 -54.40
CA CYS C 405 19.27 9.58 -53.83
C CYS C 405 18.72 10.45 -54.96
N ILE C 406 17.47 10.87 -54.87
CA ILE C 406 16.90 11.87 -55.82
C ILE C 406 17.18 13.27 -55.29
N GLY C 407 17.79 13.38 -54.09
CA GLY C 407 18.03 14.68 -53.46
C GLY C 407 19.43 15.22 -53.73
N GLU C 408 20.23 14.49 -54.52
CA GLU C 408 21.69 14.75 -54.66
C GLU C 408 21.89 16.19 -55.15
N ASN C 409 21.21 16.62 -56.21
CA ASN C 409 21.49 17.98 -56.76
C ASN C 409 21.03 19.06 -55.77
N PHE C 410 19.90 18.83 -55.08
CA PHE C 410 19.43 19.76 -54.04
C PHE C 410 20.47 19.85 -52.92
N ALA C 411 20.94 18.71 -52.39
CA ALA C 411 21.89 18.69 -51.25
C ALA C 411 23.17 19.44 -51.65
N LEU C 412 23.70 19.18 -52.85
CA LEU C 412 24.89 19.91 -53.32
C LEU C 412 24.57 21.42 -53.38
N LEU C 413 23.43 21.81 -53.96
CA LEU C 413 23.06 23.24 -54.06
C LEU C 413 23.03 23.86 -52.66
N GLN C 414 22.41 23.16 -51.71
CA GLN C 414 22.11 23.70 -50.36
C GLN C 414 23.44 23.83 -49.59
N VAL C 415 24.25 22.78 -49.56
CA VAL C 415 25.50 22.80 -48.76
C VAL C 415 26.49 23.77 -49.41
N LYS C 416 26.57 23.80 -50.75
CA LYS C 416 27.58 24.67 -51.43
C LYS C 416 27.18 26.13 -51.21
N SER C 417 25.89 26.44 -51.32
CA SER C 417 25.35 27.81 -51.09
C SER C 417 25.68 28.30 -49.68
N ILE C 418 25.32 27.51 -48.67
CA ILE C 418 25.43 27.88 -47.23
C ILE C 418 26.91 28.13 -46.90
N ILE C 419 27.80 27.24 -47.32
CA ILE C 419 29.25 27.38 -47.07
C ILE C 419 29.79 28.59 -47.84
N SER C 420 29.42 28.75 -49.12
CA SER C 420 29.83 29.95 -49.91
C SER C 420 29.45 31.21 -49.11
N ILE C 421 28.23 31.25 -48.58
CA ILE C 421 27.70 32.52 -48.01
C ILE C 421 28.35 32.78 -46.63
N LEU C 422 28.55 31.73 -45.84
CA LEU C 422 29.23 31.86 -44.53
C LEU C 422 30.67 32.39 -44.73
N LEU C 423 31.39 31.86 -45.72
CA LEU C 423 32.77 32.30 -46.06
C LEU C 423 32.74 33.76 -46.53
N ARG C 424 31.67 34.20 -47.18
CA ARG C 424 31.54 35.60 -47.65
C ARG C 424 31.41 36.51 -46.43
N TYR C 425 30.66 36.12 -45.40
CA TYR C 425 30.39 36.98 -44.22
C TYR C 425 31.59 36.92 -43.24
N PHE C 426 32.20 35.74 -43.04
CA PHE C 426 33.02 35.44 -41.85
C PHE C 426 34.39 34.87 -42.22
N ASP C 427 35.38 35.24 -41.42
CA ASP C 427 36.62 34.45 -41.17
C ASP C 427 36.27 33.45 -40.06
N MET C 428 36.66 32.19 -40.23
CA MET C 428 36.26 31.10 -39.32
C MET C 428 37.45 30.17 -39.05
N GLU C 429 37.59 29.77 -37.79
CA GLU C 429 38.67 28.88 -37.32
C GLU C 429 38.01 27.77 -36.50
N TYR C 430 38.39 26.53 -36.74
CA TYR C 430 37.89 25.38 -35.95
C TYR C 430 38.66 25.28 -34.62
N ILE C 431 37.92 25.13 -33.52
CA ILE C 431 38.51 24.96 -32.17
C ILE C 431 38.80 23.46 -31.94
N GLY C 432 40.07 23.11 -31.89
CA GLY C 432 40.55 21.76 -31.52
C GLY C 432 40.60 20.78 -32.69
N LYS C 433 40.66 19.49 -32.37
CA LYS C 433 40.85 18.36 -33.32
C LYS C 433 39.51 18.09 -34.02
N ILE C 434 39.51 17.86 -35.33
CA ILE C 434 38.31 17.36 -36.05
C ILE C 434 37.95 16.01 -35.43
N PRO C 435 36.74 15.85 -34.87
CA PRO C 435 36.38 14.59 -34.23
C PRO C 435 36.07 13.43 -35.20
N ASP C 436 35.83 12.27 -34.60
CA ASP C 436 35.32 11.05 -35.25
C ASP C 436 33.80 11.14 -35.36
N PRO C 437 33.21 10.36 -36.29
CA PRO C 437 31.76 10.22 -36.35
C PRO C 437 31.28 9.53 -35.06
N SER C 438 30.03 9.80 -34.67
CA SER C 438 29.37 9.16 -33.49
C SER C 438 28.21 8.26 -33.98
N TYR C 439 28.32 6.95 -33.74
CA TYR C 439 27.41 5.93 -34.33
C TYR C 439 26.23 5.68 -33.38
N THR C 440 25.58 6.76 -32.94
CA THR C 440 24.57 6.76 -31.87
C THR C 440 23.25 7.35 -32.37
N SER C 441 23.18 7.71 -33.65
CA SER C 441 21.96 8.33 -34.27
C SER C 441 21.65 7.59 -35.59
N LEU C 442 20.47 7.78 -36.17
CA LEU C 442 20.07 7.19 -37.48
C LEU C 442 20.98 7.83 -38.55
N VAL C 443 20.92 9.15 -38.71
CA VAL C 443 21.85 9.94 -39.55
C VAL C 443 23.06 10.30 -38.67
N VAL C 444 24.25 9.79 -39.01
CA VAL C 444 25.44 9.93 -38.15
C VAL C 444 26.24 11.16 -38.57
N GLY C 445 26.58 11.97 -37.57
CA GLY C 445 27.38 13.20 -37.67
C GLY C 445 28.56 13.16 -36.71
N PRO C 446 29.30 14.28 -36.62
CA PRO C 446 30.50 14.34 -35.77
C PRO C 446 30.18 14.14 -34.29
N SER C 447 31.17 13.60 -33.54
CA SER C 447 31.14 13.57 -32.06
C SER C 447 30.69 14.97 -31.67
N PRO C 448 29.85 15.18 -30.65
CA PRO C 448 29.11 16.44 -30.60
C PRO C 448 29.82 17.76 -30.36
N PRO C 449 30.78 17.88 -29.41
CA PRO C 449 31.39 19.20 -29.22
C PRO C 449 32.13 19.60 -30.51
N THR C 450 31.55 20.48 -31.35
CA THR C 450 32.18 20.97 -32.61
C THR C 450 32.06 22.49 -32.69
N ARG C 451 33.02 23.21 -32.11
CA ARG C 451 32.97 24.70 -32.01
C ARG C 451 33.96 25.32 -32.99
N MET C 452 33.58 26.48 -33.51
CA MET C 452 34.45 27.31 -34.38
C MET C 452 34.37 28.75 -33.90
N ARG C 453 35.43 29.50 -34.11
CA ARG C 453 35.42 30.98 -33.98
C ARG C 453 35.03 31.56 -35.33
N TYR C 454 34.26 32.65 -35.28
CA TYR C 454 33.89 33.45 -36.46
C TYR C 454 34.15 34.92 -36.13
N LYS C 455 34.40 35.70 -37.19
CA LYS C 455 34.51 37.17 -37.12
C LYS C 455 34.10 37.75 -38.47
N LEU C 456 33.23 38.75 -38.49
CA LEU C 456 32.85 39.48 -39.74
C LEU C 456 34.12 39.80 -40.53
N ARG C 457 34.09 39.59 -41.85
CA ARG C 457 35.22 39.91 -42.75
C ARG C 457 35.25 41.40 -43.07
N LYS C 458 36.46 41.92 -43.35
CA LYS C 458 36.83 43.36 -43.41
C LYS C 458 36.26 44.00 -44.69
N LYS D 10 -41.69 15.24 2.15
CA LYS D 10 -42.67 14.18 2.57
C LYS D 10 -41.99 13.22 3.58
N LEU D 11 -41.23 13.77 4.52
CA LEU D 11 -40.38 12.96 5.45
C LEU D 11 -41.26 12.25 6.47
N PRO D 12 -40.95 10.98 6.86
CA PRO D 12 -41.62 10.36 8.00
C PRO D 12 -41.50 11.22 9.25
N PRO D 13 -42.44 11.17 10.22
CA PRO D 13 -42.25 11.88 11.49
C PRO D 13 -40.95 11.44 12.17
N ARG D 14 -40.26 12.39 12.81
CA ARG D 14 -38.98 12.15 13.54
C ARG D 14 -39.25 11.93 15.03
N VAL D 15 -38.49 11.03 15.68
CA VAL D 15 -38.29 11.05 17.16
C VAL D 15 -37.35 12.20 17.47
N PRO D 16 -37.80 13.19 18.29
CA PRO D 16 -36.99 14.36 18.61
C PRO D 16 -35.65 13.96 19.27
N ASN D 17 -34.53 14.39 18.66
CA ASN D 17 -33.17 14.24 19.22
C ASN D 17 -33.16 14.83 20.63
N LEU D 18 -32.77 14.03 21.63
CA LEU D 18 -32.40 14.55 22.98
C LEU D 18 -31.08 15.33 22.86
N ILE D 19 -30.11 14.80 22.11
CA ILE D 19 -28.78 15.46 21.86
C ILE D 19 -28.45 15.35 20.37
N PRO D 20 -27.71 16.33 19.80
CA PRO D 20 -27.21 16.22 18.43
C PRO D 20 -26.24 15.04 18.25
N TYR D 21 -26.31 14.38 17.09
CA TYR D 21 -25.48 13.23 16.63
C TYR D 21 -25.87 11.95 17.38
N VAL D 22 -25.82 11.97 18.72
CA VAL D 22 -26.16 10.76 19.53
C VAL D 22 -27.65 10.49 19.31
N GLY D 23 -28.45 11.55 19.16
CA GLY D 23 -29.87 11.49 18.80
C GLY D 23 -30.70 10.73 19.82
N SER D 24 -31.26 9.58 19.43
CA SER D 24 -32.17 8.76 20.27
C SER D 24 -31.43 7.56 20.85
N PHE D 25 -30.10 7.50 20.68
CA PHE D 25 -29.28 6.31 21.02
C PHE D 25 -29.51 5.85 22.46
N VAL D 26 -29.68 6.78 23.40
CA VAL D 26 -29.73 6.46 24.86
C VAL D 26 -30.95 5.56 25.13
N SER D 27 -32.17 5.99 24.77
CA SER D 27 -33.40 5.19 24.93
C SER D 27 -33.37 3.91 24.06
N PHE D 28 -32.75 3.97 22.88
CA PHE D 28 -32.60 2.82 21.95
C PHE D 28 -31.71 1.75 22.59
N ALA D 29 -30.63 2.20 23.25
CA ALA D 29 -29.59 1.35 23.92
C ALA D 29 -30.17 0.65 25.16
N LYS D 30 -31.02 1.32 25.93
CA LYS D 30 -31.76 0.68 27.06
C LYS D 30 -32.46 -0.57 26.53
N ASN D 31 -33.25 -0.43 25.44
CA ASN D 31 -34.06 -1.53 24.87
C ASN D 31 -34.49 -1.20 23.44
N PRO D 32 -33.86 -1.80 22.40
CA PRO D 32 -34.15 -1.46 21.01
C PRO D 32 -35.59 -1.82 20.62
N VAL D 33 -36.09 -2.97 21.07
CA VAL D 33 -37.49 -3.40 20.75
C VAL D 33 -38.47 -2.43 21.42
N GLN D 34 -38.28 -2.13 22.71
CA GLN D 34 -39.23 -1.23 23.43
C GLN D 34 -39.19 0.14 22.78
N PHE D 35 -38.00 0.56 22.33
CA PHE D 35 -37.81 1.88 21.67
C PHE D 35 -38.74 1.95 20.46
N ILE D 36 -38.76 0.89 19.64
CA ILE D 36 -39.55 0.84 18.37
C ILE D 36 -41.05 0.76 18.73
N ILE D 37 -41.40 -0.06 19.71
CA ILE D 37 -42.81 -0.17 20.20
C ILE D 37 -43.29 1.20 20.70
N ASP D 38 -42.54 1.86 21.61
CA ASP D 38 -43.00 3.14 22.22
C ASP D 38 -43.20 4.17 21.11
N ASN D 39 -42.24 4.27 20.17
CA ASN D 39 -42.21 5.36 19.16
C ASN D 39 -43.25 5.08 18.06
N SER D 40 -43.58 3.81 17.80
CA SER D 40 -44.70 3.40 16.93
C SER D 40 -46.01 3.95 17.49
N LYS D 41 -46.26 3.64 18.76
CA LYS D 41 -47.46 4.10 19.49
C LYS D 41 -47.54 5.63 19.35
N LYS D 42 -46.42 6.34 19.55
CA LYS D 42 -46.37 7.83 19.55
C LYS D 42 -46.47 8.39 18.12
N TYR D 43 -45.67 7.90 17.17
CA TYR D 43 -45.39 8.59 15.87
C TYR D 43 -45.98 7.83 14.66
N GLY D 44 -46.53 6.62 14.84
CA GLY D 44 -47.26 5.88 13.77
C GLY D 44 -46.43 4.79 13.11
N ASP D 45 -46.92 4.28 11.97
CA ASP D 45 -46.44 3.05 11.27
C ASP D 45 -45.01 3.22 10.75
N VAL D 46 -44.57 4.44 10.45
CA VAL D 46 -43.16 4.68 10.00
C VAL D 46 -42.64 5.94 10.68
N PHE D 47 -41.43 5.89 11.24
CA PHE D 47 -40.79 7.08 11.85
C PHE D 47 -39.27 6.96 11.74
N THR D 48 -38.59 8.11 11.78
CA THR D 48 -37.11 8.22 11.67
C THR D 48 -36.55 8.63 13.04
N ALA D 49 -35.40 8.06 13.41
CA ALA D 49 -34.56 8.51 14.55
C ALA D 49 -33.12 8.63 14.08
N THR D 50 -32.41 9.64 14.57
CA THR D 50 -30.92 9.70 14.47
C THR D 50 -30.39 8.88 15.63
N ILE D 51 -29.42 8.02 15.36
CA ILE D 51 -28.79 7.16 16.41
C ILE D 51 -27.29 7.08 16.11
N LEU D 52 -26.48 7.78 16.93
CA LEU D 52 -25.02 7.91 16.73
C LEU D 52 -24.74 8.21 15.24
N GLY D 53 -25.42 9.22 14.71
CA GLY D 53 -25.13 9.81 13.38
C GLY D 53 -25.67 8.99 12.22
N LYS D 54 -26.41 7.91 12.49
CA LYS D 54 -27.13 7.15 11.44
C LYS D 54 -28.60 7.57 11.46
N GLU D 55 -29.13 7.94 10.29
CA GLU D 55 -30.59 8.12 10.04
C GLU D 55 -31.25 6.73 9.89
N MET D 56 -31.99 6.33 10.91
CA MET D 56 -32.73 5.04 11.04
C MET D 56 -34.21 5.30 10.81
N THR D 57 -34.79 4.73 9.72
CA THR D 57 -36.25 4.77 9.47
C THR D 57 -36.88 3.40 9.76
N PHE D 58 -37.80 3.36 10.72
CA PHE D 58 -38.45 2.13 11.24
C PHE D 58 -39.83 1.92 10.62
N LEU D 59 -40.08 0.75 10.03
CA LEU D 59 -41.40 0.34 9.45
C LEU D 59 -42.02 -0.73 10.36
N ASN D 60 -43.21 -0.44 10.90
CA ASN D 60 -43.66 -1.03 12.19
C ASN D 60 -44.99 -1.79 12.04
N HIS D 61 -45.65 -1.70 10.89
CA HIS D 61 -46.99 -2.31 10.67
C HIS D 61 -46.94 -3.21 9.45
N PRO D 62 -47.49 -4.44 9.54
CA PRO D 62 -47.46 -5.39 8.42
C PRO D 62 -48.01 -4.83 7.09
N LYS D 63 -48.97 -3.92 7.15
CA LYS D 63 -49.67 -3.39 5.96
C LYS D 63 -48.71 -2.62 5.04
N ILE D 64 -47.56 -2.17 5.54
CA ILE D 64 -46.68 -1.23 4.78
C ILE D 64 -45.34 -1.87 4.45
N LEU D 65 -45.16 -3.15 4.77
CA LEU D 65 -43.83 -3.80 4.68
C LEU D 65 -43.53 -4.19 3.23
N ASP D 66 -44.50 -4.01 2.32
CA ASP D 66 -44.28 -4.44 0.91
C ASP D 66 -43.11 -3.64 0.36
N THR D 67 -43.05 -2.34 0.66
CA THR D 67 -42.05 -1.43 0.05
C THR D 67 -40.63 -1.82 0.50
N PHE D 68 -40.51 -2.48 1.67
CA PHE D 68 -39.22 -2.97 2.19
C PHE D 68 -38.87 -4.29 1.49
N PHE D 69 -39.79 -5.25 1.42
CA PHE D 69 -39.46 -6.67 1.11
C PHE D 69 -39.44 -6.88 -0.39
N LYS D 70 -40.12 -6.04 -1.17
CA LYS D 70 -40.30 -6.15 -2.65
C LYS D 70 -39.12 -5.50 -3.40
N ALA D 71 -38.42 -4.57 -2.79
CA ALA D 71 -37.32 -3.77 -3.40
C ALA D 71 -36.25 -4.65 -4.05
N THR D 72 -35.67 -4.14 -5.14
CA THR D 72 -34.41 -4.64 -5.75
C THR D 72 -33.22 -4.13 -4.92
N ASP D 73 -32.06 -4.74 -5.11
CA ASP D 73 -30.79 -4.49 -4.38
C ASP D 73 -30.26 -3.10 -4.74
N ASN D 74 -30.73 -2.50 -5.84
CA ASN D 74 -30.29 -1.15 -6.26
C ASN D 74 -31.23 -0.08 -5.67
N GLU D 75 -32.32 -0.50 -5.04
CA GLU D 75 -33.28 0.41 -4.33
C GLU D 75 -32.97 0.35 -2.83
N LEU D 76 -33.07 -0.85 -2.24
CA LEU D 76 -32.76 -1.07 -0.81
C LEU D 76 -31.63 -2.09 -0.75
N SER D 77 -30.48 -1.70 -0.21
CA SER D 77 -29.24 -2.51 -0.27
C SER D 77 -28.97 -3.18 1.10
N LEU D 78 -28.89 -4.49 1.12
CA LEU D 78 -28.41 -5.29 2.26
C LEU D 78 -26.90 -5.08 2.43
N ARG D 79 -26.14 -5.28 1.35
CA ARG D 79 -24.65 -5.18 1.32
C ARG D 79 -24.22 -3.82 1.89
N ASP D 80 -24.90 -2.71 1.54
CA ASP D 80 -24.44 -1.37 1.97
C ASP D 80 -24.51 -1.25 3.50
N VAL D 81 -25.45 -1.92 4.15
CA VAL D 81 -25.69 -1.77 5.61
C VAL D 81 -24.42 -2.16 6.35
N TYR D 82 -23.71 -3.19 5.88
CA TYR D 82 -22.58 -3.83 6.63
C TYR D 82 -21.28 -3.87 5.81
N ARG D 83 -21.25 -3.30 4.60
CA ARG D 83 -20.07 -3.50 3.71
C ARG D 83 -18.83 -2.84 4.31
N PHE D 84 -18.96 -1.89 5.23
CA PHE D 84 -17.75 -1.25 5.81
C PHE D 84 -17.40 -1.88 7.17
N MET D 85 -18.09 -2.98 7.52
CA MET D 85 -17.84 -3.71 8.78
C MET D 85 -16.50 -4.42 8.72
N ARG D 86 -15.80 -4.52 9.85
CA ARG D 86 -14.64 -5.42 9.94
C ARG D 86 -15.21 -6.82 9.77
N PRO D 87 -14.82 -7.55 8.72
CA PRO D 87 -15.40 -8.86 8.43
C PRO D 87 -15.26 -9.87 9.58
N VAL D 88 -16.40 -10.19 10.21
CA VAL D 88 -16.47 -11.20 11.31
C VAL D 88 -16.25 -12.58 10.70
N PHE D 89 -16.65 -12.77 9.43
CA PHE D 89 -16.63 -14.12 8.80
C PHE D 89 -15.34 -14.30 8.01
N GLY D 90 -14.94 -13.26 7.29
CA GLY D 90 -13.78 -13.35 6.38
C GLY D 90 -13.81 -12.26 5.31
N THR D 91 -12.66 -12.00 4.69
CA THR D 91 -12.50 -11.00 3.62
C THR D 91 -13.13 -11.52 2.31
N GLY D 92 -13.97 -10.72 1.66
CA GLY D 92 -14.55 -11.05 0.35
C GLY D 92 -15.77 -11.97 0.42
N VAL D 93 -16.29 -12.28 1.61
CA VAL D 93 -17.47 -13.18 1.76
C VAL D 93 -18.59 -12.45 2.50
N VAL D 94 -19.82 -12.90 2.24
CA VAL D 94 -21.05 -12.39 2.89
C VAL D 94 -21.07 -10.87 2.67
N TYR D 95 -21.13 -10.01 3.69
CA TYR D 95 -21.38 -8.55 3.48
C TYR D 95 -20.08 -7.87 3.02
N ASP D 96 -18.96 -8.59 3.02
CA ASP D 96 -17.70 -8.03 2.48
C ASP D 96 -17.49 -8.45 1.01
N ALA D 97 -18.46 -9.13 0.38
CA ALA D 97 -18.29 -9.59 -1.02
C ALA D 97 -18.26 -8.36 -1.93
N ASP D 98 -17.69 -8.47 -3.12
CA ASP D 98 -17.50 -7.30 -4.02
C ASP D 98 -18.84 -6.88 -4.62
N SER D 99 -19.84 -7.78 -4.64
CA SER D 99 -21.19 -7.48 -5.20
C SER D 99 -22.25 -8.29 -4.43
N THR D 100 -23.50 -7.87 -4.54
CA THR D 100 -24.68 -8.64 -4.07
C THR D 100 -24.83 -9.94 -4.92
N GLU D 101 -24.59 -9.86 -6.23
CA GLU D 101 -24.68 -11.04 -7.13
C GLU D 101 -23.68 -12.08 -6.60
N ARG D 102 -22.48 -11.66 -6.19
CA ARG D 102 -21.43 -12.58 -5.72
C ARG D 102 -21.90 -13.15 -4.36
N MET D 103 -22.49 -12.32 -3.50
CA MET D 103 -22.99 -12.78 -2.18
C MET D 103 -24.02 -13.90 -2.38
N MET D 104 -24.91 -13.75 -3.37
CA MET D 104 -25.96 -14.74 -3.74
C MET D 104 -25.34 -16.02 -4.29
N GLU D 105 -24.20 -15.94 -4.96
CA GLU D 105 -23.44 -17.16 -5.35
C GLU D 105 -22.91 -17.83 -4.10
N GLN D 106 -22.44 -17.07 -3.11
CA GLN D 106 -21.88 -17.64 -1.87
C GLN D 106 -23.02 -18.30 -1.07
N VAL D 107 -24.18 -17.63 -0.98
CA VAL D 107 -25.40 -18.21 -0.35
C VAL D 107 -25.72 -19.56 -0.98
N LYS D 108 -25.61 -19.65 -2.31
CA LYS D 108 -25.89 -20.89 -3.08
C LYS D 108 -24.93 -22.02 -2.67
N PHE D 109 -23.66 -21.72 -2.35
CA PHE D 109 -22.71 -22.80 -1.96
C PHE D 109 -23.27 -23.50 -0.71
N VAL D 110 -23.83 -22.72 0.21
CA VAL D 110 -24.41 -23.21 1.49
C VAL D 110 -25.74 -23.92 1.19
N SER D 111 -26.66 -23.27 0.47
CA SER D 111 -28.02 -23.80 0.22
C SER D 111 -27.94 -25.10 -0.58
N SER D 112 -26.87 -25.28 -1.34
CA SER D 112 -26.61 -26.51 -2.13
C SER D 112 -26.53 -27.71 -1.18
N GLY D 113 -26.12 -27.49 0.08
CA GLY D 113 -25.89 -28.56 1.05
C GLY D 113 -27.17 -28.91 1.80
N LEU D 114 -28.26 -28.19 1.52
CA LEU D 114 -29.56 -28.32 2.25
C LEU D 114 -30.65 -28.94 1.34
N THR D 115 -30.39 -30.14 0.82
CA THR D 115 -31.30 -30.92 -0.06
C THR D 115 -32.12 -31.90 0.82
N THR D 116 -33.20 -32.43 0.24
CA THR D 116 -34.00 -33.51 0.83
C THR D 116 -33.08 -34.70 1.11
N ALA D 117 -32.22 -35.04 0.15
CA ALA D 117 -31.37 -36.24 0.28
C ALA D 117 -30.52 -36.07 1.54
N ARG D 118 -29.96 -34.87 1.76
CA ARG D 118 -29.12 -34.58 2.95
C ARG D 118 -30.01 -34.55 4.20
N PHE D 119 -31.19 -33.91 4.16
CA PHE D 119 -32.13 -33.86 5.30
C PHE D 119 -32.39 -35.27 5.84
N ARG D 120 -32.47 -36.29 4.99
CA ARG D 120 -32.73 -37.70 5.42
C ARG D 120 -31.59 -38.16 6.33
N VAL D 121 -30.34 -37.80 6.00
CA VAL D 121 -29.13 -38.15 6.81
C VAL D 121 -29.10 -37.31 8.10
N PHE D 122 -29.47 -36.03 8.02
CA PHE D 122 -29.41 -35.05 9.14
C PHE D 122 -30.21 -35.63 10.33
N VAL D 123 -31.38 -36.21 10.08
CA VAL D 123 -32.23 -36.81 11.16
C VAL D 123 -31.39 -37.88 11.86
N ASP D 124 -30.69 -38.74 11.12
CA ASP D 124 -29.77 -39.77 11.69
C ASP D 124 -28.72 -39.09 12.56
N ILE D 125 -28.24 -37.91 12.14
CA ILE D 125 -27.13 -37.20 12.86
C ILE D 125 -27.70 -36.65 14.17
N PHE D 126 -28.92 -36.12 14.14
CA PHE D 126 -29.64 -35.61 15.34
C PHE D 126 -29.74 -36.75 16.36
N GLU D 127 -30.24 -37.92 15.95
CA GLU D 127 -30.41 -39.11 16.84
C GLU D 127 -29.04 -39.45 17.46
N ASP D 128 -27.98 -39.45 16.65
CA ASP D 128 -26.63 -39.91 17.08
C ASP D 128 -26.12 -38.95 18.15
N GLU D 129 -26.21 -37.64 17.89
CA GLU D 129 -25.61 -36.64 18.79
C GLU D 129 -26.38 -36.67 20.11
N ILE D 130 -27.70 -36.80 20.07
CA ILE D 130 -28.49 -36.77 21.33
C ILE D 130 -28.21 -38.04 22.15
N ALA D 131 -27.98 -39.19 21.49
CA ALA D 131 -27.63 -40.47 22.17
C ALA D 131 -26.31 -40.31 22.94
N HIS D 132 -25.32 -39.62 22.37
CA HIS D 132 -24.04 -39.31 23.08
C HIS D 132 -24.37 -38.42 24.29
N LYS D 133 -25.21 -37.41 24.06
CA LYS D 133 -25.49 -36.38 25.08
C LYS D 133 -26.22 -37.03 26.26
N VAL D 134 -27.17 -37.90 25.96
CA VAL D 134 -28.06 -38.58 26.95
C VAL D 134 -27.18 -39.36 27.94
N LYS D 135 -26.08 -39.94 27.45
CA LYS D 135 -25.09 -40.67 28.30
C LYS D 135 -24.48 -39.70 29.30
N GLU D 136 -24.09 -38.51 28.87
CA GLU D 136 -23.46 -37.49 29.76
C GLU D 136 -24.48 -37.07 30.83
N LEU D 137 -25.75 -36.92 30.46
CA LEU D 137 -26.78 -36.31 31.35
C LEU D 137 -27.19 -37.31 32.43
N GLY D 138 -27.16 -38.61 32.11
CA GLY D 138 -27.55 -39.70 33.02
C GLY D 138 -29.06 -39.75 33.24
N PRO D 139 -29.51 -40.51 34.26
CA PRO D 139 -30.94 -40.80 34.46
C PRO D 139 -31.78 -39.57 34.81
N GLU D 140 -31.24 -38.63 35.58
CA GLU D 140 -31.98 -37.43 36.03
C GLU D 140 -30.98 -36.35 36.44
N GLY D 141 -31.43 -35.10 36.47
CA GLY D 141 -30.59 -33.97 36.89
C GLY D 141 -31.24 -32.67 36.50
N THR D 142 -30.49 -31.57 36.59
CA THR D 142 -30.89 -30.25 36.04
C THR D 142 -29.81 -29.81 35.05
N VAL D 143 -30.24 -29.09 34.00
CA VAL D 143 -29.36 -28.69 32.87
C VAL D 143 -29.82 -27.32 32.38
N ASP D 144 -28.86 -26.47 32.06
CA ASP D 144 -29.12 -25.16 31.42
C ASP D 144 -29.64 -25.45 29.99
N VAL D 145 -30.87 -25.02 29.70
CA VAL D 145 -31.57 -25.32 28.42
C VAL D 145 -30.75 -24.70 27.27
N ALA D 146 -30.38 -23.41 27.37
CA ALA D 146 -29.67 -22.66 26.32
C ALA D 146 -28.34 -23.33 26.01
N GLU D 147 -27.59 -23.75 27.04
CA GLU D 147 -26.30 -24.46 26.92
C GLU D 147 -26.50 -25.83 26.28
N LEU D 148 -27.51 -26.59 26.72
CA LEU D 148 -27.80 -27.91 26.13
C LEU D 148 -27.98 -27.74 24.61
N MET D 149 -28.84 -26.80 24.21
CA MET D 149 -29.24 -26.59 22.80
C MET D 149 -28.04 -26.10 21.97
N ALA D 150 -27.25 -25.18 22.50
CA ALA D 150 -26.02 -24.65 21.87
C ALA D 150 -25.04 -25.82 21.66
N ASP D 151 -24.86 -26.67 22.67
CA ASP D 151 -23.83 -27.76 22.63
C ASP D 151 -24.27 -28.85 21.67
N LEU D 152 -25.56 -29.23 21.68
CA LEU D 152 -26.11 -30.21 20.73
C LEU D 152 -25.91 -29.68 19.30
N ILE D 153 -26.28 -28.43 19.04
CA ILE D 153 -26.44 -27.98 17.63
C ILE D 153 -25.08 -27.59 17.03
N ILE D 154 -24.09 -27.26 17.86
CA ILE D 154 -22.70 -27.07 17.37
C ILE D 154 -22.22 -28.40 16.79
N PHE D 155 -22.59 -29.54 17.39
CA PHE D 155 -22.26 -30.87 16.82
C PHE D 155 -23.16 -31.18 15.61
N THR D 156 -24.49 -31.06 15.73
CA THR D 156 -25.39 -31.47 14.64
C THR D 156 -25.16 -30.57 13.42
N ALA D 157 -25.18 -29.24 13.58
CA ALA D 157 -25.05 -28.26 12.46
C ALA D 157 -23.69 -28.48 11.77
N SER D 158 -22.64 -28.73 12.55
CA SER D 158 -21.25 -28.89 12.08
C SER D 158 -21.19 -30.10 11.16
N ARG D 159 -21.74 -31.24 11.63
CA ARG D 159 -21.74 -32.50 10.86
C ARG D 159 -22.62 -32.34 9.62
N CYS D 160 -23.78 -31.72 9.74
CA CYS D 160 -24.78 -31.63 8.64
C CYS D 160 -24.15 -30.85 7.47
N LEU D 161 -23.49 -29.74 7.77
CA LEU D 161 -22.94 -28.78 6.77
C LEU D 161 -21.52 -29.20 6.32
N LEU D 162 -20.65 -29.66 7.25
CA LEU D 162 -19.21 -29.91 6.99
C LEU D 162 -18.93 -31.40 6.78
N GLY D 163 -19.84 -32.30 7.18
CA GLY D 163 -19.61 -33.75 7.11
C GLY D 163 -18.99 -34.28 8.40
N ASP D 164 -18.84 -35.60 8.51
CA ASP D 164 -18.57 -36.29 9.80
C ASP D 164 -17.10 -36.14 10.21
N GLU D 165 -16.22 -35.69 9.30
CA GLU D 165 -14.76 -35.47 9.55
C GLU D 165 -14.56 -34.31 10.53
N VAL D 166 -15.51 -33.37 10.61
CA VAL D 166 -15.44 -32.24 11.58
C VAL D 166 -15.55 -32.76 13.03
N ARG D 167 -16.16 -33.91 13.28
CA ARG D 167 -16.47 -34.32 14.68
C ARG D 167 -15.17 -34.42 15.51
N GLN D 168 -14.15 -35.11 14.99
CA GLN D 168 -12.82 -35.26 15.66
C GLN D 168 -12.36 -33.90 16.20
N TYR D 169 -12.55 -32.81 15.45
CA TYR D 169 -12.03 -31.47 15.82
C TYR D 169 -12.87 -30.86 16.96
N LEU D 170 -14.17 -31.19 17.04
CA LEU D 170 -15.06 -30.73 18.15
C LEU D 170 -14.71 -31.49 19.44
N SER D 171 -14.53 -32.81 19.38
CA SER D 171 -14.26 -33.67 20.57
C SER D 171 -12.83 -33.43 21.09
N GLU D 172 -11.83 -33.23 20.21
CA GLU D 172 -10.39 -33.41 20.56
C GLU D 172 -9.57 -32.12 20.37
N LYS D 173 -9.95 -31.20 19.48
CA LYS D 173 -9.10 -30.02 19.12
C LYS D 173 -9.79 -28.69 19.45
N ASN D 174 -10.83 -28.70 20.29
CA ASN D 174 -11.49 -27.50 20.85
C ASN D 174 -11.93 -26.53 19.73
N LEU D 175 -12.49 -27.07 18.64
CA LEU D 175 -13.15 -26.25 17.57
C LEU D 175 -14.31 -25.47 18.21
N GLY D 176 -15.07 -26.11 19.12
CA GLY D 176 -16.21 -25.50 19.80
C GLY D 176 -15.82 -24.23 20.54
N LYS D 177 -14.70 -24.30 21.28
CA LYS D 177 -14.21 -23.18 22.13
C LYS D 177 -13.89 -21.99 21.22
N LEU D 178 -13.12 -22.26 20.17
CA LEU D 178 -12.63 -21.21 19.25
C LEU D 178 -13.83 -20.63 18.47
N TYR D 179 -14.79 -21.50 18.11
CA TYR D 179 -16.03 -21.09 17.40
C TYR D 179 -16.83 -20.09 18.24
N HIS D 180 -16.99 -20.32 19.55
CA HIS D 180 -17.86 -19.44 20.38
C HIS D 180 -17.25 -18.04 20.54
N ASP D 181 -15.98 -17.86 20.17
CA ASP D 181 -15.28 -16.55 20.28
C ASP D 181 -15.35 -15.79 18.96
N ILE D 182 -15.81 -16.44 17.87
CA ILE D 182 -16.04 -15.80 16.54
C ILE D 182 -16.96 -14.60 16.75
N ASP D 183 -17.81 -14.69 17.77
CA ASP D 183 -18.96 -13.80 18.07
C ASP D 183 -18.46 -12.64 18.95
N ASP D 184 -17.28 -12.79 19.57
CA ASP D 184 -16.93 -12.14 20.87
C ASP D 184 -17.06 -10.61 20.78
N GLY D 185 -17.80 -10.03 21.71
CA GLY D 185 -17.92 -8.56 21.92
C GLY D 185 -18.90 -7.90 20.97
N ILE D 186 -19.62 -8.69 20.16
CA ILE D 186 -20.61 -8.19 19.17
C ILE D 186 -22.01 -8.22 19.81
N SER D 187 -22.53 -7.03 20.09
CA SER D 187 -23.91 -6.79 20.57
C SER D 187 -24.68 -6.04 19.49
N PRO D 188 -26.03 -5.95 19.59
CA PRO D 188 -26.81 -5.29 18.54
C PRO D 188 -26.54 -3.78 18.50
N LEU D 189 -25.64 -3.29 19.36
CA LEU D 189 -25.20 -1.86 19.42
C LEU D 189 -23.78 -1.70 18.86
N SER D 190 -23.02 -2.78 18.74
CA SER D 190 -21.71 -2.81 18.02
C SER D 190 -21.85 -2.17 16.63
N PHE D 191 -23.00 -2.35 15.99
CA PHE D 191 -23.38 -1.75 14.69
C PHE D 191 -23.11 -0.23 14.66
N PHE D 192 -23.37 0.47 15.77
CA PHE D 192 -23.42 1.95 15.87
C PHE D 192 -22.08 2.53 16.38
N TYR D 193 -21.41 1.83 17.30
CA TYR D 193 -20.08 2.26 17.80
C TYR D 193 -19.08 2.07 16.65
N PRO D 194 -18.03 2.92 16.56
CA PRO D 194 -17.05 2.79 15.49
C PRO D 194 -16.21 1.53 15.69
N SER D 195 -15.30 1.25 14.74
CA SER D 195 -14.39 0.07 14.74
C SER D 195 -13.45 0.12 15.95
N LEU D 196 -13.61 -0.80 16.91
CA LEU D 196 -12.67 -1.02 18.04
C LEU D 196 -11.69 -2.11 17.65
N PRO D 197 -10.64 -2.39 18.46
CA PRO D 197 -9.88 -3.63 18.32
C PRO D 197 -10.64 -4.82 18.91
N ALA D 198 -10.26 -6.03 18.51
CA ALA D 198 -10.92 -7.31 18.87
C ALA D 198 -9.94 -8.46 18.65
N PRO D 199 -8.83 -8.53 19.42
CA PRO D 199 -7.82 -9.58 19.22
C PRO D 199 -8.34 -10.98 19.57
N LYS D 200 -9.27 -11.06 20.52
CA LYS D 200 -9.91 -12.32 20.97
C LYS D 200 -10.64 -12.95 19.78
N ARG D 201 -11.41 -12.13 19.06
CA ARG D 201 -12.17 -12.53 17.84
C ARG D 201 -11.19 -12.93 16.74
N ASP D 202 -10.13 -12.13 16.56
CA ASP D 202 -9.08 -12.40 15.54
C ASP D 202 -8.44 -13.76 15.83
N LYS D 203 -8.15 -14.06 17.09
CA LYS D 203 -7.55 -15.35 17.53
C LYS D 203 -8.53 -16.50 17.23
N ALA D 204 -9.82 -16.29 17.49
CA ALA D 204 -10.90 -17.28 17.21
C ALA D 204 -10.89 -17.63 15.71
N ARG D 205 -11.06 -16.62 14.84
CA ARG D 205 -11.22 -16.82 13.37
C ARG D 205 -9.97 -17.50 12.78
N LYS D 206 -8.76 -17.05 13.14
CA LYS D 206 -7.46 -17.69 12.81
C LYS D 206 -7.49 -19.17 13.20
N ALA D 207 -7.90 -19.48 14.44
CA ALA D 207 -7.92 -20.86 14.97
C ALA D 207 -8.94 -21.68 14.17
N VAL D 208 -10.17 -21.18 13.99
CA VAL D 208 -11.21 -21.93 13.23
C VAL D 208 -10.75 -22.11 11.78
N GLY D 209 -10.16 -21.06 11.19
CA GLY D 209 -9.60 -21.04 9.82
C GLY D 209 -8.61 -22.17 9.57
N GLU D 210 -7.66 -22.37 10.47
CA GLU D 210 -6.65 -23.46 10.36
C GLU D 210 -7.34 -24.82 10.40
N ILE D 211 -8.35 -25.00 11.26
CA ILE D 211 -9.10 -26.28 11.31
C ILE D 211 -9.83 -26.47 9.97
N PHE D 212 -10.51 -25.42 9.47
CA PHE D 212 -11.31 -25.50 8.22
C PHE D 212 -10.36 -25.71 7.02
N GLN D 213 -9.17 -25.10 7.03
CA GLN D 213 -8.16 -25.33 5.96
C GLN D 213 -7.82 -26.82 5.90
N GLU D 214 -7.65 -27.46 7.05
CA GLU D 214 -7.28 -28.90 7.16
C GLU D 214 -8.44 -29.78 6.65
N LEU D 215 -9.68 -29.44 7.00
CA LEU D 215 -10.89 -30.17 6.50
C LEU D 215 -10.93 -30.08 4.97
N LEU D 216 -10.64 -28.91 4.39
CA LEU D 216 -10.61 -28.68 2.92
C LEU D 216 -9.52 -29.55 2.27
N ASP D 217 -8.30 -29.51 2.82
CA ASP D 217 -7.14 -30.30 2.34
C ASP D 217 -7.50 -31.79 2.38
N LYS D 218 -8.08 -32.24 3.50
CA LYS D 218 -8.44 -33.67 3.69
C LYS D 218 -9.52 -34.07 2.67
N ARG D 219 -10.50 -33.19 2.42
CA ARG D 219 -11.62 -33.50 1.51
C ARG D 219 -11.09 -33.59 0.07
N ARG D 220 -10.11 -32.76 -0.31
CA ARG D 220 -9.45 -32.82 -1.65
C ARG D 220 -8.86 -34.22 -1.88
N GLU D 221 -8.13 -34.74 -0.89
CA GLU D 221 -7.53 -36.11 -0.90
C GLU D 221 -8.63 -37.17 -0.97
N GLU D 222 -9.70 -37.00 -0.20
CA GLU D 222 -10.88 -37.90 -0.21
C GLU D 222 -11.53 -37.92 -1.62
N HIS D 223 -11.65 -36.76 -2.29
CA HIS D 223 -12.19 -36.66 -3.68
C HIS D 223 -11.36 -37.52 -4.63
N LYS D 224 -10.02 -37.44 -4.54
CA LYS D 224 -9.07 -38.18 -5.42
C LYS D 224 -9.19 -39.68 -5.20
N LYS D 225 -9.41 -40.13 -3.95
CA LYS D 225 -9.54 -41.59 -3.63
C LYS D 225 -10.93 -42.10 -3.98
N HIS D 226 -11.98 -41.29 -3.75
CA HIS D 226 -13.40 -41.70 -3.90
C HIS D 226 -14.15 -40.63 -4.68
N PRO D 227 -13.80 -40.39 -5.96
CA PRO D 227 -14.55 -39.42 -6.77
C PRO D 227 -16.05 -39.73 -6.87
N GLU D 228 -16.44 -41.00 -6.74
CA GLU D 228 -17.87 -41.42 -6.82
C GLU D 228 -18.68 -40.75 -5.70
N ARG D 229 -18.01 -40.18 -4.69
CA ARG D 229 -18.67 -39.28 -3.71
C ARG D 229 -19.46 -38.17 -4.41
N LEU D 230 -18.96 -37.60 -5.52
CA LEU D 230 -19.55 -36.40 -6.17
C LEU D 230 -20.88 -36.82 -6.83
N LEU D 231 -21.14 -38.13 -6.95
CA LEU D 231 -22.38 -38.67 -7.56
C LEU D 231 -23.43 -38.97 -6.48
N ASP D 232 -23.06 -38.88 -5.19
CA ASP D 232 -23.90 -39.32 -4.04
C ASP D 232 -24.53 -38.12 -3.34
N GLU D 233 -25.77 -37.78 -3.68
CA GLU D 233 -26.51 -36.61 -3.13
C GLU D 233 -26.69 -36.76 -1.60
N SER D 234 -26.60 -37.96 -1.05
CA SER D 234 -26.73 -38.21 0.41
C SER D 234 -25.40 -37.99 1.14
N LYS D 235 -24.28 -37.86 0.44
CA LYS D 235 -22.95 -37.55 1.06
C LYS D 235 -22.54 -36.10 0.81
N MET D 236 -22.95 -35.47 -0.30
CA MET D 236 -22.44 -34.13 -0.69
C MET D 236 -22.84 -33.12 0.38
N ASP D 237 -21.84 -32.48 0.99
CA ASP D 237 -22.02 -31.41 2.02
C ASP D 237 -21.48 -30.08 1.47
N VAL D 238 -21.53 -29.03 2.28
CA VAL D 238 -21.13 -27.66 1.86
C VAL D 238 -19.65 -27.62 1.53
N VAL D 239 -18.83 -28.43 2.20
CA VAL D 239 -17.38 -28.51 1.86
C VAL D 239 -17.27 -29.05 0.43
N ASP D 240 -18.01 -30.13 0.09
CA ASP D 240 -17.95 -30.73 -1.27
C ASP D 240 -18.36 -29.66 -2.29
N HIS D 241 -19.41 -28.89 -1.98
CA HIS D 241 -19.94 -27.88 -2.92
C HIS D 241 -18.88 -26.78 -3.10
N LEU D 242 -18.16 -26.42 -2.03
CA LEU D 242 -17.20 -25.29 -2.12
C LEU D 242 -15.96 -25.75 -2.91
N LEU D 243 -15.68 -27.04 -2.93
CA LEU D 243 -14.52 -27.59 -3.70
C LEU D 243 -14.89 -27.81 -5.17
N THR D 244 -16.17 -27.91 -5.51
CA THR D 244 -16.63 -28.29 -6.86
C THR D 244 -17.24 -27.08 -7.61
N GLN D 245 -17.80 -26.08 -6.92
CA GLN D 245 -18.53 -24.97 -7.59
C GLN D 245 -17.60 -23.76 -7.79
N LYS D 246 -17.97 -22.85 -8.71
CA LYS D 246 -17.12 -21.71 -9.13
C LYS D 246 -17.98 -20.46 -9.30
N TYR D 247 -17.37 -19.29 -9.29
CA TYR D 247 -18.04 -18.00 -9.60
C TYR D 247 -18.39 -17.99 -11.09
N LYS D 248 -19.56 -17.44 -11.41
CA LYS D 248 -20.04 -17.18 -12.80
C LYS D 248 -18.99 -16.38 -13.59
N ASP D 249 -18.39 -15.35 -12.99
CA ASP D 249 -17.52 -14.38 -13.72
C ASP D 249 -16.10 -14.97 -13.88
N GLY D 250 -15.81 -16.16 -13.35
CA GLY D 250 -14.51 -16.84 -13.56
C GLY D 250 -13.42 -16.46 -12.57
N GLN D 251 -13.64 -15.45 -11.71
CA GLN D 251 -12.67 -15.11 -10.64
C GLN D 251 -12.46 -16.34 -9.75
N GLU D 252 -11.25 -16.52 -9.21
CA GLU D 252 -10.92 -17.75 -8.46
C GLU D 252 -11.75 -17.76 -7.17
N LEU D 253 -12.37 -18.89 -6.85
CA LEU D 253 -12.82 -19.17 -5.46
C LEU D 253 -11.62 -19.66 -4.66
N THR D 254 -11.12 -18.82 -3.75
CA THR D 254 -9.89 -19.10 -2.94
C THR D 254 -10.28 -19.90 -1.70
N ASP D 255 -9.33 -20.61 -1.11
CA ASP D 255 -9.48 -21.23 0.23
C ASP D 255 -9.83 -20.14 1.26
N VAL D 256 -9.34 -18.91 1.12
CA VAL D 256 -9.73 -17.79 2.03
C VAL D 256 -11.24 -17.60 1.97
N HIS D 257 -11.84 -17.55 0.75
CA HIS D 257 -13.30 -17.46 0.54
C HIS D 257 -14.00 -18.69 1.15
N ARG D 258 -13.52 -19.89 0.85
CA ARG D 258 -14.16 -21.17 1.29
C ARG D 258 -14.25 -21.21 2.82
N ILE D 259 -13.19 -20.79 3.53
CA ILE D 259 -13.16 -20.78 5.02
C ILE D 259 -14.18 -19.76 5.57
N GLY D 260 -14.22 -18.53 5.03
CA GLY D 260 -15.16 -17.50 5.51
C GLY D 260 -16.62 -17.90 5.30
N ILE D 261 -16.91 -18.52 4.17
CA ILE D 261 -18.29 -18.97 3.83
C ILE D 261 -18.71 -20.09 4.76
N LEU D 262 -17.81 -21.03 5.04
CA LEU D 262 -18.03 -22.11 6.01
C LEU D 262 -18.31 -21.52 7.41
N ILE D 263 -17.45 -20.63 7.92
CA ILE D 263 -17.67 -20.01 9.27
C ILE D 263 -19.04 -19.33 9.25
N ALA D 264 -19.36 -18.58 8.17
CA ALA D 264 -20.64 -17.85 8.08
C ALA D 264 -21.80 -18.87 8.03
N GLY D 265 -21.65 -19.95 7.28
CA GLY D 265 -22.70 -20.96 7.17
C GLY D 265 -23.01 -21.64 8.50
N LEU D 266 -21.94 -22.03 9.21
CA LEU D 266 -21.98 -22.65 10.55
C LEU D 266 -22.62 -21.69 11.57
N PHE D 267 -22.19 -20.43 11.60
CA PHE D 267 -22.78 -19.40 12.50
C PHE D 267 -24.29 -19.32 12.27
N ALA D 268 -24.72 -19.25 11.02
CA ALA D 268 -26.15 -19.15 10.65
C ALA D 268 -26.89 -20.40 11.13
N GLY D 269 -26.30 -21.57 10.88
CA GLY D 269 -26.88 -22.90 11.16
C GLY D 269 -27.02 -23.25 12.64
N GLN D 270 -26.47 -22.43 13.52
CA GLN D 270 -26.22 -22.78 14.95
C GLN D 270 -27.01 -21.84 15.88
N HIS D 271 -26.70 -20.54 15.88
CA HIS D 271 -27.16 -19.60 16.93
C HIS D 271 -28.67 -19.50 16.95
N THR D 272 -29.28 -19.18 15.80
CA THR D 272 -30.76 -18.98 15.64
C THR D 272 -31.50 -20.27 15.98
N SER D 273 -30.95 -21.44 15.64
CA SER D 273 -31.56 -22.76 15.90
C SER D 273 -31.50 -23.06 17.40
N SER D 274 -30.35 -22.84 18.02
CA SER D 274 -30.11 -23.20 19.44
C SER D 274 -31.05 -22.37 20.32
N ILE D 275 -31.20 -21.08 20.00
CA ILE D 275 -32.07 -20.13 20.76
C ILE D 275 -33.56 -20.50 20.60
N THR D 276 -34.03 -20.65 19.37
CA THR D 276 -35.44 -21.00 19.03
C THR D 276 -35.81 -22.35 19.66
N SER D 277 -34.85 -23.28 19.66
CA SER D 277 -35.01 -24.60 20.32
C SER D 277 -35.29 -24.38 21.81
N SER D 278 -34.52 -23.49 22.43
CA SER D 278 -34.58 -23.16 23.87
C SER D 278 -35.96 -22.58 24.21
N TRP D 279 -36.38 -21.55 23.49
CA TRP D 279 -37.70 -20.90 23.71
C TRP D 279 -38.86 -21.88 23.56
N THR D 280 -38.79 -22.71 22.51
CA THR D 280 -39.88 -23.63 22.13
C THR D 280 -40.04 -24.69 23.22
N LEU D 281 -38.93 -25.32 23.62
CA LEU D 281 -38.97 -26.40 24.67
C LEU D 281 -39.46 -25.79 25.99
N MET D 282 -38.88 -24.66 26.41
CA MET D 282 -39.26 -23.98 27.67
C MET D 282 -40.79 -23.83 27.70
N ASN D 283 -41.36 -23.32 26.60
CA ASN D 283 -42.79 -22.95 26.51
C ASN D 283 -43.65 -24.21 26.41
N VAL D 284 -43.18 -25.23 25.68
CA VAL D 284 -43.93 -26.50 25.49
C VAL D 284 -44.10 -27.18 26.85
N ILE D 285 -43.00 -27.34 27.60
CA ILE D 285 -42.99 -28.14 28.86
C ILE D 285 -43.66 -27.36 29.98
N SER D 286 -43.86 -26.04 29.84
CA SER D 286 -44.44 -25.13 30.87
C SER D 286 -45.96 -25.04 30.73
N ASN D 287 -46.52 -25.58 29.65
CA ASN D 287 -47.97 -25.42 29.33
C ASN D 287 -48.56 -26.82 29.20
N LYS D 288 -49.41 -27.20 30.16
CA LYS D 288 -49.94 -28.58 30.32
C LYS D 288 -50.64 -28.99 29.00
N LYS D 289 -51.53 -28.14 28.48
CA LYS D 289 -52.34 -28.45 27.27
C LYS D 289 -51.40 -28.57 26.06
N VAL D 290 -50.43 -27.67 25.94
CA VAL D 290 -49.45 -27.70 24.80
C VAL D 290 -48.62 -28.98 24.89
N LEU D 291 -48.11 -29.33 26.08
CA LEU D 291 -47.31 -30.58 26.29
C LEU D 291 -48.17 -31.81 25.96
N GLU D 292 -49.43 -31.83 26.37
CA GLU D 292 -50.40 -32.93 26.06
C GLU D 292 -50.45 -33.14 24.54
N LYS D 293 -50.74 -32.08 23.78
CA LYS D 293 -50.96 -32.17 22.31
C LYS D 293 -49.64 -32.53 21.63
N VAL D 294 -48.53 -31.95 22.09
CA VAL D 294 -47.18 -32.27 21.54
C VAL D 294 -46.94 -33.79 21.72
N ARG D 295 -47.11 -34.32 22.92
CA ARG D 295 -46.80 -35.76 23.16
C ARG D 295 -47.77 -36.66 22.39
N LYS D 296 -49.03 -36.22 22.24
CA LYS D 296 -50.05 -36.99 21.49
C LYS D 296 -49.63 -37.09 20.02
N GLU D 297 -49.29 -35.94 19.42
CA GLU D 297 -48.70 -35.89 18.05
C GLU D 297 -47.52 -36.84 17.93
N GLN D 298 -46.55 -36.76 18.84
CA GLN D 298 -45.32 -37.61 18.82
C GLN D 298 -45.72 -39.10 18.86
N GLU D 299 -46.62 -39.45 19.77
CA GLU D 299 -47.13 -40.84 19.97
C GLU D 299 -47.77 -41.36 18.66
N GLU D 300 -48.69 -40.59 18.08
CA GLU D 300 -49.33 -40.88 16.78
C GLU D 300 -48.25 -41.11 15.70
N ILE D 301 -47.29 -40.20 15.54
CA ILE D 301 -46.26 -40.24 14.46
C ILE D 301 -45.35 -41.45 14.68
N MET D 302 -44.86 -41.67 15.90
CA MET D 302 -43.79 -42.66 16.20
C MET D 302 -44.34 -44.09 16.02
N GLY D 303 -45.63 -44.31 16.21
CA GLY D 303 -46.21 -45.67 16.28
C GLY D 303 -45.37 -46.60 17.16
N SER D 304 -44.91 -47.71 16.62
CA SER D 304 -44.09 -48.71 17.40
C SER D 304 -42.63 -48.64 16.96
N ASP D 305 -42.29 -47.63 16.16
CA ASP D 305 -40.88 -47.28 15.82
C ASP D 305 -40.23 -46.63 17.04
N LYS D 306 -38.91 -46.75 17.12
CA LYS D 306 -38.10 -46.33 18.29
C LYS D 306 -37.31 -45.07 17.96
N VAL D 307 -36.97 -44.82 16.69
CA VAL D 307 -36.14 -43.65 16.29
C VAL D 307 -36.85 -42.83 15.21
N LEU D 308 -36.47 -41.56 15.09
CA LEU D 308 -37.00 -40.65 14.04
C LEU D 308 -36.43 -41.03 12.68
N ASP D 309 -37.16 -40.65 11.64
CA ASP D 309 -36.69 -40.51 10.23
C ASP D 309 -37.34 -39.24 9.65
N TYR D 310 -36.99 -38.91 8.41
CA TYR D 310 -37.36 -37.64 7.74
C TYR D 310 -38.89 -37.53 7.68
N ASP D 311 -39.58 -38.58 7.23
CA ASP D 311 -41.06 -38.56 6.97
C ASP D 311 -41.83 -38.30 8.27
N LYS D 312 -41.36 -38.82 9.40
CA LYS D 312 -41.99 -38.57 10.73
C LYS D 312 -41.89 -37.07 11.07
N VAL D 313 -40.69 -36.48 10.95
CA VAL D 313 -40.48 -35.06 11.35
C VAL D 313 -41.38 -34.19 10.49
N MET D 314 -41.50 -34.53 9.20
CA MET D 314 -42.29 -33.74 8.23
C MET D 314 -43.79 -33.80 8.58
N LYS D 315 -44.24 -34.73 9.44
CA LYS D 315 -45.66 -34.82 9.90
C LYS D 315 -45.93 -33.98 11.15
N MET D 316 -44.88 -33.55 11.87
CA MET D 316 -45.01 -32.94 13.22
C MET D 316 -45.51 -31.49 13.10
N ASP D 317 -46.74 -31.32 12.62
CA ASP D 317 -47.35 -30.00 12.31
C ASP D 317 -47.55 -29.18 13.59
N TYR D 318 -47.99 -29.81 14.68
CA TYR D 318 -48.26 -29.07 15.94
C TYR D 318 -46.94 -28.63 16.59
N LEU D 319 -45.93 -29.49 16.60
CA LEU D 319 -44.61 -29.10 17.14
C LEU D 319 -44.02 -27.98 16.27
N GLU D 320 -44.33 -27.96 14.98
CA GLU D 320 -43.84 -26.89 14.06
C GLU D 320 -44.55 -25.60 14.41
N ALA D 321 -45.84 -25.63 14.74
CA ALA D 321 -46.57 -24.40 15.14
C ALA D 321 -45.98 -23.85 16.45
N CYS D 322 -45.56 -24.74 17.36
CA CYS D 322 -44.96 -24.37 18.66
C CYS D 322 -43.67 -23.57 18.38
N MET D 323 -42.84 -24.03 17.46
CA MET D 323 -41.59 -23.34 17.08
C MET D 323 -41.88 -21.99 16.37
N LYS D 324 -42.89 -21.94 15.51
CA LYS D 324 -43.31 -20.67 14.84
C LYS D 324 -43.91 -19.69 15.86
N GLU D 325 -44.53 -20.21 16.93
CA GLU D 325 -45.09 -19.37 18.03
C GLU D 325 -43.91 -18.83 18.86
N ALA D 326 -42.89 -19.66 19.09
CA ALA D 326 -41.62 -19.24 19.72
C ALA D 326 -40.96 -18.18 18.81
N LEU D 327 -40.98 -18.40 17.48
CA LEU D 327 -40.38 -17.44 16.52
C LEU D 327 -41.18 -16.13 16.52
N ARG D 328 -42.51 -16.20 16.68
CA ARG D 328 -43.32 -14.96 16.74
C ARG D 328 -42.88 -14.14 17.97
N MET D 329 -42.74 -14.77 19.13
CA MET D 329 -42.66 -14.06 20.44
C MET D 329 -41.20 -13.63 20.73
N TYR D 330 -40.21 -14.45 20.32
CA TYR D 330 -38.80 -14.26 20.69
C TYR D 330 -37.90 -14.45 19.46
N PRO D 331 -38.09 -13.67 18.40
CA PRO D 331 -37.27 -13.82 17.21
C PRO D 331 -35.81 -13.53 17.55
N PRO D 332 -34.87 -14.41 17.17
CA PRO D 332 -33.46 -14.27 17.51
C PRO D 332 -32.74 -13.19 16.69
N LEU D 333 -33.34 -12.80 15.55
CA LEU D 333 -32.90 -11.62 14.78
C LEU D 333 -34.00 -10.56 14.89
N ILE D 334 -33.71 -9.50 15.65
CA ILE D 334 -34.70 -8.52 16.15
C ILE D 334 -34.84 -7.34 15.17
N MET D 335 -33.87 -7.17 14.26
CA MET D 335 -33.94 -6.12 13.23
C MET D 335 -33.44 -6.66 11.89
N ILE D 336 -34.23 -6.44 10.85
CA ILE D 336 -33.76 -6.62 9.45
C ILE D 336 -33.56 -5.22 8.88
N MET D 337 -32.44 -5.00 8.22
CA MET D 337 -32.03 -3.62 7.80
C MET D 337 -31.66 -3.59 6.31
N ARG D 338 -31.91 -2.44 5.68
CA ARG D 338 -31.56 -2.16 4.26
C ARG D 338 -31.17 -0.67 4.14
N MET D 339 -30.14 -0.36 3.35
CA MET D 339 -29.72 1.03 3.08
C MET D 339 -30.49 1.57 1.87
N ALA D 340 -31.16 2.71 1.98
CA ALA D 340 -31.84 3.33 0.83
C ALA D 340 -30.80 3.94 -0.11
N ARG D 341 -30.59 3.33 -1.28
CA ARG D 341 -29.64 3.81 -2.31
C ARG D 341 -30.30 4.91 -3.15
N LYS D 342 -31.62 5.01 -3.09
CA LYS D 342 -32.35 6.18 -3.62
C LYS D 342 -33.55 6.43 -2.71
N PRO D 343 -34.25 7.58 -2.84
CA PRO D 343 -35.41 7.83 -2.00
C PRO D 343 -36.39 6.64 -2.13
N ARG D 344 -36.99 6.22 -1.03
CA ARG D 344 -37.97 5.09 -1.04
C ARG D 344 -39.37 5.60 -0.69
N GLU D 345 -40.32 5.46 -1.60
CA GLU D 345 -41.75 5.71 -1.31
C GLU D 345 -42.20 4.73 -0.23
N CYS D 346 -42.96 5.23 0.73
CA CYS D 346 -43.55 4.43 1.83
C CYS D 346 -44.85 5.10 2.28
N GLU D 347 -46.00 4.60 1.81
CA GLU D 347 -47.34 5.24 2.00
C GLU D 347 -47.25 6.69 1.50
N GLN D 348 -47.52 7.68 2.36
CA GLN D 348 -47.58 9.11 1.94
C GLN D 348 -46.18 9.74 2.03
N TYR D 349 -45.17 8.97 2.46
CA TYR D 349 -43.81 9.50 2.75
C TYR D 349 -42.83 9.07 1.65
N ILE D 350 -41.75 9.83 1.51
CA ILE D 350 -40.51 9.42 0.80
C ILE D 350 -39.39 9.35 1.84
N ILE D 351 -38.84 8.15 2.06
CA ILE D 351 -37.67 7.95 2.96
C ILE D 351 -36.43 8.38 2.19
N PRO D 352 -35.58 9.28 2.74
CA PRO D 352 -34.43 9.83 2.03
C PRO D 352 -33.35 8.80 1.68
N LYS D 353 -32.68 9.00 0.55
CA LYS D 353 -31.41 8.33 0.18
C LYS D 353 -30.48 8.35 1.40
N GLY D 354 -29.83 7.23 1.73
CA GLY D 354 -28.82 7.17 2.80
C GLY D 354 -29.40 6.76 4.15
N ASN D 355 -30.72 6.82 4.32
CA ASN D 355 -31.39 6.27 5.54
C ASN D 355 -31.29 4.74 5.54
N ILE D 356 -31.17 4.13 6.72
CA ILE D 356 -31.35 2.66 6.88
C ILE D 356 -32.79 2.39 7.32
N LEU D 357 -33.52 1.59 6.53
CA LEU D 357 -34.88 1.11 6.86
C LEU D 357 -34.71 -0.11 7.76
N VAL D 358 -35.58 -0.19 8.77
CA VAL D 358 -35.55 -1.25 9.82
C VAL D 358 -36.95 -1.85 9.91
N VAL D 359 -36.99 -3.17 9.78
CA VAL D 359 -38.18 -4.00 10.10
C VAL D 359 -37.74 -4.90 11.25
N SER D 360 -38.61 -5.03 12.25
CA SER D 360 -38.33 -5.77 13.49
C SER D 360 -39.30 -6.94 13.61
N PRO D 361 -38.81 -8.19 13.45
CA PRO D 361 -39.61 -9.36 13.77
C PRO D 361 -40.20 -9.23 15.18
N SER D 362 -39.46 -8.68 16.14
CA SER D 362 -39.96 -8.59 17.54
C SER D 362 -41.28 -7.81 17.56
N VAL D 363 -41.30 -6.65 16.92
CA VAL D 363 -42.45 -5.71 16.89
C VAL D 363 -43.59 -6.34 16.07
N ALA D 364 -43.27 -6.89 14.89
CA ALA D 364 -44.21 -7.67 14.07
C ALA D 364 -44.96 -8.68 14.95
N GLY D 365 -44.23 -9.47 15.75
CA GLY D 365 -44.79 -10.55 16.58
C GLY D 365 -45.79 -10.07 17.64
N ARG D 366 -45.75 -8.80 18.05
CA ARG D 366 -46.59 -8.30 19.18
C ARG D 366 -47.64 -7.34 18.63
N CYS D 367 -47.72 -7.20 17.31
CA CYS D 367 -48.70 -6.31 16.64
C CYS D 367 -50.11 -6.81 16.90
N THR D 368 -50.95 -6.01 17.58
CA THR D 368 -52.31 -6.43 17.96
C THR D 368 -53.22 -6.43 16.74
N ASP D 369 -52.87 -5.70 15.66
CA ASP D 369 -53.65 -5.77 14.40
C ASP D 369 -53.51 -7.17 13.80
N THR D 370 -52.47 -7.90 14.15
CA THR D 370 -52.17 -9.23 13.58
C THR D 370 -52.60 -10.33 14.56
N TYR D 371 -52.27 -10.19 15.82
CA TYR D 371 -52.35 -11.30 16.80
C TYR D 371 -53.14 -10.84 18.03
N THR D 372 -54.11 -11.64 18.46
CA THR D 372 -54.84 -11.44 19.74
C THR D 372 -53.98 -11.95 20.91
N ASN D 373 -54.00 -11.22 22.04
CA ASN D 373 -53.26 -11.56 23.30
C ASN D 373 -51.86 -12.04 22.95
N PRO D 374 -51.05 -11.17 22.31
CA PRO D 374 -49.78 -11.58 21.73
C PRO D 374 -48.69 -11.94 22.75
N ASP D 375 -48.86 -11.62 24.04
CA ASP D 375 -47.88 -11.98 25.11
C ASP D 375 -48.16 -13.42 25.56
N VAL D 376 -49.16 -14.11 24.99
CA VAL D 376 -49.44 -15.50 25.41
C VAL D 376 -48.96 -16.44 24.31
N PHE D 377 -48.15 -17.40 24.69
CA PHE D 377 -47.75 -18.56 23.87
C PHE D 377 -48.99 -19.42 23.61
N ASP D 378 -49.45 -19.45 22.37
CA ASP D 378 -50.76 -20.02 21.95
C ASP D 378 -50.64 -20.53 20.52
N PRO D 379 -50.05 -21.73 20.33
CA PRO D 379 -49.81 -22.27 18.99
C PRO D 379 -51.07 -22.41 18.11
N GLU D 380 -52.23 -22.59 18.75
CA GLU D 380 -53.56 -22.68 18.11
C GLU D 380 -53.90 -21.37 17.39
N ARG D 381 -53.29 -20.22 17.78
CA ARG D 381 -53.48 -18.92 17.05
C ARG D 381 -53.03 -19.12 15.58
N LEU D 382 -52.16 -20.09 15.34
CA LEU D 382 -51.68 -20.41 13.97
C LEU D 382 -52.50 -21.55 13.36
N THR D 383 -52.56 -22.69 14.04
CA THR D 383 -53.18 -23.96 13.55
C THR D 383 -54.69 -23.78 13.42
N GLU D 384 -55.35 -23.10 14.37
CA GLU D 384 -56.83 -22.91 14.40
C GLU D 384 -57.19 -21.59 13.70
N ARG D 385 -56.65 -20.46 14.15
CA ARG D 385 -57.16 -19.10 13.83
C ARG D 385 -56.36 -18.49 12.66
N LYS D 386 -55.29 -19.15 12.21
CA LYS D 386 -54.48 -18.72 11.03
C LYS D 386 -54.10 -17.24 11.15
N GLU D 387 -53.68 -16.75 12.33
CA GLU D 387 -53.42 -15.30 12.55
C GLU D 387 -52.21 -14.90 11.69
N HIS D 388 -51.28 -15.82 11.45
CA HIS D 388 -50.09 -15.56 10.59
C HIS D 388 -50.50 -15.25 9.15
N GLU D 389 -51.74 -15.58 8.74
CA GLU D 389 -52.20 -15.46 7.33
C GLU D 389 -53.04 -14.19 7.11
N LYS D 390 -53.47 -13.48 8.16
CA LYS D 390 -54.26 -12.24 7.97
C LYS D 390 -53.52 -11.26 7.03
N PHE D 391 -52.24 -10.95 7.28
CA PHE D 391 -51.41 -10.04 6.44
C PHE D 391 -50.32 -10.85 5.73
N LYS D 392 -49.98 -10.45 4.51
CA LYS D 392 -48.85 -11.05 3.75
C LYS D 392 -47.55 -11.02 4.59
N TYR D 393 -47.28 -9.92 5.29
CA TYR D 393 -46.02 -9.73 6.06
C TYR D 393 -46.31 -9.71 7.58
N GLY D 394 -47.38 -10.39 8.02
CA GLY D 394 -47.78 -10.45 9.45
C GLY D 394 -46.81 -11.26 10.28
N ALA D 395 -46.15 -12.24 9.66
CA ALA D 395 -45.12 -13.11 10.29
C ALA D 395 -43.85 -13.04 9.43
N VAL D 396 -42.72 -12.56 9.96
CA VAL D 396 -41.46 -12.39 9.16
C VAL D 396 -40.23 -12.88 9.95
N PRO D 397 -40.33 -13.94 10.77
CA PRO D 397 -39.20 -14.29 11.63
C PRO D 397 -38.02 -14.75 10.75
N PHE D 398 -38.32 -15.25 9.54
CA PHE D 398 -37.35 -15.74 8.52
C PHE D 398 -37.24 -14.74 7.37
N GLY D 399 -37.78 -13.54 7.56
CA GLY D 399 -37.73 -12.47 6.54
C GLY D 399 -38.66 -12.78 5.37
N ALA D 400 -38.46 -12.10 4.25
CA ALA D 400 -39.36 -12.19 3.09
C ALA D 400 -38.64 -11.59 1.87
N GLY D 401 -39.17 -11.91 0.69
CA GLY D 401 -38.61 -11.44 -0.58
C GLY D 401 -37.26 -12.09 -0.87
N ARG D 402 -36.43 -11.35 -1.59
CA ARG D 402 -35.14 -11.74 -2.18
C ARG D 402 -34.24 -12.41 -1.12
N HIS D 403 -34.08 -11.78 0.06
CA HIS D 403 -33.06 -12.17 1.06
C HIS D 403 -33.68 -13.08 2.14
N LYS D 404 -34.88 -13.60 1.89
CA LYS D 404 -35.57 -14.56 2.78
C LYS D 404 -34.55 -15.60 3.21
N CYS D 405 -34.63 -16.09 4.46
CA CYS D 405 -33.78 -17.18 4.98
C CYS D 405 -33.81 -18.39 4.03
N ILE D 406 -32.67 -18.85 3.58
CA ILE D 406 -32.56 -20.12 2.81
C ILE D 406 -32.42 -21.29 3.78
N GLY D 407 -32.31 -21.00 5.09
CA GLY D 407 -32.06 -22.02 6.13
C GLY D 407 -33.35 -22.50 6.78
N GLU D 408 -34.51 -21.95 6.38
CA GLU D 408 -35.79 -22.14 7.08
C GLU D 408 -36.10 -23.63 7.21
N ASN D 409 -36.05 -24.40 6.12
CA ASN D 409 -36.49 -25.82 6.21
C ASN D 409 -35.50 -26.62 7.05
N PHE D 410 -34.20 -26.34 6.93
CA PHE D 410 -33.17 -27.00 7.79
C PHE D 410 -33.44 -26.66 9.27
N ALA D 411 -33.66 -25.39 9.60
CA ALA D 411 -33.85 -24.95 11.00
C ALA D 411 -35.08 -25.66 11.60
N LEU D 412 -36.19 -25.72 10.83
CA LEU D 412 -37.40 -26.43 11.28
C LEU D 412 -37.03 -27.90 11.50
N LEU D 413 -36.33 -28.53 10.55
CA LEU D 413 -35.98 -29.98 10.69
C LEU D 413 -35.17 -30.18 11.98
N GLN D 414 -34.20 -29.31 12.21
CA GLN D 414 -33.20 -29.46 13.30
C GLN D 414 -33.92 -29.26 14.64
N VAL D 415 -34.70 -28.19 14.77
CA VAL D 415 -35.31 -27.89 16.09
C VAL D 415 -36.41 -28.91 16.37
N LYS D 416 -37.19 -29.33 15.37
CA LYS D 416 -38.33 -30.25 15.56
C LYS D 416 -37.79 -31.63 15.94
N SER D 417 -36.70 -32.04 15.29
CA SER D 417 -36.03 -33.34 15.56
C SER D 417 -35.52 -33.38 16.99
N ILE D 418 -34.74 -32.37 17.38
CA ILE D 418 -34.06 -32.30 18.70
C ILE D 418 -35.12 -32.33 19.81
N ILE D 419 -36.18 -31.53 19.68
CA ILE D 419 -37.25 -31.47 20.70
C ILE D 419 -38.00 -32.80 20.71
N SER D 420 -38.35 -33.36 19.54
CA SER D 420 -39.03 -34.67 19.46
C SER D 420 -38.19 -35.69 20.23
N ILE D 421 -36.87 -35.72 20.01
CA ILE D 421 -36.03 -36.79 20.56
C ILE D 421 -35.85 -36.59 22.07
N LEU D 422 -35.67 -35.34 22.51
CA LEU D 422 -35.53 -35.02 23.96
C LEU D 422 -36.81 -35.47 24.72
N LEU D 423 -37.98 -35.20 24.14
CA LEU D 423 -39.30 -35.58 24.72
C LEU D 423 -39.40 -37.11 24.76
N ARG D 424 -38.81 -37.81 23.78
CA ARG D 424 -38.84 -39.29 23.75
C ARG D 424 -38.00 -39.83 24.91
N TYR D 425 -36.85 -39.22 25.22
CA TYR D 425 -35.94 -39.74 26.29
C TYR D 425 -36.45 -39.30 27.68
N PHE D 426 -36.94 -38.07 27.81
CA PHE D 426 -37.04 -37.37 29.11
C PHE D 426 -38.44 -36.83 29.37
N ASP D 427 -38.83 -36.85 30.66
CA ASP D 427 -39.79 -35.91 31.27
C ASP D 427 -38.98 -34.68 31.67
N MET D 428 -39.50 -33.50 31.38
CA MET D 428 -38.77 -32.23 31.61
C MET D 428 -39.71 -31.19 32.20
N GLU D 429 -39.19 -30.45 33.17
CA GLU D 429 -39.93 -29.35 33.86
C GLU D 429 -39.01 -28.13 33.84
N TYR D 430 -39.55 -26.96 33.51
CA TYR D 430 -38.80 -25.69 33.56
C TYR D 430 -38.77 -25.16 35.02
N ILE D 431 -37.57 -24.77 35.46
CA ILE D 431 -37.36 -24.16 36.81
C ILE D 431 -37.61 -22.65 36.72
N GLY D 432 -38.69 -22.18 37.34
CA GLY D 432 -39.00 -20.75 37.50
C GLY D 432 -39.73 -20.14 36.31
N LYS D 433 -39.72 -18.82 36.24
CA LYS D 433 -40.48 -17.99 35.27
C LYS D 433 -39.75 -18.01 33.91
N ILE D 434 -40.47 -18.16 32.81
CA ILE D 434 -39.88 -18.01 31.45
C ILE D 434 -39.36 -16.58 31.35
N PRO D 435 -38.05 -16.39 31.12
CA PRO D 435 -37.50 -15.04 31.10
C PRO D 435 -37.85 -14.22 29.83
N ASP D 436 -37.39 -12.98 29.88
CA ASP D 436 -37.40 -12.02 28.76
C ASP D 436 -36.17 -12.28 27.88
N PRO D 437 -36.22 -11.85 26.61
CA PRO D 437 -35.03 -11.84 25.77
C PRO D 437 -34.00 -10.87 26.36
N SER D 438 -32.71 -11.11 26.08
CA SER D 438 -31.59 -10.24 26.51
C SER D 438 -30.93 -9.60 25.28
N TYR D 439 -30.97 -8.28 25.16
CA TYR D 439 -30.61 -7.52 23.93
C TYR D 439 -29.13 -7.13 23.99
N THR D 440 -28.28 -8.10 24.31
CA THR D 440 -26.85 -7.90 24.66
C THR D 440 -25.96 -8.73 23.74
N SER D 441 -26.54 -9.40 22.75
CA SER D 441 -25.81 -10.28 21.80
C SER D 441 -26.30 -9.98 20.38
N LEU D 442 -25.57 -10.48 19.38
CA LEU D 442 -25.93 -10.31 17.95
C LEU D 442 -27.22 -11.10 17.67
N VAL D 443 -27.17 -12.41 17.91
CA VAL D 443 -28.35 -13.32 17.96
C VAL D 443 -28.88 -13.32 19.40
N VAL D 444 -30.09 -12.78 19.60
CA VAL D 444 -30.65 -12.58 20.97
C VAL D 444 -31.45 -13.81 21.39
N GLY D 445 -31.16 -14.28 22.60
CA GLY D 445 -31.80 -15.41 23.27
C GLY D 445 -32.28 -15.03 24.66
N PRO D 446 -32.75 -16.02 25.44
CA PRO D 446 -33.35 -15.74 26.74
C PRO D 446 -32.31 -15.17 27.73
N SER D 447 -32.81 -14.37 28.69
CA SER D 447 -31.99 -13.92 29.86
C SER D 447 -31.31 -15.18 30.35
N PRO D 448 -30.03 -15.15 30.77
CA PRO D 448 -29.28 -16.40 30.79
C PRO D 448 -29.64 -17.53 31.74
N PRO D 449 -29.96 -17.29 33.03
CA PRO D 449 -30.29 -18.44 33.88
C PRO D 449 -31.57 -19.13 33.34
N THR D 450 -31.44 -20.24 32.59
CA THR D 450 -32.58 -21.01 32.03
C THR D 450 -32.39 -22.50 32.34
N ARG D 451 -32.87 -22.94 33.48
CA ARG D 451 -32.63 -24.34 33.89
C ARG D 451 -33.92 -25.14 33.88
N MET D 452 -33.80 -26.43 33.59
CA MET D 452 -34.93 -27.38 33.57
C MET D 452 -34.48 -28.65 34.28
N ARG D 453 -35.44 -29.36 34.86
CA ARG D 453 -35.23 -30.71 35.42
C ARG D 453 -35.57 -31.69 34.30
N TYR D 454 -34.81 -32.77 34.25
CA TYR D 454 -35.05 -33.90 33.32
C TYR D 454 -34.98 -35.19 34.13
N LYS D 455 -35.69 -36.21 33.63
CA LYS D 455 -35.67 -37.58 34.19
C LYS D 455 -35.99 -38.55 33.06
N LEU D 456 -35.19 -39.61 32.88
CA LEU D 456 -35.46 -40.68 31.90
C LEU D 456 -36.93 -41.10 32.03
N ARG D 457 -37.62 -41.27 30.88
CA ARG D 457 -39.04 -41.70 30.84
C ARG D 457 -39.13 -43.22 31.03
N LYS D 458 -40.25 -43.67 31.59
CA LYS D 458 -40.49 -45.05 32.13
C LYS D 458 -40.64 -46.05 30.98
CHA HEM E . -3.57 -1.21 45.90
CHB HEM E . -1.28 -0.11 41.77
CHC HEM E . 0.90 -4.42 41.87
CHD HEM E . -1.80 -5.69 45.66
C1A HEM E . -3.06 -0.53 44.82
C2A HEM E . -3.35 0.81 44.54
C3A HEM E . -2.72 1.13 43.38
C4A HEM E . -2.05 -0.02 42.93
CMA HEM E . -2.73 2.47 42.72
CAA HEM E . -4.18 1.74 45.40
CBA HEM E . -5.66 1.58 45.09
CGA HEM E . -6.49 2.52 45.91
O1A HEM E . -7.73 2.42 45.90
O2A HEM E . -5.97 3.42 46.59
C1B HEM E . -0.49 -1.21 41.46
C2B HEM E . 0.39 -1.23 40.34
C3B HEM E . 1.04 -2.42 40.37
C4B HEM E . 0.48 -3.14 41.53
CMB HEM E . 0.56 -0.10 39.37
CAB HEM E . 2.02 -3.03 39.43
CBB HEM E . 2.91 -2.35 38.71
C1C HEM E . 0.37 -5.15 42.91
C2C HEM E . 0.75 -6.46 43.24
C3C HEM E . -0.03 -6.83 44.34
C4C HEM E . -0.87 -5.72 44.65
CMC HEM E . 1.81 -7.21 42.49
CAC HEM E . -0.05 -8.11 45.09
CBC HEM E . 0.76 -9.14 44.89
C1D HEM E . -2.49 -4.52 46.00
C2D HEM E . -3.39 -4.51 47.17
C3D HEM E . -3.87 -3.25 47.25
C4D HEM E . -3.28 -2.54 46.11
CMD HEM E . -3.72 -5.65 48.10
CAD HEM E . -4.89 -2.71 48.22
CBD HEM E . -4.33 -2.23 49.56
CGD HEM E . -5.45 -1.73 50.44
O1D HEM E . -6.61 -1.62 50.00
O2D HEM E . -5.23 -1.37 51.61
NA HEM E . -2.26 -1.02 43.82
NB HEM E . -0.40 -2.35 42.14
NC HEM E . -0.60 -4.72 43.76
ND HEM E . -2.46 -3.33 45.41
FE HEM E . -1.47 -2.83 43.89
C1 7PW F . -14.67 4.65 35.59
C1 7PW F . -20.18 -4.91 36.86
C2 7PW F . -15.43 4.38 36.71
C2 7PW F . -20.05 -3.54 36.99
C4 7PW F . -7.20 -4.82 45.63
C4 7PW F . -7.10 -4.90 45.69
C39 7PW F . -7.82 -6.67 47.90
C39 7PW F . -7.71 -6.79 47.94
C38 7PW F . -7.91 -7.56 48.97
C38 7PW F . -7.73 -7.66 49.02
C36 7PW F . -7.32 -8.82 48.90
C36 7PW F . -7.09 -8.89 48.92
F37 7PW F . -7.39 -9.73 50.02
F37 7PW F . -7.05 -9.79 50.03
C42 7PW F . -6.63 -9.19 47.75
C42 7PW F . -6.42 -9.25 47.77
C41 7PW F . -6.55 -8.30 46.69
C41 7PW F . -6.40 -8.36 46.70
C40 7PW F . -7.07 -7.01 46.78
C40 7PW F . -7.00 -7.10 46.80
C25 7PW F . -7.07 -6.20 45.63
C25 7PW F . -7.05 -6.28 45.67
C26 7PW F . -7.12 -6.85 44.40
C26 7PW F . -7.20 -6.89 44.42
C14 7PW F . -7.20 -6.13 43.21
C14 7PW F . -7.30 -6.14 43.24
F30 7PW F . -7.23 -6.74 42.04
F30 7PW F . -7.44 -6.76 42.07
C5 7PW F . -7.26 -4.10 44.44
C5 7PW F . -7.18 -4.14 44.52
F6 7PW F . -7.34 -2.86 44.46
F6 7PW F . -7.18 -2.91 44.59
C20 7PW F . -7.27 -4.75 43.21
C20 7PW F . -7.29 -4.76 43.27
C31 7PW F . -7.35 -4.15 41.94
C31 7PW F . -7.46 -4.06 42.04
C32 7PW F . -6.39 -3.00 41.68
C32 7PW F . -6.49 -2.90 41.82
N33 7PW F . -5.00 -3.38 41.90
N33 7PW F . -5.08 -3.33 41.95
C9 7PW F . -4.26 -4.16 41.14
C9 7PW F . -4.34 -4.12 41.17
C10 7PW F . -3.06 -4.24 41.71
C10 7PW F . -3.12 -4.22 41.71
N21 7PW F . -3.05 -3.46 42.79
N21 7PW F . -3.08 -3.47 42.80
C11 7PW F . -4.26 -2.92 42.90
C11 7PW F . -4.29 -2.90 42.95
N34 7PW F . -8.64 -3.49 41.66
N34 7PW F . -8.85 -3.58 41.86
C3 7PW F . -8.95 -3.30 40.37
C3 7PW F . -9.70 -4.38 41.21
O13 7PW F . -8.32 -3.76 39.40
O13 7PW F . -9.35 -5.51 40.88
C19 7PW F . -9.96 -2.43 40.10
C19 7PW F . -11.02 -3.99 40.86
C17 7PW F . -9.66 -1.51 39.11
C17 7PW F . -11.97 -5.00 40.57
C18 7PW F . -10.60 -0.58 38.72
C18 7PW F . -13.26 -4.71 40.13
C15 7PW F . -11.21 -2.51 40.71
C15 7PW F . -11.37 -2.66 40.60
C16 7PW F . -12.15 -1.58 40.31
C16 7PW F . -12.67 -2.38 40.16
C24 7PW F . -11.82 -0.64 39.35
C24 7PW F . -13.63 -3.39 39.95
C23 7PW F . -12.77 0.18 38.97
C23 7PW F . -14.84 -3.05 39.45
O35 7PW F . -12.64 0.98 38.09
O35 7PW F . -15.78 -3.95 39.16
N22 7PW F . -14.03 0.01 39.34
N22 7PW F . -15.18 -1.82 38.94
N12 7PW F . -14.68 0.97 38.72
N12 7PW F . -16.40 -1.94 38.40
C8 7PW F . -13.77 1.51 37.95
C8 7PW F . -16.76 -3.26 38.55
C7 7PW F . -14.02 2.52 37.16
C7 7PW F . -17.87 -3.82 38.05
C27 7PW F . -15.11 3.30 37.48
C27 7PW F . -18.90 -3.00 37.57
C28 7PW F . -13.55 3.88 35.28
C28 7PW F . -19.16 -5.73 37.33
C29 7PW F . -13.22 2.80 36.07
C29 7PW F . -18.01 -5.20 37.91
CHA HEM G . 16.89 8.23 -0.94
CHB HEM G . 12.89 6.17 -2.74
CHC HEM G . 10.70 10.50 -2.78
CHD HEM G . 14.88 12.60 -1.54
C1A HEM G . 15.96 7.31 -1.37
C2A HEM G . 16.19 5.92 -1.39
C3A HEM G . 15.06 5.35 -1.88
C4A HEM G . 14.14 6.37 -2.21
CMA HEM G . 14.84 3.89 -2.10
CAA HEM G . 17.42 5.19 -0.92
CBA HEM G . 18.54 5.24 -1.96
CGA HEM G . 19.76 4.51 -1.47
O1A HEM G . 20.79 4.47 -2.16
O2A HEM G . 19.74 3.89 -0.38
C1B HEM G . 11.95 7.21 -2.90
C2B HEM G . 10.63 6.97 -3.36
C3B HEM G . 9.98 8.17 -3.36
C4B HEM G . 10.99 9.15 -2.90
CMB HEM G . 10.07 5.62 -3.72
CAB HEM G . 8.60 8.52 -3.76
CBB HEM G . 7.54 7.75 -3.53
C1C HEM G . 11.64 11.45 -2.45
C2C HEM G . 11.40 12.83 -2.40
C3C HEM G . 12.60 13.45 -2.04
C4C HEM G . 13.56 12.42 -1.88
CMC HEM G . 10.06 13.45 -2.66
CAC HEM G . 12.86 14.89 -1.89
CBC HEM G . 12.09 15.72 -1.21
C1D HEM G . 15.75 11.53 -1.27
C2D HEM G . 17.12 11.76 -0.82
C3D HEM G . 17.68 10.56 -0.63
C4D HEM G . 16.64 9.60 -1.02
CMD HEM G . 17.79 13.10 -0.59
CAD HEM G . 19.11 10.25 -0.24
CBD HEM G . 19.42 10.16 1.25
CGD HEM G . 20.85 9.72 1.49
O1D HEM G . 21.54 9.24 0.57
O2D HEM G . 21.35 9.80 2.63
NA HEM G . 14.71 7.57 -1.87
NB HEM G . 12.14 8.50 -2.65
NC HEM G . 12.95 11.22 -2.13
ND HEM G . 15.50 10.22 -1.37
FE HEM G . 13.92 9.39 -1.93
C1 7PW H . 21.12 -1.26 -13.64
C1 7PW H . 25.83 8.26 -17.87
C2 7PW H . 22.37 -0.84 -13.19
C2 7PW H . 25.94 6.96 -17.39
C4 7PW H . 19.39 11.40 -4.18
C4 7PW H . 19.43 11.42 -4.11
C39 7PW H . 20.67 13.51 -2.81
C39 7PW H . 20.89 13.66 -2.90
C38 7PW H . 21.20 14.57 -2.07
C38 7PW H . 21.44 14.75 -2.22
C36 7PW H . 20.75 15.86 -2.31
C36 7PW H . 20.86 16.01 -2.38
F37 7PW H . 21.29 16.88 -1.58
F37 7PW H . 21.38 17.08 -1.72
C42 7PW H . 19.77 16.10 -3.27
C42 7PW H . 19.74 16.16 -3.21
C41 7PW H . 19.26 15.05 -4.03
C41 7PW H . 19.24 15.08 -3.92
C40 7PW H . 19.67 13.75 -3.76
C40 7PW H . 19.77 13.80 -3.72
C25 7PW H . 19.17 12.72 -4.54
C25 7PW H . 19.26 12.74 -4.48
C26 7PW H . 18.51 13.00 -5.73
C26 7PW H . 18.63 13.00 -5.72
C14 7PW H . 18.04 11.97 -6.55
C14 7PW H . 18.18 11.97 -6.53
F30 7PW H . 17.36 12.27 -7.68
F30 7PW H . 17.51 12.28 -7.69
C5 7PW H . 18.93 10.37 -4.98
C5 7PW H . 18.97 10.38 -4.92
F6 7PW H . 19.15 9.11 -4.58
F6 7PW H . 19.16 9.15 -4.48
C20 7PW H . 18.29 10.64 -6.20
C20 7PW H . 18.35 10.63 -6.16
C31 7PW H . 17.78 9.64 -7.06
C31 7PW H . 17.86 9.62 -7.04
C32 7PW H . 17.00 8.56 -6.33
C32 7PW H . 17.07 8.53 -6.36
N33 7PW H . 15.95 9.12 -5.51
N33 7PW H . 15.98 9.10 -5.54
C9 7PW H . 14.88 9.79 -5.95
C9 7PW H . 14.91 9.79 -5.95
C10 7PW H . 14.13 10.08 -4.89
C10 7PW H . 14.17 10.05 -4.87
N21 7PW H . 14.72 9.56 -3.78
N21 7PW H . 14.76 9.49 -3.78
C11 7PW H . 15.84 8.95 -4.18
C11 7PW H . 15.87 8.89 -4.21
N34 7PW H . 18.80 8.85 -7.76
N34 7PW H . 18.95 8.97 -7.83
C3 7PW H . 18.42 8.13 -8.82
C3 7PW H . 19.33 9.55 -8.95
O13 7PW H . 17.30 8.21 -9.34
O13 7PW H . 18.80 10.61 -9.28
C19 7PW H . 19.26 7.13 -9.27
C19 7PW H . 20.30 8.97 -9.79
C17 7PW H . 18.55 5.98 -9.61
C17 7PW H . 20.84 9.75 -10.83
C18 7PW H . 19.22 4.89 -10.10
C18 7PW H . 21.73 9.25 -11.76
C15 7PW H . 20.60 7.28 -9.53
C15 7PW H . 20.64 7.63 -9.74
C16 7PW H . 21.28 6.17 -10.04
C16 7PW H . 21.56 7.11 -10.65
C24 7PW H . 20.58 5.00 -10.29
C24 7PW H . 22.14 7.91 -11.63
C23 7PW H . 21.20 3.98 -10.83
C23 7PW H . 22.95 7.38 -12.56
O35 7PW H . 20.61 3.05 -11.45
O35 7PW H . 23.39 8.05 -13.59
N22 7PW H . 22.51 3.91 -10.92
N22 7PW H . 23.20 6.08 -12.72
N12 7PW H . 22.75 2.79 -11.55
N12 7PW H . 23.91 5.98 -13.84
C8 7PW H . 21.54 2.32 -11.82
C8 7PW H . 24.02 7.22 -14.31
C7 7PW H . 21.37 1.18 -12.41
C7 7PW H . 24.63 7.57 -15.44
C27 7PW H . 22.48 0.37 -12.59
C27 7PW H . 25.34 6.62 -16.17
C28 7PW H . 20.00 -0.45 -13.45
C28 7PW H . 25.14 9.21 -17.13
C29 7PW H . 20.12 0.77 -12.81
C29 7PW H . 24.52 8.86 -15.93
CHA HEM I . 18.01 7.99 -51.05
CHB HEM I . 22.13 9.87 -49.30
CHC HEM I . 20.14 14.30 -49.39
CHD HEM I . 15.93 12.34 -50.71
C1A HEM I . 19.30 8.16 -50.63
C2A HEM I . 20.24 7.11 -50.58
C3A HEM I . 21.39 7.63 -50.10
C4A HEM I . 21.19 8.99 -49.81
CMA HEM I . 22.67 6.87 -49.88
CAA HEM I . 19.97 5.68 -51.01
CBA HEM I . 19.35 4.88 -49.86
CGA HEM I . 19.05 3.46 -50.27
O1A HEM I . 18.20 2.79 -49.65
O2A HEM I . 19.69 2.92 -51.18
C1B HEM I . 21.92 11.25 -49.18
C2B HEM I . 22.94 12.15 -48.75
C3B HEM I . 22.42 13.41 -48.80
C4B HEM I . 21.03 13.22 -49.26
CMB HEM I . 24.33 11.73 -48.35
CAB HEM I . 22.97 14.72 -48.39
CBB HEM I . 24.22 15.12 -48.59
C1C HEM I . 18.83 14.16 -49.76
C2C HEM I . 17.95 15.22 -49.99
C3C HEM I . 16.73 14.66 -50.36
C4C HEM I . 16.91 13.25 -50.38
CMC HEM I . 18.30 16.67 -49.83
CAC HEM I . 15.47 15.35 -50.70
CBC HEM I . 14.80 16.05 -49.81
C1D HEM I . 16.20 10.98 -50.90
C2D HEM I . 15.13 10.06 -51.31
C3D HEM I . 15.72 8.85 -51.44
C4D HEM I . 17.12 9.06 -51.04
CMD HEM I . 13.70 10.41 -51.58
CAD HEM I . 15.04 7.54 -51.75
CBD HEM I . 14.97 7.14 -53.23
CGD HEM I . 14.48 5.73 -53.42
O1D HEM I . 14.42 4.89 -52.50
O2D HEM I . 14.13 5.35 -54.56
NA HEM I . 19.90 9.30 -50.16
NB HEM I . 20.80 11.91 -49.48
NC HEM I . 18.21 12.98 -50.04
ND HEM I . 17.37 10.34 -50.75
FE HEM I . 19.01 11.07 -50.19
C1 7PW J . 22.59 -0.78 -37.92
C1 7PW J . 12.39 1.04 -34.28
C2 7PW J . 21.39 -1.42 -38.16
C2 7PW J . 13.45 0.27 -34.70
C4 7PW J . 14.04 8.25 -47.89
C4 7PW J . 14.06 8.18 -48.07
C39 7PW J . 11.47 8.47 -49.15
C39 7PW J . 11.34 8.24 -49.21
C38 7PW J . 10.34 8.72 -49.92
C38 7PW J . 10.18 8.46 -49.94
C36 7PW J . 9.71 9.96 -49.81
C36 7PW J . 9.58 9.71 -49.90
F37 7PW J . 8.55 10.20 -50.50
F37 7PW J . 8.34 9.89 -50.53
C42 7PW J . 10.22 10.93 -48.95
C42 7PW J . 10.15 10.75 -49.17
C41 7PW J . 11.35 10.65 -48.19
C41 7PW J . 11.33 10.51 -48.46
C40 7PW J . 12.00 9.44 -48.32
C40 7PW J . 11.95 9.28 -48.50
C25 7PW J . 13.10 9.20 -47.51
C25 7PW J . 13.09 9.08 -47.71
C26 7PW J . 13.27 9.85 -46.27
C26 7PW J . 13.19 9.67 -46.42
C14 7PW J . 14.37 9.55 -45.48
C14 7PW J . 14.28 9.42 -45.61
F30 7PW J . 14.46 10.04 -44.52
F30 7PW J . 14.32 9.92 -44.62
C5 7PW J . 15.12 7.95 -47.10
C5 7PW J . 15.15 7.92 -47.26
F6 7PW J . 15.93 6.99 -47.50
F6 7PW J . 15.98 6.99 -47.65
C20 7PW J . 15.27 8.58 -45.84
C20 7PW J . 15.25 8.52 -45.98
C31 7PW J . 16.36 8.32 -45.00
C31 7PW J . 16.33 8.26 -45.09
C32 7PW J . 17.67 8.13 -45.77
C32 7PW J . 17.67 8.12 -45.79
N33 7PW J . 17.91 9.28 -46.62
N33 7PW J . 17.90 9.32 -46.61
C9 7PW J . 18.11 10.53 -46.26
C9 7PW J . 18.02 10.59 -46.26
C10 7PW J . 18.29 11.24 -47.38
C10 7PW J . 18.19 11.32 -47.37
N21 7PW J . 18.20 10.43 -48.43
N21 7PW J . 18.16 10.52 -48.43
C11 7PW J . 18.01 9.20 -47.95
C11 7PW J . 18.03 9.27 -47.95
N34 7PW J . 16.30 7.07 -44.24
N34 7PW J . 16.12 7.07 -44.26
C3 7PW J . 17.07 6.99 -43.15
C3 7PW J . 15.28 7.16 -43.21
O13 7PW J . 17.71 7.95 -42.67
O13 7PW J . 14.59 8.18 -43.06
C19 7PW J . 17.31 5.76 -42.62
C19 7PW J . 15.18 6.08 -42.31
C17 7PW J . 18.64 5.57 -42.30
C17 7PW J . 14.21 6.10 -41.29
C18 7PW J . 19.03 4.40 -41.70
C18 7PW J . 14.12 5.07 -40.37
C15 7PW J . 16.32 4.85 -42.31
C15 7PW J . 16.09 5.02 -42.33
C16 7PW J . 16.71 3.67 -41.69
C16 7PW J . 15.99 3.97 -41.40
C24 7PW J . 18.06 3.47 -41.42
C24 7PW J . 14.99 3.98 -40.43
C23 7PW J . 18.44 2.38 -40.80
C23 7PW J . 14.97 3.02 -39.48
O35 7PW J . 19.60 2.21 -40.28
O35 7PW J . 14.03 2.94 -38.54
N22 7PW J . 17.62 1.37 -40.56
N22 7PW J . 15.98 2.17 -39.16
N12 7PW J . 18.37 0.51 -39.94
N12 7PW J . 15.62 1.50 -38.06
C8 7PW J . 19.55 1.11 -39.81
C8 7PW J . 14.40 1.96 -37.75
C7 7PW J . 20.55 0.54 -39.20
C7 7PW J . 13.71 1.63 -36.67
C27 7PW J . 20.36 -0.77 -38.80
C27 7PW J . 14.13 0.56 -35.88
C28 7PW J . 22.76 0.52 -38.36
C28 7PW J . 11.98 2.13 -35.05
C29 7PW J . 21.73 1.20 -39.01
C29 7PW J . 12.65 2.43 -36.23
CHA HEM K . -31.35 -14.97 6.06
CHB HEM K . -33.77 -15.93 10.16
CHC HEM K . -31.72 -20.31 10.32
CHD HEM K . -28.91 -19.12 6.58
C1A HEM K . -32.21 -14.89 7.13
C2A HEM K . -33.06 -13.80 7.37
C3A HEM K . -33.75 -14.07 8.51
C4A HEM K . -33.31 -15.32 9.01
CMA HEM K . -34.78 -13.18 9.15
CAA HEM K . -33.23 -12.57 6.50
CBA HEM K . -32.19 -11.50 6.85
CGA HEM K . -32.38 -10.28 5.98
O1A HEM K . -31.50 -9.39 5.98
O2A HEM K . -33.40 -10.13 5.28
C1B HEM K . -33.40 -17.22 10.54
C2B HEM K . -33.96 -17.88 11.66
C3B HEM K . -33.41 -19.13 11.72
C4B HEM K . -32.47 -19.17 10.59
CMB HEM K . -34.98 -17.27 12.58
CAB HEM K . -33.56 -20.23 12.71
CBB HEM K . -34.65 -20.48 13.43
C1C HEM K . -30.78 -20.39 9.31
C2C HEM K . -29.95 -21.49 9.07
C3C HEM K . -29.14 -21.16 7.99
C4C HEM K . -29.49 -19.83 7.60
CMC HEM K . -30.05 -22.76 9.87
CAC HEM K . -28.08 -21.94 7.34
CBC HEM K . -27.99 -23.27 7.37
C1D HEM K . -29.40 -17.87 6.16
C2D HEM K . -28.79 -17.20 4.99
C3D HEM K . -29.49 -16.06 4.82
C4D HEM K . -30.46 -16.03 5.93
CMD HEM K . -27.66 -17.70 4.14
CAD HEM K . -29.23 -14.96 3.81
CBD HEM K . -29.90 -15.12 2.44
CGD HEM K . -29.67 -13.88 1.60
O1D HEM K . -29.13 -12.86 2.06
O2D HEM K . -30.04 -13.85 0.41
NA HEM K . -32.38 -15.81 8.14
NB HEM K . -32.54 -18.02 9.92
NC HEM K . -30.50 -19.40 8.42
ND HEM K . -30.38 -17.13 6.67
FE HEM K . -31.44 -17.54 8.17
C1 7PW L . -29.10 -2.23 16.03
C1 7PW L . -18.11 -4.41 14.66
C2 7PW L . -28.66 -1.75 14.81
C2 7PW L . -19.29 -3.75 14.92
C4 7PW L . -26.23 -14.43 6.40
C4 7PW L . -26.18 -14.45 6.44
C39 7PW L . -24.66 -15.32 4.13
C39 7PW L . -24.27 -15.18 4.25
C38 7PW L . -23.96 -15.84 3.04
C38 7PW L . -23.52 -15.68 3.18
C36 7PW L . -23.18 -16.98 3.21
C36 7PW L . -22.92 -16.92 3.27
F37 7PW L . -22.56 -17.55 2.17
F37 7PW L . -22.28 -17.46 2.19
C42 7PW L . -23.12 -17.60 4.44
C42 7PW L . -23.12 -17.68 4.42
C41 7PW L . -23.84 -17.09 5.52
C41 7PW L . -23.88 -17.17 5.48
C40 7PW L . -24.65 -15.99 5.35
C40 7PW L . -24.51 -15.95 5.38
C25 7PW L . -25.27 -15.44 6.48
C25 7PW L . -25.16 -15.43 6.49
C26 7PW L . -24.80 -15.82 7.74
C26 7PW L . -24.70 -15.77 7.77
C14 7PW L . -25.31 -15.23 8.90
C14 7PW L . -25.24 -15.20 8.92
F30 7PW L . -24.89 -15.61 10.04
F30 7PW L . -24.78 -15.54 10.06
C5 7PW L . -26.74 -13.84 7.57
C5 7PW L . -26.70 -13.87 7.59
F6 7PW L . -27.68 -12.90 7.54
F6 7PW L . -27.69 -12.98 7.54
C20 7PW L . -26.29 -14.24 8.81
C20 7PW L . -26.24 -14.24 8.85
C31 7PW L . -26.77 -13.68 10.01
C31 7PW L . -26.75 -13.70 10.07
C32 7PW L . -28.29 -13.71 10.13
C32 7PW L . -28.27 -13.66 10.19
N33 7PW L . -28.83 -15.05 10.09
N33 7PW L . -28.84 -15.03 10.15
C9 7PW L . -28.65 -16.04 10.94
C9 7PW L . -28.68 -16.05 10.98
C10 7PW L . -29.35 -17.09 10.51
C10 7PW L . -29.38 -17.09 10.50
N21 7PW L . -29.97 -16.75 9.38
N21 7PW L . -29.99 -16.70 9.38
C11 7PW L . -29.65 -15.48 9.11
C11 7PW L . -29.64 -15.43 9.16
N34 7PW L . -26.53 -12.24 10.12
N34 7PW L . -26.30 -12.31 10.30
C3 7PW L . -26.61 -11.68 11.35
C3 7PW L . -25.09 -12.13 10.82
O13 7PW L . -26.82 -12.32 12.39
O13 7PW L . -24.37 -13.13 10.98
C19 7PW L . -26.70 -10.32 11.47
C19 7PW L . -24.64 -10.84 11.19
C17 7PW L . -27.64 -9.94 12.40
C17 7PW L . -23.27 -10.68 11.47
C18 7PW L . -27.85 -8.61 12.67
C18 7PW L . -22.75 -9.47 11.91
C15 7PW L . -25.83 -9.43 10.86
C15 7PW L . -25.47 -9.73 11.39
C16 7PW L . -26.01 -8.09 11.14
C16 7PW L . -24.98 -8.50 11.80
C24 7PW L . -27.02 -7.72 12.01
C24 7PW L . -23.60 -8.36 12.05
C23 7PW L . -27.10 -6.47 12.36
C23 7PW L . -23.10 -7.21 12.49
O35 7PW L . -27.68 -6.07 13.42
O35 7PW L . -21.81 -7.06 12.77
N22 7PW L . -26.47 -5.52 11.71
N22 7PW L . -23.80 -6.18 13.02
N12 7PW L . -26.75 -4.42 12.39
N12 7PW L . -22.89 -5.33 13.50
C8 7PW L . -27.49 -4.82 13.39
C8 7PW L . -21.69 -5.90 13.27
C7 7PW L . -28.01 -3.99 14.26
C7 7PW L . -20.53 -5.43 13.67
C27 7PW L . -28.10 -2.64 13.93
C27 7PW L . -20.49 -4.27 14.43
C28 7PW L . -29.01 -3.59 16.34
C28 7PW L . -18.14 -5.59 13.89
C29 7PW L . -28.46 -4.49 15.45
C29 7PW L . -19.35 -6.10 13.41
#